data_2OY9
# 
_entry.id   2OY9 
# 
_audit_conform.dict_name       mmcif_pdbx.dic 
_audit_conform.dict_version    5.397 
_audit_conform.dict_location   http://mmcif.pdb.org/dictionaries/ascii/mmcif_pdbx.dic 
# 
loop_
_database_2.database_id 
_database_2.database_code 
_database_2.pdbx_database_accession 
_database_2.pdbx_DOI 
PDB   2OY9         pdb_00002oy9 10.2210/pdb2oy9/pdb 
RCSB  RCSB041733   ?            ?                   
WWPDB D_1000041733 ?            ?                   
# 
loop_
_pdbx_audit_revision_history.ordinal 
_pdbx_audit_revision_history.data_content_type 
_pdbx_audit_revision_history.major_revision 
_pdbx_audit_revision_history.minor_revision 
_pdbx_audit_revision_history.revision_date 
1 'Structure model' 1 0 2007-03-20 
2 'Structure model' 1 1 2008-05-01 
3 'Structure model' 1 2 2011-07-13 
4 'Structure model' 1 3 2021-02-03 
5 'Structure model' 1 4 2024-10-30 
# 
_pdbx_audit_revision_details.ordinal             1 
_pdbx_audit_revision_details.revision_ordinal    1 
_pdbx_audit_revision_details.data_content_type   'Structure model' 
_pdbx_audit_revision_details.provider            repository 
_pdbx_audit_revision_details.type                'Initial release' 
_pdbx_audit_revision_details.description         ? 
_pdbx_audit_revision_details.details             ? 
# 
loop_
_pdbx_audit_revision_group.ordinal 
_pdbx_audit_revision_group.revision_ordinal 
_pdbx_audit_revision_group.data_content_type 
_pdbx_audit_revision_group.group 
1 2 'Structure model' 'Version format compliance' 
2 3 'Structure model' 'Version format compliance' 
3 4 'Structure model' 'Database references'       
4 4 'Structure model' 'Derived calculations'      
5 4 'Structure model' 'Structure summary'         
6 5 'Structure model' 'Data collection'           
7 5 'Structure model' 'Database references'       
8 5 'Structure model' 'Structure summary'         
# 
loop_
_pdbx_audit_revision_category.ordinal 
_pdbx_audit_revision_category.revision_ordinal 
_pdbx_audit_revision_category.data_content_type 
_pdbx_audit_revision_category.category 
1  4 'Structure model' audit_author              
2  4 'Structure model' citation_author           
3  4 'Structure model' pdbx_struct_conn_angle    
4  4 'Structure model' struct_conn               
5  4 'Structure model' struct_ref_seq_dif        
6  4 'Structure model' struct_site               
7  5 'Structure model' chem_comp_atom            
8  5 'Structure model' chem_comp_bond            
9  5 'Structure model' database_2                
10 5 'Structure model' pdbx_entry_details        
11 5 'Structure model' pdbx_modification_feature 
# 
loop_
_pdbx_audit_revision_item.ordinal 
_pdbx_audit_revision_item.revision_ordinal 
_pdbx_audit_revision_item.data_content_type 
_pdbx_audit_revision_item.item 
1  4 'Structure model' '_audit_author.identifier_ORCID'            
2  4 'Structure model' '_citation_author.identifier_ORCID'         
3  4 'Structure model' '_pdbx_struct_conn_angle.ptnr1_auth_seq_id' 
4  4 'Structure model' '_pdbx_struct_conn_angle.ptnr3_auth_seq_id' 
5  4 'Structure model' '_pdbx_struct_conn_angle.value'             
6  4 'Structure model' '_struct_conn.pdbx_dist_value'              
7  4 'Structure model' '_struct_conn.pdbx_leaving_atom_flag'       
8  4 'Structure model' '_struct_conn.ptnr2_auth_seq_id'            
9  4 'Structure model' '_struct_ref_seq_dif.details'               
10 4 'Structure model' '_struct_site.pdbx_auth_asym_id'            
11 4 'Structure model' '_struct_site.pdbx_auth_comp_id'            
12 4 'Structure model' '_struct_site.pdbx_auth_seq_id'             
13 5 'Structure model' '_database_2.pdbx_DOI'                      
14 5 'Structure model' '_database_2.pdbx_database_accession'       
# 
_pdbx_database_status.status_code                     REL 
_pdbx_database_status.entry_id                        2OY9 
_pdbx_database_status.recvd_initial_deposition_date   2007-02-21 
_pdbx_database_status.deposit_site                    RCSB 
_pdbx_database_status.process_site                    RCSB 
_pdbx_database_status.status_code_sf                  REL 
_pdbx_database_status.status_code_mr                  ? 
_pdbx_database_status.SG_entry                        Y 
_pdbx_database_status.pdb_format_compatible           Y 
_pdbx_database_status.status_code_cs                  ? 
_pdbx_database_status.status_code_nmr_data            ? 
_pdbx_database_status.methods_development_category    ? 
# 
_pdbx_database_related.db_name        TargetDB 
_pdbx_database_related.db_id          NYSGXRC-10286b 
_pdbx_database_related.details        . 
_pdbx_database_related.content_type   unspecified 
# 
loop_
_audit_author.name 
_audit_author.pdbx_ordinal 
_audit_author.identifier_ORCID 
'Sugadev, R.'                                                    1 ?                   
'Burley, S.K.'                                                   2 0000-0002-2487-9713 
'Swaminathan, S.'                                                3 ?                   
'New York SGX Research Center for Structural Genomics (NYSGXRC)' 4 ?                   
# 
_citation.id                        primary 
_citation.title                     'Crystal structure of an unknown conserved protein - Pfam: UPF0223' 
_citation.journal_abbrev            'To be Published' 
_citation.journal_volume            ? 
_citation.page_first                ? 
_citation.page_last                 ? 
_citation.year                      ? 
_citation.journal_id_ASTM           ? 
_citation.country                   ? 
_citation.journal_id_ISSN           ? 
_citation.journal_id_CSD            0353 
_citation.book_publisher            ? 
_citation.pdbx_database_id_PubMed   ? 
_citation.pdbx_database_id_DOI      ? 
# 
loop_
_citation_author.citation_id 
_citation_author.name 
_citation_author.ordinal 
_citation_author.identifier_ORCID 
primary 'Sugadev, R.'     1 ?                   
primary 'Burley, S.K.'    2 0000-0002-2487-9713 
primary 'Swaminathan, S.' 3 ?                   
# 
loop_
_entity.id 
_entity.type 
_entity.src_method 
_entity.pdbx_description 
_entity.formula_weight 
_entity.pdbx_number_of_molecules 
_entity.pdbx_ec 
_entity.pdbx_mutation 
_entity.pdbx_fragment 
_entity.details 
1 polymer     man 'UPF0223 protein BH2638' 11886.829 2   ? ? ? ? 
2 non-polymer syn 'MAGNESIUM ION'          24.305    1   ? ? ? ? 
3 water       nat water                    18.015    133 ? ? ? ? 
# 
_entity_poly.entity_id                      1 
_entity_poly.type                           'polypeptide(L)' 
_entity_poly.nstd_linkage                   no 
_entity_poly.nstd_monomer                   yes 
_entity_poly.pdbx_seq_one_letter_code       
;(MSE)SLKTTLPISLDWSTEEVIDVVHFFQAIEQAYDQGIAREDLLGKYRRFKEIVPSKSEEKQLFRAYEQENDVSCYQT
IKKAREE(MSE)EEHIQ(MSE)EGHHHHHH
;
_entity_poly.pdbx_seq_one_letter_code_can   
;MSLKTTLPISLDWSTEEVIDVVHFFQAIEQAYDQGIAREDLLGKYRRFKEIVPSKSEEKQLFRAYEQENDVSCYQTIKKA
REEMEEHIQMEGHHHHHH
;
_entity_poly.pdbx_strand_id                 A,B 
_entity_poly.pdbx_target_identifier         NYSGXRC-10286b 
# 
loop_
_pdbx_entity_nonpoly.entity_id 
_pdbx_entity_nonpoly.name 
_pdbx_entity_nonpoly.comp_id 
2 'MAGNESIUM ION' MG  
3 water           HOH 
# 
loop_
_entity_poly_seq.entity_id 
_entity_poly_seq.num 
_entity_poly_seq.mon_id 
_entity_poly_seq.hetero 
1 1  MSE n 
1 2  SER n 
1 3  LEU n 
1 4  LYS n 
1 5  THR n 
1 6  THR n 
1 7  LEU n 
1 8  PRO n 
1 9  ILE n 
1 10 SER n 
1 11 LEU n 
1 12 ASP n 
1 13 TRP n 
1 14 SER n 
1 15 THR n 
1 16 GLU n 
1 17 GLU n 
1 18 VAL n 
1 19 ILE n 
1 20 ASP n 
1 21 VAL n 
1 22 VAL n 
1 23 HIS n 
1 24 PHE n 
1 25 PHE n 
1 26 GLN n 
1 27 ALA n 
1 28 ILE n 
1 29 GLU n 
1 30 GLN n 
1 31 ALA n 
1 32 TYR n 
1 33 ASP n 
1 34 GLN n 
1 35 GLY n 
1 36 ILE n 
1 37 ALA n 
1 38 ARG n 
1 39 GLU n 
1 40 ASP n 
1 41 LEU n 
1 42 LEU n 
1 43 GLY n 
1 44 LYS n 
1 45 TYR n 
1 46 ARG n 
1 47 ARG n 
1 48 PHE n 
1 49 LYS n 
1 50 GLU n 
1 51 ILE n 
1 52 VAL n 
1 53 PRO n 
1 54 SER n 
1 55 LYS n 
1 56 SER n 
1 57 GLU n 
1 58 GLU n 
1 59 LYS n 
1 60 GLN n 
1 61 LEU n 
1 62 PHE n 
1 63 ARG n 
1 64 ALA n 
1 65 TYR n 
1 66 GLU n 
1 67 GLN n 
1 68 GLU n 
1 69 ASN n 
1 70 ASP n 
1 71 VAL n 
1 72 SER n 
1 73 CYS n 
1 74 TYR n 
1 75 GLN n 
1 76 THR n 
1 77 ILE n 
1 78 LYS n 
1 79 LYS n 
1 80 ALA n 
1 81 ARG n 
1 82 GLU n 
1 83 GLU n 
1 84 MSE n 
1 85 GLU n 
1 86 GLU n 
1 87 HIS n 
1 88 ILE n 
1 89 GLN n 
1 90 MSE n 
1 91 GLU n 
1 92 GLY n 
1 93 HIS n 
1 94 HIS n 
1 95 HIS n 
1 96 HIS n 
1 97 HIS n 
1 98 HIS n 
# 
_entity_src_gen.entity_id                          1 
_entity_src_gen.pdbx_src_id                        1 
_entity_src_gen.pdbx_alt_source_flag               sample 
_entity_src_gen.pdbx_seq_type                      ? 
_entity_src_gen.pdbx_beg_seq_num                   ? 
_entity_src_gen.pdbx_end_seq_num                   ? 
_entity_src_gen.gene_src_common_name               ? 
_entity_src_gen.gene_src_genus                     Bacillus 
_entity_src_gen.pdbx_gene_src_gene                 BH2638 
_entity_src_gen.gene_src_species                   'Bacillus halodurans' 
_entity_src_gen.gene_src_strain                    'C-125, DSM 18197, FERM 7344, JCM 9153' 
_entity_src_gen.gene_src_tissue                    ? 
_entity_src_gen.gene_src_tissue_fraction           ? 
_entity_src_gen.gene_src_details                   ? 
_entity_src_gen.pdbx_gene_src_fragment             ? 
_entity_src_gen.pdbx_gene_src_scientific_name      'Bacillus halodurans C-125' 
_entity_src_gen.pdbx_gene_src_ncbi_taxonomy_id     272558 
_entity_src_gen.pdbx_gene_src_variant              ? 
_entity_src_gen.pdbx_gene_src_cell_line            ? 
_entity_src_gen.pdbx_gene_src_atcc                 BAA-125 
_entity_src_gen.pdbx_gene_src_organ                ? 
_entity_src_gen.pdbx_gene_src_organelle            ? 
_entity_src_gen.pdbx_gene_src_cell                 ? 
_entity_src_gen.pdbx_gene_src_cellular_location    ? 
_entity_src_gen.host_org_common_name               ? 
_entity_src_gen.pdbx_host_org_scientific_name      'Escherichia coli BL21(DE3)' 
_entity_src_gen.pdbx_host_org_ncbi_taxonomy_id     469008 
_entity_src_gen.host_org_genus                     Escherichia 
_entity_src_gen.pdbx_host_org_gene                 ? 
_entity_src_gen.pdbx_host_org_organ                ? 
_entity_src_gen.host_org_species                   'Escherichia coli' 
_entity_src_gen.pdbx_host_org_tissue               ? 
_entity_src_gen.pdbx_host_org_tissue_fraction      ? 
_entity_src_gen.pdbx_host_org_strain               'BL21(DE3)' 
_entity_src_gen.pdbx_host_org_variant              ? 
_entity_src_gen.pdbx_host_org_cell_line            ? 
_entity_src_gen.pdbx_host_org_atcc                 ? 
_entity_src_gen.pdbx_host_org_culture_collection   ? 
_entity_src_gen.pdbx_host_org_cell                 ? 
_entity_src_gen.pdbx_host_org_organelle            ? 
_entity_src_gen.pdbx_host_org_cellular_location    ? 
_entity_src_gen.pdbx_host_org_vector_type          Plasmid 
_entity_src_gen.pdbx_host_org_vector               ? 
_entity_src_gen.host_org_details                   ? 
_entity_src_gen.expression_system_id               ? 
_entity_src_gen.plasmid_name                       pSGX3 
_entity_src_gen.plasmid_details                    ? 
_entity_src_gen.pdbx_description                   ? 
# 
loop_
_chem_comp.id 
_chem_comp.type 
_chem_comp.mon_nstd_flag 
_chem_comp.name 
_chem_comp.pdbx_synonyms 
_chem_comp.formula 
_chem_comp.formula_weight 
ALA 'L-peptide linking' y ALANINE          ? 'C3 H7 N O2'     89.093  
ARG 'L-peptide linking' y ARGININE         ? 'C6 H15 N4 O2 1' 175.209 
ASN 'L-peptide linking' y ASPARAGINE       ? 'C4 H8 N2 O3'    132.118 
ASP 'L-peptide linking' y 'ASPARTIC ACID'  ? 'C4 H7 N O4'     133.103 
CYS 'L-peptide linking' y CYSTEINE         ? 'C3 H7 N O2 S'   121.158 
GLN 'L-peptide linking' y GLUTAMINE        ? 'C5 H10 N2 O3'   146.144 
GLU 'L-peptide linking' y 'GLUTAMIC ACID'  ? 'C5 H9 N O4'     147.129 
GLY 'peptide linking'   y GLYCINE          ? 'C2 H5 N O2'     75.067  
HIS 'L-peptide linking' y HISTIDINE        ? 'C6 H10 N3 O2 1' 156.162 
HOH non-polymer         . WATER            ? 'H2 O'           18.015  
ILE 'L-peptide linking' y ISOLEUCINE       ? 'C6 H13 N O2'    131.173 
LEU 'L-peptide linking' y LEUCINE          ? 'C6 H13 N O2'    131.173 
LYS 'L-peptide linking' y LYSINE           ? 'C6 H15 N2 O2 1' 147.195 
MET 'L-peptide linking' y METHIONINE       ? 'C5 H11 N O2 S'  149.211 
MG  non-polymer         . 'MAGNESIUM ION'  ? 'Mg 2'           24.305  
MSE 'L-peptide linking' n SELENOMETHIONINE ? 'C5 H11 N O2 Se' 196.106 
PHE 'L-peptide linking' y PHENYLALANINE    ? 'C9 H11 N O2'    165.189 
PRO 'L-peptide linking' y PROLINE          ? 'C5 H9 N O2'     115.130 
SER 'L-peptide linking' y SERINE           ? 'C3 H7 N O3'     105.093 
THR 'L-peptide linking' y THREONINE        ? 'C4 H9 N O3'     119.119 
TRP 'L-peptide linking' y TRYPTOPHAN       ? 'C11 H12 N2 O2'  204.225 
TYR 'L-peptide linking' y TYROSINE         ? 'C9 H11 N O3'    181.189 
VAL 'L-peptide linking' y VALINE           ? 'C5 H11 N O2'    117.146 
# 
loop_
_pdbx_poly_seq_scheme.asym_id 
_pdbx_poly_seq_scheme.entity_id 
_pdbx_poly_seq_scheme.seq_id 
_pdbx_poly_seq_scheme.mon_id 
_pdbx_poly_seq_scheme.ndb_seq_num 
_pdbx_poly_seq_scheme.pdb_seq_num 
_pdbx_poly_seq_scheme.auth_seq_num 
_pdbx_poly_seq_scheme.pdb_mon_id 
_pdbx_poly_seq_scheme.auth_mon_id 
_pdbx_poly_seq_scheme.pdb_strand_id 
_pdbx_poly_seq_scheme.pdb_ins_code 
_pdbx_poly_seq_scheme.hetero 
A 1 1  MSE 1  1  ?  ?   ?   A . n 
A 1 2  SER 2  2  ?  ?   ?   A . n 
A 1 3  LEU 3  3  ?  ?   ?   A . n 
A 1 4  LYS 4  4  ?  ?   ?   A . n 
A 1 5  THR 5  5  ?  ?   ?   A . n 
A 1 6  THR 6  6  6  THR THR A . n 
A 1 7  LEU 7  7  7  LEU LEU A . n 
A 1 8  PRO 8  8  8  PRO PRO A . n 
A 1 9  ILE 9  9  9  ILE ILE A . n 
A 1 10 SER 10 10 10 SER SER A . n 
A 1 11 LEU 11 11 11 LEU LEU A . n 
A 1 12 ASP 12 12 12 ASP ASP A . n 
A 1 13 TRP 13 13 13 TRP TRP A . n 
A 1 14 SER 14 14 14 SER SER A . n 
A 1 15 THR 15 15 15 THR THR A . n 
A 1 16 GLU 16 16 16 GLU GLU A . n 
A 1 17 GLU 17 17 17 GLU GLU A . n 
A 1 18 VAL 18 18 18 VAL VAL A . n 
A 1 19 ILE 19 19 19 ILE ILE A . n 
A 1 20 ASP 20 20 20 ASP ASP A . n 
A 1 21 VAL 21 21 21 VAL VAL A . n 
A 1 22 VAL 22 22 22 VAL VAL A . n 
A 1 23 HIS 23 23 23 HIS HIS A . n 
A 1 24 PHE 24 24 24 PHE PHE A . n 
A 1 25 PHE 25 25 25 PHE PHE A . n 
A 1 26 GLN 26 26 26 GLN GLN A . n 
A 1 27 ALA 27 27 27 ALA ALA A . n 
A 1 28 ILE 28 28 28 ILE ILE A . n 
A 1 29 GLU 29 29 29 GLU GLU A . n 
A 1 30 GLN 30 30 30 GLN GLN A . n 
A 1 31 ALA 31 31 31 ALA ALA A . n 
A 1 32 TYR 32 32 32 TYR TYR A . n 
A 1 33 ASP 33 33 33 ASP ASP A . n 
A 1 34 GLN 34 34 34 GLN GLN A . n 
A 1 35 GLY 35 35 35 GLY GLY A . n 
A 1 36 ILE 36 36 36 ILE ILE A . n 
A 1 37 ALA 37 37 37 ALA ALA A . n 
A 1 38 ARG 38 38 38 ARG ARG A . n 
A 1 39 GLU 39 39 39 GLU GLU A . n 
A 1 40 ASP 40 40 40 ASP ASP A . n 
A 1 41 LEU 41 41 41 LEU LEU A . n 
A 1 42 LEU 42 42 42 LEU LEU A . n 
A 1 43 GLY 43 43 43 GLY GLY A . n 
A 1 44 LYS 44 44 44 LYS LYS A . n 
A 1 45 TYR 45 45 45 TYR TYR A . n 
A 1 46 ARG 46 46 46 ARG ARG A . n 
A 1 47 ARG 47 47 47 ARG ARG A . n 
A 1 48 PHE 48 48 48 PHE PHE A . n 
A 1 49 LYS 49 49 49 LYS LYS A . n 
A 1 50 GLU 50 50 50 GLU GLU A . n 
A 1 51 ILE 51 51 51 ILE ILE A . n 
A 1 52 VAL 52 52 52 VAL VAL A . n 
A 1 53 PRO 53 53 53 PRO PRO A . n 
A 1 54 SER 54 54 54 SER SER A . n 
A 1 55 LYS 55 55 55 LYS LYS A . n 
A 1 56 SER 56 56 56 SER SER A . n 
A 1 57 GLU 57 57 57 GLU GLU A . n 
A 1 58 GLU 58 58 58 GLU GLU A . n 
A 1 59 LYS 59 59 59 LYS LYS A . n 
A 1 60 GLN 60 60 60 GLN GLN A . n 
A 1 61 LEU 61 61 61 LEU LEU A . n 
A 1 62 PHE 62 62 62 PHE PHE A . n 
A 1 63 ARG 63 63 63 ARG ARG A . n 
A 1 64 ALA 64 64 64 ALA ALA A . n 
A 1 65 TYR 65 65 65 TYR TYR A . n 
A 1 66 GLU 66 66 66 GLU GLU A . n 
A 1 67 GLN 67 67 67 GLN GLN A . n 
A 1 68 GLU 68 68 68 GLU GLU A . n 
A 1 69 ASN 69 69 69 ASN ASN A . n 
A 1 70 ASP 70 70 70 ASP ASP A . n 
A 1 71 VAL 71 71 71 VAL VAL A . n 
A 1 72 SER 72 72 72 SER SER A . n 
A 1 73 CYS 73 73 73 CYS CYS A . n 
A 1 74 TYR 74 74 74 TYR TYR A . n 
A 1 75 GLN 75 75 75 GLN GLN A . n 
A 1 76 THR 76 76 76 THR THR A . n 
A 1 77 ILE 77 77 77 ILE ILE A . n 
A 1 78 LYS 78 78 78 LYS LYS A . n 
A 1 79 LYS 79 79 79 LYS LYS A . n 
A 1 80 ALA 80 80 80 ALA ALA A . n 
A 1 81 ARG 81 81 81 ARG ARG A . n 
A 1 82 GLU 82 82 82 GLU GLU A . n 
A 1 83 GLU 83 83 83 GLU GLU A . n 
A 1 84 MSE 84 84 84 MSE MSE A . n 
A 1 85 GLU 85 85 85 GLU GLU A . n 
A 1 86 GLU 86 86 86 GLU GLU A . n 
A 1 87 HIS 87 87 87 HIS HIS A . n 
A 1 88 ILE 88 88 88 ILE ILE A . n 
A 1 89 GLN 89 89 89 GLN GLN A . n 
A 1 90 MSE 90 90 90 MSE MSE A . n 
A 1 91 GLU 91 91 ?  ?   ?   A . n 
A 1 92 GLY 92 92 ?  ?   ?   A . n 
A 1 93 HIS 93 93 ?  ?   ?   A . n 
A 1 94 HIS 94 94 ?  ?   ?   A . n 
A 1 95 HIS 95 95 ?  ?   ?   A . n 
A 1 96 HIS 96 96 ?  ?   ?   A . n 
A 1 97 HIS 97 97 ?  ?   ?   A . n 
A 1 98 HIS 98 98 ?  ?   ?   A . n 
B 1 1  MSE 1  1  ?  ?   ?   B . n 
B 1 2  SER 2  2  ?  ?   ?   B . n 
B 1 3  LEU 3  3  ?  ?   ?   B . n 
B 1 4  LYS 4  4  ?  ?   ?   B . n 
B 1 5  THR 5  5  ?  ?   ?   B . n 
B 1 6  THR 6  6  ?  ?   ?   B . n 
B 1 7  LEU 7  7  ?  ?   ?   B . n 
B 1 8  PRO 8  8  ?  ?   ?   B . n 
B 1 9  ILE 9  9  9  ILE ILE B . n 
B 1 10 SER 10 10 10 SER SER B . n 
B 1 11 LEU 11 11 11 LEU LEU B . n 
B 1 12 ASP 12 12 12 ASP ASP B . n 
B 1 13 TRP 13 13 13 TRP TRP B . n 
B 1 14 SER 14 14 14 SER SER B . n 
B 1 15 THR 15 15 15 THR THR B . n 
B 1 16 GLU 16 16 16 GLU GLU B . n 
B 1 17 GLU 17 17 17 GLU GLU B . n 
B 1 18 VAL 18 18 18 VAL VAL B . n 
B 1 19 ILE 19 19 19 ILE ILE B . n 
B 1 20 ASP 20 20 20 ASP ASP B . n 
B 1 21 VAL 21 21 21 VAL VAL B . n 
B 1 22 VAL 22 22 22 VAL VAL B . n 
B 1 23 HIS 23 23 23 HIS HIS B . n 
B 1 24 PHE 24 24 24 PHE PHE B . n 
B 1 25 PHE 25 25 25 PHE PHE B . n 
B 1 26 GLN 26 26 26 GLN GLN B . n 
B 1 27 ALA 27 27 27 ALA ALA B . n 
B 1 28 ILE 28 28 28 ILE ILE B . n 
B 1 29 GLU 29 29 29 GLU GLU B . n 
B 1 30 GLN 30 30 30 GLN GLN B . n 
B 1 31 ALA 31 31 31 ALA ALA B . n 
B 1 32 TYR 32 32 32 TYR TYR B . n 
B 1 33 ASP 33 33 33 ASP ASP B . n 
B 1 34 GLN 34 34 34 GLN GLN B . n 
B 1 35 GLY 35 35 35 GLY GLY B . n 
B 1 36 ILE 36 36 36 ILE ILE B . n 
B 1 37 ALA 37 37 37 ALA ALA B . n 
B 1 38 ARG 38 38 38 ARG ARG B . n 
B 1 39 GLU 39 39 39 GLU GLU B . n 
B 1 40 ASP 40 40 40 ASP ASP B . n 
B 1 41 LEU 41 41 41 LEU LEU B . n 
B 1 42 LEU 42 42 42 LEU LEU B . n 
B 1 43 GLY 43 43 43 GLY GLY B . n 
B 1 44 LYS 44 44 44 LYS LYS B . n 
B 1 45 TYR 45 45 45 TYR TYR B . n 
B 1 46 ARG 46 46 46 ARG ARG B . n 
B 1 47 ARG 47 47 47 ARG ARG B . n 
B 1 48 PHE 48 48 48 PHE PHE B . n 
B 1 49 LYS 49 49 49 LYS LYS B . n 
B 1 50 GLU 50 50 50 GLU GLU B . n 
B 1 51 ILE 51 51 51 ILE ILE B . n 
B 1 52 VAL 52 52 52 VAL VAL B . n 
B 1 53 PRO 53 53 53 PRO PRO B . n 
B 1 54 SER 54 54 54 SER SER B . n 
B 1 55 LYS 55 55 55 LYS LYS B . n 
B 1 56 SER 56 56 56 SER SER B . n 
B 1 57 GLU 57 57 57 GLU GLU B . n 
B 1 58 GLU 58 58 58 GLU GLU B . n 
B 1 59 LYS 59 59 59 LYS LYS B . n 
B 1 60 GLN 60 60 60 GLN GLN B . n 
B 1 61 LEU 61 61 61 LEU LEU B . n 
B 1 62 PHE 62 62 62 PHE PHE B . n 
B 1 63 ARG 63 63 63 ARG ARG B . n 
B 1 64 ALA 64 64 64 ALA ALA B . n 
B 1 65 TYR 65 65 65 TYR TYR B . n 
B 1 66 GLU 66 66 66 GLU GLU B . n 
B 1 67 GLN 67 67 67 GLN GLN B . n 
B 1 68 GLU 68 68 68 GLU GLU B . n 
B 1 69 ASN 69 69 69 ASN ASN B . n 
B 1 70 ASP 70 70 70 ASP ASP B . n 
B 1 71 VAL 71 71 71 VAL VAL B . n 
B 1 72 SER 72 72 72 SER SER B . n 
B 1 73 CYS 73 73 73 CYS CYS B . n 
B 1 74 TYR 74 74 74 TYR TYR B . n 
B 1 75 GLN 75 75 75 GLN GLN B . n 
B 1 76 THR 76 76 76 THR THR B . n 
B 1 77 ILE 77 77 77 ILE ILE B . n 
B 1 78 LYS 78 78 78 LYS LYS B . n 
B 1 79 LYS 79 79 79 LYS LYS B . n 
B 1 80 ALA 80 80 80 ALA ALA B . n 
B 1 81 ARG 81 81 81 ARG ARG B . n 
B 1 82 GLU 82 82 82 GLU GLU B . n 
B 1 83 GLU 83 83 83 GLU GLU B . n 
B 1 84 MSE 84 84 84 MSE MSE B . n 
B 1 85 GLU 85 85 85 GLU GLU B . n 
B 1 86 GLU 86 86 86 GLU GLU B . n 
B 1 87 HIS 87 87 87 HIS HIS B . n 
B 1 88 ILE 88 88 88 ILE ILE B . n 
B 1 89 GLN 89 89 89 GLN GLN B . n 
B 1 90 MSE 90 90 90 MSE MSE B . n 
B 1 91 GLU 91 91 ?  ?   ?   B . n 
B 1 92 GLY 92 92 ?  ?   ?   B . n 
B 1 93 HIS 93 93 ?  ?   ?   B . n 
B 1 94 HIS 94 94 ?  ?   ?   B . n 
B 1 95 HIS 95 95 ?  ?   ?   B . n 
B 1 96 HIS 96 96 ?  ?   ?   B . n 
B 1 97 HIS 97 97 ?  ?   ?   B . n 
B 1 98 HIS 98 98 ?  ?   ?   B . n 
# 
loop_
_pdbx_nonpoly_scheme.asym_id 
_pdbx_nonpoly_scheme.entity_id 
_pdbx_nonpoly_scheme.mon_id 
_pdbx_nonpoly_scheme.ndb_seq_num 
_pdbx_nonpoly_scheme.pdb_seq_num 
_pdbx_nonpoly_scheme.auth_seq_num 
_pdbx_nonpoly_scheme.pdb_mon_id 
_pdbx_nonpoly_scheme.auth_mon_id 
_pdbx_nonpoly_scheme.pdb_strand_id 
_pdbx_nonpoly_scheme.pdb_ins_code 
C 2 MG  1  400 400 MG  MG2 B . 
D 3 HOH 1  99  2   HOH TIP A . 
D 3 HOH 2  100 3   HOH TIP A . 
D 3 HOH 3  101 4   HOH TIP A . 
D 3 HOH 4  102 7   HOH TIP A . 
D 3 HOH 5  103 9   HOH TIP A . 
D 3 HOH 6  104 12  HOH TIP A . 
D 3 HOH 7  105 13  HOH TIP A . 
D 3 HOH 8  106 15  HOH TIP A . 
D 3 HOH 9  107 17  HOH TIP A . 
D 3 HOH 10 108 18  HOH TIP A . 
D 3 HOH 11 109 19  HOH TIP A . 
D 3 HOH 12 110 20  HOH TIP A . 
D 3 HOH 13 111 21  HOH TIP A . 
D 3 HOH 14 112 22  HOH TIP A . 
D 3 HOH 15 113 23  HOH TIP A . 
D 3 HOH 16 114 24  HOH TIP A . 
D 3 HOH 17 115 26  HOH TIP A . 
D 3 HOH 18 116 27  HOH TIP A . 
D 3 HOH 19 117 29  HOH TIP A . 
D 3 HOH 20 118 31  HOH TIP A . 
D 3 HOH 21 119 33  HOH TIP A . 
D 3 HOH 22 120 34  HOH TIP A . 
D 3 HOH 23 121 35  HOH TIP A . 
D 3 HOH 24 122 36  HOH TIP A . 
D 3 HOH 25 123 40  HOH TIP A . 
D 3 HOH 26 124 41  HOH TIP A . 
D 3 HOH 27 125 43  HOH TIP A . 
D 3 HOH 28 126 46  HOH TIP A . 
D 3 HOH 29 127 48  HOH TIP A . 
D 3 HOH 30 128 49  HOH TIP A . 
D 3 HOH 31 129 50  HOH TIP A . 
D 3 HOH 32 130 51  HOH TIP A . 
D 3 HOH 33 131 52  HOH TIP A . 
D 3 HOH 34 132 54  HOH TIP A . 
D 3 HOH 35 133 56  HOH TIP A . 
D 3 HOH 36 134 57  HOH TIP A . 
D 3 HOH 37 135 58  HOH TIP A . 
D 3 HOH 38 136 61  HOH TIP A . 
D 3 HOH 39 137 62  HOH TIP A . 
D 3 HOH 40 138 63  HOH TIP A . 
D 3 HOH 41 139 64  HOH TIP A . 
D 3 HOH 42 140 66  HOH TIP A . 
D 3 HOH 43 141 67  HOH TIP A . 
D 3 HOH 44 142 69  HOH TIP A . 
D 3 HOH 45 143 72  HOH TIP A . 
D 3 HOH 46 144 73  HOH TIP A . 
D 3 HOH 47 145 74  HOH TIP A . 
D 3 HOH 48 146 75  HOH TIP A . 
D 3 HOH 49 147 78  HOH TIP A . 
D 3 HOH 50 148 79  HOH TIP A . 
D 3 HOH 51 149 80  HOH TIP A . 
D 3 HOH 52 150 81  HOH TIP A . 
D 3 HOH 53 151 82  HOH TIP A . 
D 3 HOH 54 152 86  HOH TIP A . 
D 3 HOH 55 153 87  HOH TIP A . 
D 3 HOH 56 154 89  HOH TIP A . 
D 3 HOH 57 155 90  HOH TIP A . 
D 3 HOH 58 156 95  HOH TIP A . 
D 3 HOH 59 157 96  HOH TIP A . 
D 3 HOH 60 158 98  HOH TIP A . 
D 3 HOH 61 159 102 HOH TIP A . 
D 3 HOH 62 160 104 HOH TIP A . 
D 3 HOH 63 161 106 HOH TIP A . 
D 3 HOH 64 162 108 HOH TIP A . 
D 3 HOH 65 163 110 HOH TIP A . 
D 3 HOH 66 164 112 HOH TIP A . 
D 3 HOH 67 165 114 HOH TIP A . 
D 3 HOH 68 166 119 HOH TIP A . 
D 3 HOH 69 167 123 HOH TIP A . 
D 3 HOH 70 168 124 HOH TIP A . 
D 3 HOH 71 169 126 HOH TIP A . 
D 3 HOH 72 170 128 HOH TIP A . 
E 3 HOH 1  401 1   HOH TIP B . 
E 3 HOH 2  402 5   HOH TIP B . 
E 3 HOH 3  403 6   HOH TIP B . 
E 3 HOH 4  404 8   HOH TIP B . 
E 3 HOH 5  405 10  HOH TIP B . 
E 3 HOH 6  406 11  HOH TIP B . 
E 3 HOH 7  407 14  HOH TIP B . 
E 3 HOH 8  408 16  HOH TIP B . 
E 3 HOH 9  409 25  HOH TIP B . 
E 3 HOH 10 410 28  HOH TIP B . 
E 3 HOH 11 411 30  HOH TIP B . 
E 3 HOH 12 412 32  HOH TIP B . 
E 3 HOH 13 413 37  HOH TIP B . 
E 3 HOH 14 414 38  HOH TIP B . 
E 3 HOH 15 415 39  HOH TIP B . 
E 3 HOH 16 416 42  HOH TIP B . 
E 3 HOH 17 417 44  HOH TIP B . 
E 3 HOH 18 418 45  HOH TIP B . 
E 3 HOH 19 419 47  HOH TIP B . 
E 3 HOH 20 420 53  HOH TIP B . 
E 3 HOH 21 421 55  HOH TIP B . 
E 3 HOH 22 422 59  HOH TIP B . 
E 3 HOH 23 423 60  HOH TIP B . 
E 3 HOH 24 424 65  HOH TIP B . 
E 3 HOH 25 425 68  HOH TIP B . 
E 3 HOH 26 426 70  HOH TIP B . 
E 3 HOH 27 427 71  HOH TIP B . 
E 3 HOH 28 428 76  HOH TIP B . 
E 3 HOH 29 429 77  HOH TIP B . 
E 3 HOH 30 430 83  HOH TIP B . 
E 3 HOH 31 431 84  HOH TIP B . 
E 3 HOH 32 432 85  HOH TIP B . 
E 3 HOH 33 433 88  HOH TIP B . 
E 3 HOH 34 434 91  HOH TIP B . 
E 3 HOH 35 435 92  HOH TIP B . 
E 3 HOH 36 436 93  HOH TIP B . 
E 3 HOH 37 437 94  HOH TIP B . 
E 3 HOH 38 438 97  HOH TIP B . 
E 3 HOH 39 439 99  HOH TIP B . 
E 3 HOH 40 440 100 HOH TIP B . 
E 3 HOH 41 441 101 HOH TIP B . 
E 3 HOH 42 442 103 HOH TIP B . 
E 3 HOH 43 443 105 HOH TIP B . 
E 3 HOH 44 444 107 HOH TIP B . 
E 3 HOH 45 445 109 HOH TIP B . 
E 3 HOH 46 446 111 HOH TIP B . 
E 3 HOH 47 447 113 HOH TIP B . 
E 3 HOH 48 448 115 HOH TIP B . 
E 3 HOH 49 449 116 HOH TIP B . 
E 3 HOH 50 450 117 HOH TIP B . 
E 3 HOH 51 451 118 HOH TIP B . 
E 3 HOH 52 452 120 HOH TIP B . 
E 3 HOH 53 453 121 HOH TIP B . 
E 3 HOH 54 454 122 HOH TIP B . 
E 3 HOH 55 455 125 HOH TIP B . 
E 3 HOH 56 456 127 HOH TIP B . 
E 3 HOH 57 457 129 HOH TIP B . 
E 3 HOH 58 458 130 HOH TIP B . 
E 3 HOH 59 459 131 HOH TIP B . 
E 3 HOH 60 460 132 HOH TIP B . 
E 3 HOH 61 461 133 HOH TIP B . 
# 
loop_
_software.name 
_software.classification 
_software.version 
_software.citation_id 
_software.pdbx_ordinal 
CNS      refinement        1.1 ? 1 
CBASS    'data collection' .   ? 2 
HKL-2000 'data reduction'  .   ? 3 
HKL-2000 'data scaling'    .   ? 4 
SHELXD   phasing           .   ? 5 
SHARP    phasing           .   ? 6 
ARP/wARP 'model building'  .   ? 7 
# 
_cell.entry_id           2OY9 
_cell.length_a           91.568 
_cell.length_b           91.568 
_cell.length_c           47.241 
_cell.angle_alpha        90.00 
_cell.angle_beta         90.00 
_cell.angle_gamma        120.00 
_cell.Z_PDB              12 
_cell.pdbx_unique_axis   ? 
_cell.length_a_esd       ? 
_cell.length_b_esd       ? 
_cell.length_c_esd       ? 
_cell.angle_alpha_esd    ? 
_cell.angle_beta_esd     ? 
_cell.angle_gamma_esd    ? 
# 
_symmetry.entry_id                         2OY9 
_symmetry.space_group_name_H-M             'P 65' 
_symmetry.pdbx_full_space_group_name_H-M   ? 
_symmetry.cell_setting                     ? 
_symmetry.Int_Tables_number                170 
_symmetry.space_group_name_Hall            ? 
# 
_exptl.entry_id          2OY9 
_exptl.method            'X-RAY DIFFRACTION' 
_exptl.crystals_number   1 
# 
_exptl_crystal.id                    1 
_exptl_crystal.density_meas          ? 
_exptl_crystal.density_Matthews      2.40 
_exptl_crystal.density_percent_sol   48.84 
_exptl_crystal.description           ? 
_exptl_crystal.F_000                 ? 
_exptl_crystal.preparation           ? 
# 
_exptl_crystal_grow.crystal_id      1 
_exptl_crystal_grow.method          'VAPOR DIFFUSION, SITTING DROP' 
_exptl_crystal_grow.temp            298 
_exptl_crystal_grow.temp_details    ? 
_exptl_crystal_grow.pH              7.5 
_exptl_crystal_grow.pdbx_details    
'0.1M Bis-Tris pH 6.5, 25% PEG3350, 0.2M MgCl2, pH 7.5, VAPOR DIFFUSION, SITTING DROP, temperature 298K' 
_exptl_crystal_grow.pdbx_pH_range   . 
# 
_diffrn.id                     1 
_diffrn.ambient_temp           100 
_diffrn.ambient_temp_details   ? 
_diffrn.crystal_id             1 
# 
_diffrn_detector.diffrn_id              1 
_diffrn_detector.detector               CCD 
_diffrn_detector.type                   'ADSC QUANTUM 210' 
_diffrn_detector.pdbx_collection_date   2007-02-18 
_diffrn_detector.details                Mirrors 
# 
_diffrn_radiation.diffrn_id                        1 
_diffrn_radiation.wavelength_id                    1 
_diffrn_radiation.pdbx_monochromatic_or_laue_m_l   M 
_diffrn_radiation.monochromator                    'Si(111) channel' 
_diffrn_radiation.pdbx_diffrn_protocol             'SINGLE WAVELENGTH' 
_diffrn_radiation.pdbx_scattering_type             x-ray 
# 
_diffrn_radiation_wavelength.id           1 
_diffrn_radiation_wavelength.wavelength   0.97950 
_diffrn_radiation_wavelength.wt           1.0 
# 
_diffrn_source.diffrn_id                   1 
_diffrn_source.source                      SYNCHROTRON 
_diffrn_source.type                        'NSLS BEAMLINE X12C' 
_diffrn_source.pdbx_synchrotron_site       NSLS 
_diffrn_source.pdbx_synchrotron_beamline   X12C 
_diffrn_source.pdbx_wavelength             ? 
_diffrn_source.pdbx_wavelength_list        0.97950 
# 
_reflns.entry_id                     2OY9 
_reflns.observed_criterion_sigma_I   0 
_reflns.observed_criterion_sigma_F   0 
_reflns.d_resolution_low             50 
_reflns.d_resolution_high            1.6 
_reflns.number_obs                   28045 
_reflns.number_all                   28045 
_reflns.percent_possible_obs         93.5 
_reflns.pdbx_Rmerge_I_obs            0.086 
_reflns.pdbx_Rsym_value              ? 
_reflns.pdbx_netI_over_sigmaI        13.8 
_reflns.B_iso_Wilson_estimate        23.6 
_reflns.pdbx_redundancy              19.3 
_reflns.R_free_details               ? 
_reflns.limit_h_max                  ? 
_reflns.limit_h_min                  ? 
_reflns.limit_k_max                  ? 
_reflns.limit_k_min                  ? 
_reflns.limit_l_max                  ? 
_reflns.limit_l_min                  ? 
_reflns.observed_criterion_F_max     ? 
_reflns.observed_criterion_F_min     ? 
_reflns.pdbx_chi_squared             ? 
_reflns.pdbx_scaling_rejects         ? 
_reflns.pdbx_diffrn_id               1 
_reflns.pdbx_ordinal                 1 
# 
_reflns_shell.d_res_high             1.6 
_reflns_shell.d_res_low              1.66 
_reflns_shell.percent_possible_all   62 
_reflns_shell.Rmerge_I_obs           0.61 
_reflns_shell.pdbx_Rsym_value        ? 
_reflns_shell.meanI_over_sigI_obs    1.0 
_reflns_shell.pdbx_redundancy        6.0 
_reflns_shell.percent_possible_obs   ? 
_reflns_shell.number_unique_all      1857 
_reflns_shell.number_measured_all    ? 
_reflns_shell.number_measured_obs    ? 
_reflns_shell.number_unique_obs      ? 
_reflns_shell.pdbx_chi_squared       ? 
_reflns_shell.pdbx_diffrn_id         ? 
_reflns_shell.pdbx_ordinal           1 
# 
_refine.entry_id                                 2OY9 
_refine.ls_number_reflns_obs                     27083 
_refine.ls_number_reflns_all                     ? 
_refine.pdbx_ls_sigma_I                          ? 
_refine.pdbx_ls_sigma_F                          0.0 
_refine.pdbx_data_cutoff_high_absF               131420.95 
_refine.pdbx_data_cutoff_low_absF                0.000000 
_refine.pdbx_data_cutoff_high_rms_absF           ? 
_refine.ls_d_res_low                             45.78 
_refine.ls_d_res_high                            1.60 
_refine.ls_percent_reflns_obs                    90.2 
_refine.ls_R_factor_obs                          0.209 
_refine.ls_R_factor_all                          ? 
_refine.ls_R_factor_R_work                       0.209 
_refine.ls_R_factor_R_free                       0.223 
_refine.ls_R_factor_R_free_error                 0.006 
_refine.ls_R_factor_R_free_error_details         ? 
_refine.ls_percent_reflns_R_free                 5.9 
_refine.ls_number_reflns_R_free                  1588 
_refine.ls_number_parameters                     ? 
_refine.ls_number_restraints                     ? 
_refine.occupancy_min                            ? 
_refine.occupancy_max                            ? 
_refine.correlation_coeff_Fo_to_Fc               ? 
_refine.correlation_coeff_Fo_to_Fc_free          ? 
_refine.B_iso_mean                               16.9 
_refine.aniso_B[1][1]                            0.76 
_refine.aniso_B[2][2]                            0.76 
_refine.aniso_B[3][3]                            -1.51 
_refine.aniso_B[1][2]                            0.54 
_refine.aniso_B[1][3]                            0.00 
_refine.aniso_B[2][3]                            0.00 
_refine.solvent_model_details                    'FLAT MODEL' 
_refine.solvent_model_param_ksol                 0.387478 
_refine.solvent_model_param_bsol                 37.6373 
_refine.pdbx_solvent_vdw_probe_radii             ? 
_refine.pdbx_solvent_ion_probe_radii             ? 
_refine.pdbx_solvent_shrinkage_radii             ? 
_refine.pdbx_ls_cross_valid_method               THROUGHOUT 
_refine.details                                  ? 
_refine.pdbx_starting_model                      ? 
_refine.pdbx_method_to_determine_struct          SAD 
_refine.pdbx_isotropic_thermal_model             RESTRAINED 
_refine.pdbx_stereochemistry_target_values       'Engh & Huber' 
_refine.pdbx_stereochem_target_val_spec_case     ? 
_refine.pdbx_R_Free_selection_details            RANDOM 
_refine.pdbx_overall_ESU_R                       ? 
_refine.pdbx_overall_ESU_R_Free                  ? 
_refine.overall_SU_ML                            ? 
_refine.overall_SU_B                             ? 
_refine.ls_redundancy_reflns_obs                 ? 
_refine.B_iso_min                                ? 
_refine.B_iso_max                                ? 
_refine.overall_SU_R_Cruickshank_DPI             ? 
_refine.overall_SU_R_free                        ? 
_refine.ls_wR_factor_R_free                      ? 
_refine.ls_wR_factor_R_work                      ? 
_refine.overall_FOM_free_R_set                   ? 
_refine.overall_FOM_work_R_set                   ? 
_refine.pdbx_refine_id                           'X-RAY DIFFRACTION' 
_refine.pdbx_diffrn_id                           1 
_refine.pdbx_TLS_residual_ADP_flag               ? 
_refine.pdbx_overall_phase_error                 ? 
_refine.pdbx_overall_SU_R_free_Cruickshank_DPI   ? 
_refine.pdbx_overall_SU_R_Blow_DPI               ? 
_refine.pdbx_overall_SU_R_free_Blow_DPI          ? 
# 
_refine_analyze.entry_id                        2OY9 
_refine_analyze.Luzzati_coordinate_error_obs    0.19 
_refine_analyze.Luzzati_sigma_a_obs             0.12 
_refine_analyze.Luzzati_d_res_low_obs           5.00 
_refine_analyze.Luzzati_coordinate_error_free   0.20 
_refine_analyze.Luzzati_sigma_a_free            0.11 
_refine_analyze.Luzzati_d_res_low_free          ? 
_refine_analyze.number_disordered_residues      ? 
_refine_analyze.occupancy_sum_hydrogen          ? 
_refine_analyze.occupancy_sum_non_hydrogen      ? 
_refine_analyze.pdbx_Luzzati_d_res_high_obs     ? 
_refine_analyze.pdbx_refine_id                  'X-RAY DIFFRACTION' 
# 
_refine_hist.pdbx_refine_id                   'X-RAY DIFFRACTION' 
_refine_hist.cycle_id                         LAST 
_refine_hist.pdbx_number_atoms_protein        1406 
_refine_hist.pdbx_number_atoms_nucleic_acid   0 
_refine_hist.pdbx_number_atoms_ligand         1 
_refine_hist.number_atoms_solvent             133 
_refine_hist.number_atoms_total               1540 
_refine_hist.d_res_high                       1.60 
_refine_hist.d_res_low                        45.78 
# 
loop_
_refine_ls_restr.type 
_refine_ls_restr.dev_ideal 
_refine_ls_restr.dev_ideal_target 
_refine_ls_restr.weight 
_refine_ls_restr.number 
_refine_ls_restr.pdbx_refine_id 
_refine_ls_restr.pdbx_restraint_function 
c_bond_d           0.005 ?    ? ? 'X-RAY DIFFRACTION' ? 
c_angle_deg        1.0   ?    ? ? 'X-RAY DIFFRACTION' ? 
c_dihedral_angle_d 19.6  ?    ? ? 'X-RAY DIFFRACTION' ? 
c_improper_angle_d 0.66  ?    ? ? 'X-RAY DIFFRACTION' ? 
c_mcbond_it        1.23  1.50 ? ? 'X-RAY DIFFRACTION' ? 
c_mcangle_it       1.95  2.00 ? ? 'X-RAY DIFFRACTION' ? 
c_scbond_it        2.45  2.00 ? ? 'X-RAY DIFFRACTION' ? 
c_scangle_it       3.70  2.50 ? ? 'X-RAY DIFFRACTION' ? 
# 
_refine_ls_shell.pdbx_total_number_of_bins_used   6 
_refine_ls_shell.d_res_high                       1.60 
_refine_ls_shell.d_res_low                        1.70 
_refine_ls_shell.number_reflns_R_work             2776 
_refine_ls_shell.R_factor_R_work                  0.308 
_refine_ls_shell.percent_reflns_obs               59.1 
_refine_ls_shell.R_factor_R_free                  0.338 
_refine_ls_shell.R_factor_R_free_error            0.026 
_refine_ls_shell.percent_reflns_R_free            5.6 
_refine_ls_shell.number_reflns_R_free             164 
_refine_ls_shell.number_reflns_all                ? 
_refine_ls_shell.R_factor_all                     ? 
_refine_ls_shell.number_reflns_obs                ? 
_refine_ls_shell.redundancy_reflns_obs            ? 
_refine_ls_shell.pdbx_refine_id                   'X-RAY DIFFRACTION' 
# 
loop_
_pdbx_xplor_file.serial_no 
_pdbx_xplor_file.param_file 
_pdbx_xplor_file.topol_file 
_pdbx_xplor_file.pdbx_refine_id 
1 protein_rep.param protein.top 'X-RAY DIFFRACTION' 
2 dna-rna_rep.param dna-rna.top 'X-RAY DIFFRACTION' 
3 water_rep.param   water.top   'X-RAY DIFFRACTION' 
4 ion.param         ion.top     'X-RAY DIFFRACTION' 
# 
_struct.entry_id                  2OY9 
_struct.title                     'Crystal structure of an unknown conserved protein- Pfam: UPF0223' 
_struct.pdbx_model_details        ? 
_struct.pdbx_CASP_flag            ? 
_struct.pdbx_model_type_details   ? 
# 
_struct_keywords.entry_id        2OY9 
_struct_keywords.pdbx_keywords   'STRUCTURAL GENOMICS, UNKNOWN FUNCTION' 
_struct_keywords.text            
;pfam, UPF0223, 10286b, Structural Genomics, PSI-2, Protein Structure Initiative, New York SGX Research Center for Structural Genomics, NYSGXRC, UNKNOWN FUNCTION
;
# 
loop_
_struct_asym.id 
_struct_asym.pdbx_blank_PDB_chainid_flag 
_struct_asym.pdbx_modified 
_struct_asym.entity_id 
_struct_asym.details 
A N N 1 ? 
B N N 1 ? 
C N N 2 ? 
D N N 3 ? 
E N N 3 ? 
# 
_struct_ref.id                         1 
_struct_ref.db_name                    UNP 
_struct_ref.db_code                    Y2638_BACHD 
_struct_ref.pdbx_db_accession          Q9K9K7 
_struct_ref.entity_id                  1 
_struct_ref.pdbx_seq_one_letter_code   
;KTTLPISLDWSTEEVIDVVHFFQAIEQAYDQGIAREDLLGKYRRFKEIVPSKSEEKQLFRAYEQENDVSCYQTIKKAREE
MEEHIQM
;
_struct_ref.pdbx_align_begin           2 
_struct_ref.pdbx_db_isoform            ? 
# 
loop_
_struct_ref_seq.align_id 
_struct_ref_seq.ref_id 
_struct_ref_seq.pdbx_PDB_id_code 
_struct_ref_seq.pdbx_strand_id 
_struct_ref_seq.seq_align_beg 
_struct_ref_seq.pdbx_seq_align_beg_ins_code 
_struct_ref_seq.seq_align_end 
_struct_ref_seq.pdbx_seq_align_end_ins_code 
_struct_ref_seq.pdbx_db_accession 
_struct_ref_seq.db_align_beg 
_struct_ref_seq.pdbx_db_align_beg_ins_code 
_struct_ref_seq.db_align_end 
_struct_ref_seq.pdbx_db_align_end_ins_code 
_struct_ref_seq.pdbx_auth_seq_align_beg 
_struct_ref_seq.pdbx_auth_seq_align_end 
1 1 2OY9 A 4 ? 90 ? Q9K9K7 2 ? 88 ? 4 90 
2 1 2OY9 B 4 ? 90 ? Q9K9K7 2 ? 88 ? 4 90 
# 
loop_
_struct_ref_seq_dif.align_id 
_struct_ref_seq_dif.pdbx_pdb_id_code 
_struct_ref_seq_dif.mon_id 
_struct_ref_seq_dif.pdbx_pdb_strand_id 
_struct_ref_seq_dif.seq_num 
_struct_ref_seq_dif.pdbx_pdb_ins_code 
_struct_ref_seq_dif.pdbx_seq_db_name 
_struct_ref_seq_dif.pdbx_seq_db_accession_code 
_struct_ref_seq_dif.db_mon_id 
_struct_ref_seq_dif.pdbx_seq_db_seq_num 
_struct_ref_seq_dif.details 
_struct_ref_seq_dif.pdbx_auth_seq_num 
_struct_ref_seq_dif.pdbx_ordinal 
1 2OY9 MSE A 1  ? UNP Q9K9K7 ?   ?  'cloning artifact' 1  1  
1 2OY9 SER A 2  ? UNP Q9K9K7 ?   ?  'cloning artifact' 2  2  
1 2OY9 LEU A 3  ? UNP Q9K9K7 ?   ?  'cloning artifact' 3  3  
1 2OY9 MSE A 84 ? UNP Q9K9K7 MET 82 'modified residue' 84 4  
1 2OY9 MSE A 90 ? UNP Q9K9K7 MET 88 'modified residue' 90 5  
1 2OY9 GLU A 91 ? UNP Q9K9K7 ?   ?  'cloning artifact' 91 6  
1 2OY9 GLY A 92 ? UNP Q9K9K7 ?   ?  'cloning artifact' 92 7  
1 2OY9 HIS A 93 ? UNP Q9K9K7 ?   ?  'cloning artifact' 93 8  
1 2OY9 HIS A 94 ? UNP Q9K9K7 ?   ?  'cloning artifact' 94 9  
1 2OY9 HIS A 95 ? UNP Q9K9K7 ?   ?  'cloning artifact' 95 10 
1 2OY9 HIS A 96 ? UNP Q9K9K7 ?   ?  'cloning artifact' 96 11 
1 2OY9 HIS A 97 ? UNP Q9K9K7 ?   ?  'cloning artifact' 97 12 
1 2OY9 HIS A 98 ? UNP Q9K9K7 ?   ?  'cloning artifact' 98 13 
2 2OY9 MSE B 1  ? UNP Q9K9K7 ?   ?  'cloning artifact' 1  14 
2 2OY9 SER B 2  ? UNP Q9K9K7 ?   ?  'cloning artifact' 2  15 
2 2OY9 LEU B 3  ? UNP Q9K9K7 ?   ?  'cloning artifact' 3  16 
2 2OY9 MSE B 84 ? UNP Q9K9K7 MET 82 'modified residue' 84 17 
2 2OY9 MSE B 90 ? UNP Q9K9K7 MET 88 'modified residue' 90 18 
2 2OY9 GLU B 91 ? UNP Q9K9K7 ?   ?  'cloning artifact' 91 19 
2 2OY9 GLY B 92 ? UNP Q9K9K7 ?   ?  'cloning artifact' 92 20 
2 2OY9 HIS B 93 ? UNP Q9K9K7 ?   ?  'cloning artifact' 93 21 
2 2OY9 HIS B 94 ? UNP Q9K9K7 ?   ?  'cloning artifact' 94 22 
2 2OY9 HIS B 95 ? UNP Q9K9K7 ?   ?  'cloning artifact' 95 23 
2 2OY9 HIS B 96 ? UNP Q9K9K7 ?   ?  'cloning artifact' 96 24 
2 2OY9 HIS B 97 ? UNP Q9K9K7 ?   ?  'cloning artifact' 97 25 
2 2OY9 HIS B 98 ? UNP Q9K9K7 ?   ?  'cloning artifact' 98 26 
# 
_pdbx_struct_assembly.id                   1 
_pdbx_struct_assembly.details              author_defined_assembly 
_pdbx_struct_assembly.method_details       ? 
_pdbx_struct_assembly.oligomeric_details   dimeric 
_pdbx_struct_assembly.oligomeric_count     2 
# 
_pdbx_struct_assembly_gen.assembly_id       1 
_pdbx_struct_assembly_gen.oper_expression   1 
_pdbx_struct_assembly_gen.asym_id_list      A,B,C,D,E 
# 
_pdbx_struct_oper_list.id                   1 
_pdbx_struct_oper_list.type                 'identity operation' 
_pdbx_struct_oper_list.name                 1_555 
_pdbx_struct_oper_list.symmetry_operation   x,y,z 
_pdbx_struct_oper_list.matrix[1][1]         1.0000000000 
_pdbx_struct_oper_list.matrix[1][2]         0.0000000000 
_pdbx_struct_oper_list.matrix[1][3]         0.0000000000 
_pdbx_struct_oper_list.vector[1]            0.0000000000 
_pdbx_struct_oper_list.matrix[2][1]         0.0000000000 
_pdbx_struct_oper_list.matrix[2][2]         1.0000000000 
_pdbx_struct_oper_list.matrix[2][3]         0.0000000000 
_pdbx_struct_oper_list.vector[2]            0.0000000000 
_pdbx_struct_oper_list.matrix[3][1]         0.0000000000 
_pdbx_struct_oper_list.matrix[3][2]         0.0000000000 
_pdbx_struct_oper_list.matrix[3][3]         1.0000000000 
_pdbx_struct_oper_list.vector[3]            0.0000000000 
# 
loop_
_struct_conf.conf_type_id 
_struct_conf.id 
_struct_conf.pdbx_PDB_helix_id 
_struct_conf.beg_label_comp_id 
_struct_conf.beg_label_asym_id 
_struct_conf.beg_label_seq_id 
_struct_conf.pdbx_beg_PDB_ins_code 
_struct_conf.end_label_comp_id 
_struct_conf.end_label_asym_id 
_struct_conf.end_label_seq_id 
_struct_conf.pdbx_end_PDB_ins_code 
_struct_conf.beg_auth_comp_id 
_struct_conf.beg_auth_asym_id 
_struct_conf.beg_auth_seq_id 
_struct_conf.end_auth_comp_id 
_struct_conf.end_auth_asym_id 
_struct_conf.end_auth_seq_id 
_struct_conf.pdbx_PDB_helix_class 
_struct_conf.details 
_struct_conf.pdbx_PDB_helix_length 
HELX_P HELX_P1 1 SER A 14 ? ASP A 33 ? SER A 14 ASP A 33 1 ? 20 
HELX_P HELX_P2 2 ARG A 38 ? VAL A 52 ? ARG A 38 VAL A 52 1 ? 15 
HELX_P HELX_P3 3 SER A 54 ? GLN A 67 ? SER A 54 GLN A 67 1 ? 14 
HELX_P HELX_P4 4 SER A 72 ? GLU A 83 ? SER A 72 GLU A 83 1 ? 12 
HELX_P HELX_P5 5 SER B 14 ? ASP B 33 ? SER B 14 ASP B 33 1 ? 20 
HELX_P HELX_P6 6 ARG B 38 ? VAL B 52 ? ARG B 38 VAL B 52 1 ? 15 
HELX_P HELX_P7 7 SER B 54 ? ASN B 69 ? SER B 54 ASN B 69 1 ? 16 
HELX_P HELX_P8 8 SER B 72 ? GLU B 83 ? SER B 72 GLU B 83 1 ? 12 
# 
_struct_conf_type.id          HELX_P 
_struct_conf_type.criteria    ? 
_struct_conf_type.reference   ? 
# 
loop_
_struct_conn.id 
_struct_conn.conn_type_id 
_struct_conn.pdbx_leaving_atom_flag 
_struct_conn.pdbx_PDB_id 
_struct_conn.ptnr1_label_asym_id 
_struct_conn.ptnr1_label_comp_id 
_struct_conn.ptnr1_label_seq_id 
_struct_conn.ptnr1_label_atom_id 
_struct_conn.pdbx_ptnr1_label_alt_id 
_struct_conn.pdbx_ptnr1_PDB_ins_code 
_struct_conn.pdbx_ptnr1_standard_comp_id 
_struct_conn.ptnr1_symmetry 
_struct_conn.ptnr2_label_asym_id 
_struct_conn.ptnr2_label_comp_id 
_struct_conn.ptnr2_label_seq_id 
_struct_conn.ptnr2_label_atom_id 
_struct_conn.pdbx_ptnr2_label_alt_id 
_struct_conn.pdbx_ptnr2_PDB_ins_code 
_struct_conn.ptnr1_auth_asym_id 
_struct_conn.ptnr1_auth_comp_id 
_struct_conn.ptnr1_auth_seq_id 
_struct_conn.ptnr2_auth_asym_id 
_struct_conn.ptnr2_auth_comp_id 
_struct_conn.ptnr2_auth_seq_id 
_struct_conn.ptnr2_symmetry 
_struct_conn.pdbx_ptnr3_label_atom_id 
_struct_conn.pdbx_ptnr3_label_seq_id 
_struct_conn.pdbx_ptnr3_label_comp_id 
_struct_conn.pdbx_ptnr3_label_asym_id 
_struct_conn.pdbx_ptnr3_label_alt_id 
_struct_conn.pdbx_ptnr3_PDB_ins_code 
_struct_conn.details 
_struct_conn.pdbx_dist_value 
_struct_conn.pdbx_value_order 
_struct_conn.pdbx_role 
covale1 covale both ? A GLU 83 C  ? ? ? 1_555 A MSE 84 N ? ? A GLU 83  A MSE 84  1_555 ? ? ? ? ? ? ? 1.332 ? ? 
covale2 covale both ? A MSE 84 C  ? ? ? 1_555 A GLU 85 N ? ? A MSE 84  A GLU 85  1_555 ? ? ? ? ? ? ? 1.330 ? ? 
covale3 covale both ? A GLN 89 C  ? ? ? 1_555 A MSE 90 N ? ? A GLN 89  A MSE 90  1_555 ? ? ? ? ? ? ? 1.327 ? ? 
covale4 covale both ? B GLU 83 C  ? ? ? 1_555 B MSE 84 N ? ? B GLU 83  B MSE 84  1_555 ? ? ? ? ? ? ? 1.328 ? ? 
covale5 covale both ? B MSE 84 C  ? ? ? 1_555 B GLU 85 N ? ? B MSE 84  B GLU 85  1_555 ? ? ? ? ? ? ? 1.330 ? ? 
covale6 covale both ? B GLN 89 C  ? ? ? 1_555 B MSE 90 N ? ? B GLN 89  B MSE 90  1_555 ? ? ? ? ? ? ? 1.329 ? ? 
metalc1 metalc ?    ? C MG  .  MG ? ? ? 1_555 E HOH .  O ? ? B MG  400 B HOH 428 1_555 ? ? ? ? ? ? ? 1.893 ? ? 
metalc2 metalc ?    ? C MG  .  MG ? ? ? 1_555 E HOH .  O ? ? B MG  400 B HOH 433 1_555 ? ? ? ? ? ? ? 1.991 ? ? 
metalc3 metalc ?    ? C MG  .  MG ? ? ? 1_555 E HOH .  O ? ? B MG  400 B HOH 455 1_555 ? ? ? ? ? ? ? 1.983 ? ? 
metalc4 metalc ?    ? C MG  .  MG ? ? ? 1_555 E HOH .  O ? ? B MG  400 B HOH 459 1_555 ? ? ? ? ? ? ? 2.171 ? ? 
metalc5 metalc ?    ? C MG  .  MG ? ? ? 1_555 E HOH .  O ? ? B MG  400 B HOH 460 1_555 ? ? ? ? ? ? ? 2.002 ? ? 
metalc6 metalc ?    ? C MG  .  MG ? ? ? 1_555 E HOH .  O ? ? B MG  400 B HOH 461 1_555 ? ? ? ? ? ? ? 2.033 ? ? 
# 
loop_
_struct_conn_type.id 
_struct_conn_type.criteria 
_struct_conn_type.reference 
covale ? ? 
metalc ? ? 
# 
loop_
_pdbx_struct_conn_angle.id 
_pdbx_struct_conn_angle.ptnr1_label_atom_id 
_pdbx_struct_conn_angle.ptnr1_label_alt_id 
_pdbx_struct_conn_angle.ptnr1_label_asym_id 
_pdbx_struct_conn_angle.ptnr1_label_comp_id 
_pdbx_struct_conn_angle.ptnr1_label_seq_id 
_pdbx_struct_conn_angle.ptnr1_auth_atom_id 
_pdbx_struct_conn_angle.ptnr1_auth_asym_id 
_pdbx_struct_conn_angle.ptnr1_auth_comp_id 
_pdbx_struct_conn_angle.ptnr1_auth_seq_id 
_pdbx_struct_conn_angle.ptnr1_PDB_ins_code 
_pdbx_struct_conn_angle.ptnr1_symmetry 
_pdbx_struct_conn_angle.ptnr2_label_atom_id 
_pdbx_struct_conn_angle.ptnr2_label_alt_id 
_pdbx_struct_conn_angle.ptnr2_label_asym_id 
_pdbx_struct_conn_angle.ptnr2_label_comp_id 
_pdbx_struct_conn_angle.ptnr2_label_seq_id 
_pdbx_struct_conn_angle.ptnr2_auth_atom_id 
_pdbx_struct_conn_angle.ptnr2_auth_asym_id 
_pdbx_struct_conn_angle.ptnr2_auth_comp_id 
_pdbx_struct_conn_angle.ptnr2_auth_seq_id 
_pdbx_struct_conn_angle.ptnr2_PDB_ins_code 
_pdbx_struct_conn_angle.ptnr2_symmetry 
_pdbx_struct_conn_angle.ptnr3_label_atom_id 
_pdbx_struct_conn_angle.ptnr3_label_alt_id 
_pdbx_struct_conn_angle.ptnr3_label_asym_id 
_pdbx_struct_conn_angle.ptnr3_label_comp_id 
_pdbx_struct_conn_angle.ptnr3_label_seq_id 
_pdbx_struct_conn_angle.ptnr3_auth_atom_id 
_pdbx_struct_conn_angle.ptnr3_auth_asym_id 
_pdbx_struct_conn_angle.ptnr3_auth_comp_id 
_pdbx_struct_conn_angle.ptnr3_auth_seq_id 
_pdbx_struct_conn_angle.ptnr3_PDB_ins_code 
_pdbx_struct_conn_angle.ptnr3_symmetry 
_pdbx_struct_conn_angle.value 
_pdbx_struct_conn_angle.value_esd 
1  O ? E HOH . ? B HOH 428 ? 1_555 MG ? C MG . ? B MG 400 ? 1_555 O ? E HOH . ? B HOH 433 ? 1_555 175.4 ? 
2  O ? E HOH . ? B HOH 428 ? 1_555 MG ? C MG . ? B MG 400 ? 1_555 O ? E HOH . ? B HOH 455 ? 1_555 90.8  ? 
3  O ? E HOH . ? B HOH 433 ? 1_555 MG ? C MG . ? B MG 400 ? 1_555 O ? E HOH . ? B HOH 455 ? 1_555 88.7  ? 
4  O ? E HOH . ? B HOH 428 ? 1_555 MG ? C MG . ? B MG 400 ? 1_555 O ? E HOH . ? B HOH 459 ? 1_555 87.4  ? 
5  O ? E HOH . ? B HOH 433 ? 1_555 MG ? C MG . ? B MG 400 ? 1_555 O ? E HOH . ? B HOH 459 ? 1_555 92.4  ? 
6  O ? E HOH . ? B HOH 455 ? 1_555 MG ? C MG . ? B MG 400 ? 1_555 O ? E HOH . ? B HOH 459 ? 1_555 171.6 ? 
7  O ? E HOH . ? B HOH 428 ? 1_555 MG ? C MG . ? B MG 400 ? 1_555 O ? E HOH . ? B HOH 460 ? 1_555 93.5  ? 
8  O ? E HOH . ? B HOH 433 ? 1_555 MG ? C MG . ? B MG 400 ? 1_555 O ? E HOH . ? B HOH 460 ? 1_555 91.0  ? 
9  O ? E HOH . ? B HOH 455 ? 1_555 MG ? C MG . ? B MG 400 ? 1_555 O ? E HOH . ? B HOH 460 ? 1_555 94.3  ? 
10 O ? E HOH . ? B HOH 459 ? 1_555 MG ? C MG . ? B MG 400 ? 1_555 O ? E HOH . ? B HOH 460 ? 1_555 94.0  ? 
11 O ? E HOH . ? B HOH 428 ? 1_555 MG ? C MG . ? B MG 400 ? 1_555 O ? E HOH . ? B HOH 461 ? 1_555 88.9  ? 
12 O ? E HOH . ? B HOH 433 ? 1_555 MG ? C MG . ? B MG 400 ? 1_555 O ? E HOH . ? B HOH 461 ? 1_555 86.6  ? 
13 O ? E HOH . ? B HOH 455 ? 1_555 MG ? C MG . ? B MG 400 ? 1_555 O ? E HOH . ? B HOH 461 ? 1_555 92.7  ? 
14 O ? E HOH . ? B HOH 459 ? 1_555 MG ? C MG . ? B MG 400 ? 1_555 O ? E HOH . ? B HOH 461 ? 1_555 79.1  ? 
15 O ? E HOH . ? B HOH 460 ? 1_555 MG ? C MG . ? B MG 400 ? 1_555 O ? E HOH . ? B HOH 461 ? 1_555 172.6 ? 
# 
loop_
_pdbx_modification_feature.ordinal 
_pdbx_modification_feature.label_comp_id 
_pdbx_modification_feature.label_asym_id 
_pdbx_modification_feature.label_seq_id 
_pdbx_modification_feature.label_alt_id 
_pdbx_modification_feature.modified_residue_label_comp_id 
_pdbx_modification_feature.modified_residue_label_asym_id 
_pdbx_modification_feature.modified_residue_label_seq_id 
_pdbx_modification_feature.modified_residue_label_alt_id 
_pdbx_modification_feature.auth_comp_id 
_pdbx_modification_feature.auth_asym_id 
_pdbx_modification_feature.auth_seq_id 
_pdbx_modification_feature.PDB_ins_code 
_pdbx_modification_feature.symmetry 
_pdbx_modification_feature.modified_residue_auth_comp_id 
_pdbx_modification_feature.modified_residue_auth_asym_id 
_pdbx_modification_feature.modified_residue_auth_seq_id 
_pdbx_modification_feature.modified_residue_PDB_ins_code 
_pdbx_modification_feature.modified_residue_symmetry 
_pdbx_modification_feature.comp_id_linking_atom 
_pdbx_modification_feature.modified_residue_id_linking_atom 
_pdbx_modification_feature.modified_residue_id 
_pdbx_modification_feature.ref_pcm_id 
_pdbx_modification_feature.ref_comp_id 
_pdbx_modification_feature.type 
_pdbx_modification_feature.category 
1 MSE A 84 ? . . . . MSE A 84 ? 1_555 . . . . . . . MET 1 MSE Selenomethionine 'Named protein modification' 
2 MSE A 90 ? . . . . MSE A 90 ? 1_555 . . . . . . . MET 1 MSE Selenomethionine 'Named protein modification' 
3 MSE B 84 ? . . . . MSE B 84 ? 1_555 . . . . . . . MET 1 MSE Selenomethionine 'Named protein modification' 
4 MSE B 90 ? . . . . MSE B 90 ? 1_555 . . . . . . . MET 1 MSE Selenomethionine 'Named protein modification' 
# 
loop_
_struct_sheet.id 
_struct_sheet.type 
_struct_sheet.number_strands 
_struct_sheet.details 
A ? 2 ? 
B ? 2 ? 
# 
loop_
_struct_sheet_order.sheet_id 
_struct_sheet_order.range_id_1 
_struct_sheet_order.range_id_2 
_struct_sheet_order.offset 
_struct_sheet_order.sense 
A 1 2 ? anti-parallel 
B 1 2 ? anti-parallel 
# 
loop_
_struct_sheet_range.sheet_id 
_struct_sheet_range.id 
_struct_sheet_range.beg_label_comp_id 
_struct_sheet_range.beg_label_asym_id 
_struct_sheet_range.beg_label_seq_id 
_struct_sheet_range.pdbx_beg_PDB_ins_code 
_struct_sheet_range.end_label_comp_id 
_struct_sheet_range.end_label_asym_id 
_struct_sheet_range.end_label_seq_id 
_struct_sheet_range.pdbx_end_PDB_ins_code 
_struct_sheet_range.beg_auth_comp_id 
_struct_sheet_range.beg_auth_asym_id 
_struct_sheet_range.beg_auth_seq_id 
_struct_sheet_range.end_auth_comp_id 
_struct_sheet_range.end_auth_asym_id 
_struct_sheet_range.end_auth_seq_id 
A 1 ILE A 36 ? ALA A 37 ? ILE A 36 ALA A 37 
A 2 HIS A 87 ? ILE A 88 ? HIS A 87 ILE A 88 
B 1 ILE B 36 ? ALA B 37 ? ILE B 36 ALA B 37 
B 2 HIS B 87 ? ILE B 88 ? HIS B 87 ILE B 88 
# 
loop_
_pdbx_struct_sheet_hbond.sheet_id 
_pdbx_struct_sheet_hbond.range_id_1 
_pdbx_struct_sheet_hbond.range_id_2 
_pdbx_struct_sheet_hbond.range_1_label_atom_id 
_pdbx_struct_sheet_hbond.range_1_label_comp_id 
_pdbx_struct_sheet_hbond.range_1_label_asym_id 
_pdbx_struct_sheet_hbond.range_1_label_seq_id 
_pdbx_struct_sheet_hbond.range_1_PDB_ins_code 
_pdbx_struct_sheet_hbond.range_1_auth_atom_id 
_pdbx_struct_sheet_hbond.range_1_auth_comp_id 
_pdbx_struct_sheet_hbond.range_1_auth_asym_id 
_pdbx_struct_sheet_hbond.range_1_auth_seq_id 
_pdbx_struct_sheet_hbond.range_2_label_atom_id 
_pdbx_struct_sheet_hbond.range_2_label_comp_id 
_pdbx_struct_sheet_hbond.range_2_label_asym_id 
_pdbx_struct_sheet_hbond.range_2_label_seq_id 
_pdbx_struct_sheet_hbond.range_2_PDB_ins_code 
_pdbx_struct_sheet_hbond.range_2_auth_atom_id 
_pdbx_struct_sheet_hbond.range_2_auth_comp_id 
_pdbx_struct_sheet_hbond.range_2_auth_asym_id 
_pdbx_struct_sheet_hbond.range_2_auth_seq_id 
A 1 2 N ILE A 36 ? N ILE A 36 O ILE A 88 ? O ILE A 88 
B 1 2 N ILE B 36 ? N ILE B 36 O ILE B 88 ? O ILE B 88 
# 
_struct_site.id                   AC1 
_struct_site.pdbx_evidence_code   Software 
_struct_site.pdbx_auth_asym_id    B 
_struct_site.pdbx_auth_comp_id    MG 
_struct_site.pdbx_auth_seq_id     400 
_struct_site.pdbx_auth_ins_code   ? 
_struct_site.pdbx_num_residues    6 
_struct_site.details              'BINDING SITE FOR RESIDUE MG B 400' 
# 
loop_
_struct_site_gen.id 
_struct_site_gen.site_id 
_struct_site_gen.pdbx_num_res 
_struct_site_gen.label_comp_id 
_struct_site_gen.label_asym_id 
_struct_site_gen.label_seq_id 
_struct_site_gen.pdbx_auth_ins_code 
_struct_site_gen.auth_comp_id 
_struct_site_gen.auth_asym_id 
_struct_site_gen.auth_seq_id 
_struct_site_gen.label_atom_id 
_struct_site_gen.label_alt_id 
_struct_site_gen.symmetry 
_struct_site_gen.details 
1 AC1 6 HOH E . ? HOH B 428 . ? 1_555 ? 
2 AC1 6 HOH E . ? HOH B 433 . ? 1_555 ? 
3 AC1 6 HOH E . ? HOH B 455 . ? 1_555 ? 
4 AC1 6 HOH E . ? HOH B 459 . ? 1_555 ? 
5 AC1 6 HOH E . ? HOH B 460 . ? 1_555 ? 
6 AC1 6 HOH E . ? HOH B 461 . ? 1_555 ? 
# 
_pdbx_entry_details.entry_id                   2OY9 
_pdbx_entry_details.compound_details           ? 
_pdbx_entry_details.source_details             ? 
_pdbx_entry_details.nonpolymer_details         ? 
_pdbx_entry_details.sequence_details           ? 
_pdbx_entry_details.has_ligand_of_interest     ? 
_pdbx_entry_details.has_protein_modification   Y 
# 
loop_
_pdbx_validate_torsion.id 
_pdbx_validate_torsion.PDB_model_num 
_pdbx_validate_torsion.auth_comp_id 
_pdbx_validate_torsion.auth_asym_id 
_pdbx_validate_torsion.auth_seq_id 
_pdbx_validate_torsion.PDB_ins_code 
_pdbx_validate_torsion.label_alt_id 
_pdbx_validate_torsion.phi 
_pdbx_validate_torsion.psi 
1 1 ASP A 33 ? ? -101.09 -102.55 
2 1 ASP B 33 ? ? -100.08 -102.19 
# 
_pdbx_SG_project.id                    1 
_pdbx_SG_project.project_name          'PSI, Protein Structure Initiative' 
_pdbx_SG_project.full_name_of_center   'New York SGX Research Center for Structural Genomics' 
_pdbx_SG_project.initial_of_center     NYSGXRC 
# 
loop_
_pdbx_struct_mod_residue.id 
_pdbx_struct_mod_residue.label_asym_id 
_pdbx_struct_mod_residue.label_comp_id 
_pdbx_struct_mod_residue.label_seq_id 
_pdbx_struct_mod_residue.auth_asym_id 
_pdbx_struct_mod_residue.auth_comp_id 
_pdbx_struct_mod_residue.auth_seq_id 
_pdbx_struct_mod_residue.PDB_ins_code 
_pdbx_struct_mod_residue.parent_comp_id 
_pdbx_struct_mod_residue.details 
1 A MSE 84 A MSE 84 ? MET SELENOMETHIONINE 
2 A MSE 90 A MSE 90 ? MET SELENOMETHIONINE 
3 B MSE 84 B MSE 84 ? MET SELENOMETHIONINE 
4 B MSE 90 B MSE 90 ? MET SELENOMETHIONINE 
# 
loop_
_pdbx_unobs_or_zero_occ_residues.id 
_pdbx_unobs_or_zero_occ_residues.PDB_model_num 
_pdbx_unobs_or_zero_occ_residues.polymer_flag 
_pdbx_unobs_or_zero_occ_residues.occupancy_flag 
_pdbx_unobs_or_zero_occ_residues.auth_asym_id 
_pdbx_unobs_or_zero_occ_residues.auth_comp_id 
_pdbx_unobs_or_zero_occ_residues.auth_seq_id 
_pdbx_unobs_or_zero_occ_residues.PDB_ins_code 
_pdbx_unobs_or_zero_occ_residues.label_asym_id 
_pdbx_unobs_or_zero_occ_residues.label_comp_id 
_pdbx_unobs_or_zero_occ_residues.label_seq_id 
1  1 Y 1 A MSE 1  ? A MSE 1  
2  1 Y 1 A SER 2  ? A SER 2  
3  1 Y 1 A LEU 3  ? A LEU 3  
4  1 Y 1 A LYS 4  ? A LYS 4  
5  1 Y 1 A THR 5  ? A THR 5  
6  1 Y 1 A GLU 91 ? A GLU 91 
7  1 Y 1 A GLY 92 ? A GLY 92 
8  1 Y 1 A HIS 93 ? A HIS 93 
9  1 Y 1 A HIS 94 ? A HIS 94 
10 1 Y 1 A HIS 95 ? A HIS 95 
11 1 Y 1 A HIS 96 ? A HIS 96 
12 1 Y 1 A HIS 97 ? A HIS 97 
13 1 Y 1 A HIS 98 ? A HIS 98 
14 1 Y 1 B MSE 1  ? B MSE 1  
15 1 Y 1 B SER 2  ? B SER 2  
16 1 Y 1 B LEU 3  ? B LEU 3  
17 1 Y 1 B LYS 4  ? B LYS 4  
18 1 Y 1 B THR 5  ? B THR 5  
19 1 Y 1 B THR 6  ? B THR 6  
20 1 Y 1 B LEU 7  ? B LEU 7  
21 1 Y 1 B PRO 8  ? B PRO 8  
22 1 Y 1 B GLU 91 ? B GLU 91 
23 1 Y 1 B GLY 92 ? B GLY 92 
24 1 Y 1 B HIS 93 ? B HIS 93 
25 1 Y 1 B HIS 94 ? B HIS 94 
26 1 Y 1 B HIS 95 ? B HIS 95 
27 1 Y 1 B HIS 96 ? B HIS 96 
28 1 Y 1 B HIS 97 ? B HIS 97 
29 1 Y 1 B HIS 98 ? B HIS 98 
# 
loop_
_chem_comp_atom.comp_id 
_chem_comp_atom.atom_id 
_chem_comp_atom.type_symbol 
_chem_comp_atom.pdbx_aromatic_flag 
_chem_comp_atom.pdbx_stereo_config 
_chem_comp_atom.pdbx_ordinal 
ALA N    N  N N 1   
ALA CA   C  N S 2   
ALA C    C  N N 3   
ALA O    O  N N 4   
ALA CB   C  N N 5   
ALA OXT  O  N N 6   
ALA H    H  N N 7   
ALA H2   H  N N 8   
ALA HA   H  N N 9   
ALA HB1  H  N N 10  
ALA HB2  H  N N 11  
ALA HB3  H  N N 12  
ALA HXT  H  N N 13  
ARG N    N  N N 14  
ARG CA   C  N S 15  
ARG C    C  N N 16  
ARG O    O  N N 17  
ARG CB   C  N N 18  
ARG CG   C  N N 19  
ARG CD   C  N N 20  
ARG NE   N  N N 21  
ARG CZ   C  N N 22  
ARG NH1  N  N N 23  
ARG NH2  N  N N 24  
ARG OXT  O  N N 25  
ARG H    H  N N 26  
ARG H2   H  N N 27  
ARG HA   H  N N 28  
ARG HB2  H  N N 29  
ARG HB3  H  N N 30  
ARG HG2  H  N N 31  
ARG HG3  H  N N 32  
ARG HD2  H  N N 33  
ARG HD3  H  N N 34  
ARG HE   H  N N 35  
ARG HH11 H  N N 36  
ARG HH12 H  N N 37  
ARG HH21 H  N N 38  
ARG HH22 H  N N 39  
ARG HXT  H  N N 40  
ASN N    N  N N 41  
ASN CA   C  N S 42  
ASN C    C  N N 43  
ASN O    O  N N 44  
ASN CB   C  N N 45  
ASN CG   C  N N 46  
ASN OD1  O  N N 47  
ASN ND2  N  N N 48  
ASN OXT  O  N N 49  
ASN H    H  N N 50  
ASN H2   H  N N 51  
ASN HA   H  N N 52  
ASN HB2  H  N N 53  
ASN HB3  H  N N 54  
ASN HD21 H  N N 55  
ASN HD22 H  N N 56  
ASN HXT  H  N N 57  
ASP N    N  N N 58  
ASP CA   C  N S 59  
ASP C    C  N N 60  
ASP O    O  N N 61  
ASP CB   C  N N 62  
ASP CG   C  N N 63  
ASP OD1  O  N N 64  
ASP OD2  O  N N 65  
ASP OXT  O  N N 66  
ASP H    H  N N 67  
ASP H2   H  N N 68  
ASP HA   H  N N 69  
ASP HB2  H  N N 70  
ASP HB3  H  N N 71  
ASP HD2  H  N N 72  
ASP HXT  H  N N 73  
CYS N    N  N N 74  
CYS CA   C  N R 75  
CYS C    C  N N 76  
CYS O    O  N N 77  
CYS CB   C  N N 78  
CYS SG   S  N N 79  
CYS OXT  O  N N 80  
CYS H    H  N N 81  
CYS H2   H  N N 82  
CYS HA   H  N N 83  
CYS HB2  H  N N 84  
CYS HB3  H  N N 85  
CYS HG   H  N N 86  
CYS HXT  H  N N 87  
GLN N    N  N N 88  
GLN CA   C  N S 89  
GLN C    C  N N 90  
GLN O    O  N N 91  
GLN CB   C  N N 92  
GLN CG   C  N N 93  
GLN CD   C  N N 94  
GLN OE1  O  N N 95  
GLN NE2  N  N N 96  
GLN OXT  O  N N 97  
GLN H    H  N N 98  
GLN H2   H  N N 99  
GLN HA   H  N N 100 
GLN HB2  H  N N 101 
GLN HB3  H  N N 102 
GLN HG2  H  N N 103 
GLN HG3  H  N N 104 
GLN HE21 H  N N 105 
GLN HE22 H  N N 106 
GLN HXT  H  N N 107 
GLU N    N  N N 108 
GLU CA   C  N S 109 
GLU C    C  N N 110 
GLU O    O  N N 111 
GLU CB   C  N N 112 
GLU CG   C  N N 113 
GLU CD   C  N N 114 
GLU OE1  O  N N 115 
GLU OE2  O  N N 116 
GLU OXT  O  N N 117 
GLU H    H  N N 118 
GLU H2   H  N N 119 
GLU HA   H  N N 120 
GLU HB2  H  N N 121 
GLU HB3  H  N N 122 
GLU HG2  H  N N 123 
GLU HG3  H  N N 124 
GLU HE2  H  N N 125 
GLU HXT  H  N N 126 
GLY N    N  N N 127 
GLY CA   C  N N 128 
GLY C    C  N N 129 
GLY O    O  N N 130 
GLY OXT  O  N N 131 
GLY H    H  N N 132 
GLY H2   H  N N 133 
GLY HA2  H  N N 134 
GLY HA3  H  N N 135 
GLY HXT  H  N N 136 
HIS N    N  N N 137 
HIS CA   C  N S 138 
HIS C    C  N N 139 
HIS O    O  N N 140 
HIS CB   C  N N 141 
HIS CG   C  Y N 142 
HIS ND1  N  Y N 143 
HIS CD2  C  Y N 144 
HIS CE1  C  Y N 145 
HIS NE2  N  Y N 146 
HIS OXT  O  N N 147 
HIS H    H  N N 148 
HIS H2   H  N N 149 
HIS HA   H  N N 150 
HIS HB2  H  N N 151 
HIS HB3  H  N N 152 
HIS HD1  H  N N 153 
HIS HD2  H  N N 154 
HIS HE1  H  N N 155 
HIS HE2  H  N N 156 
HIS HXT  H  N N 157 
HOH O    O  N N 158 
HOH H1   H  N N 159 
HOH H2   H  N N 160 
ILE N    N  N N 161 
ILE CA   C  N S 162 
ILE C    C  N N 163 
ILE O    O  N N 164 
ILE CB   C  N S 165 
ILE CG1  C  N N 166 
ILE CG2  C  N N 167 
ILE CD1  C  N N 168 
ILE OXT  O  N N 169 
ILE H    H  N N 170 
ILE H2   H  N N 171 
ILE HA   H  N N 172 
ILE HB   H  N N 173 
ILE HG12 H  N N 174 
ILE HG13 H  N N 175 
ILE HG21 H  N N 176 
ILE HG22 H  N N 177 
ILE HG23 H  N N 178 
ILE HD11 H  N N 179 
ILE HD12 H  N N 180 
ILE HD13 H  N N 181 
ILE HXT  H  N N 182 
LEU N    N  N N 183 
LEU CA   C  N S 184 
LEU C    C  N N 185 
LEU O    O  N N 186 
LEU CB   C  N N 187 
LEU CG   C  N N 188 
LEU CD1  C  N N 189 
LEU CD2  C  N N 190 
LEU OXT  O  N N 191 
LEU H    H  N N 192 
LEU H2   H  N N 193 
LEU HA   H  N N 194 
LEU HB2  H  N N 195 
LEU HB3  H  N N 196 
LEU HG   H  N N 197 
LEU HD11 H  N N 198 
LEU HD12 H  N N 199 
LEU HD13 H  N N 200 
LEU HD21 H  N N 201 
LEU HD22 H  N N 202 
LEU HD23 H  N N 203 
LEU HXT  H  N N 204 
LYS N    N  N N 205 
LYS CA   C  N S 206 
LYS C    C  N N 207 
LYS O    O  N N 208 
LYS CB   C  N N 209 
LYS CG   C  N N 210 
LYS CD   C  N N 211 
LYS CE   C  N N 212 
LYS NZ   N  N N 213 
LYS OXT  O  N N 214 
LYS H    H  N N 215 
LYS H2   H  N N 216 
LYS HA   H  N N 217 
LYS HB2  H  N N 218 
LYS HB3  H  N N 219 
LYS HG2  H  N N 220 
LYS HG3  H  N N 221 
LYS HD2  H  N N 222 
LYS HD3  H  N N 223 
LYS HE2  H  N N 224 
LYS HE3  H  N N 225 
LYS HZ1  H  N N 226 
LYS HZ2  H  N N 227 
LYS HZ3  H  N N 228 
LYS HXT  H  N N 229 
MET N    N  N N 230 
MET CA   C  N S 231 
MET C    C  N N 232 
MET O    O  N N 233 
MET CB   C  N N 234 
MET CG   C  N N 235 
MET SD   S  N N 236 
MET CE   C  N N 237 
MET OXT  O  N N 238 
MET H    H  N N 239 
MET H2   H  N N 240 
MET HA   H  N N 241 
MET HB2  H  N N 242 
MET HB3  H  N N 243 
MET HG2  H  N N 244 
MET HG3  H  N N 245 
MET HE1  H  N N 246 
MET HE2  H  N N 247 
MET HE3  H  N N 248 
MET HXT  H  N N 249 
MG  MG   MG N N 250 
MSE N    N  N N 251 
MSE CA   C  N S 252 
MSE C    C  N N 253 
MSE O    O  N N 254 
MSE OXT  O  N N 255 
MSE CB   C  N N 256 
MSE CG   C  N N 257 
MSE SE   SE N N 258 
MSE CE   C  N N 259 
MSE H    H  N N 260 
MSE H2   H  N N 261 
MSE HA   H  N N 262 
MSE HXT  H  N N 263 
MSE HB2  H  N N 264 
MSE HB3  H  N N 265 
MSE HG2  H  N N 266 
MSE HG3  H  N N 267 
MSE HE1  H  N N 268 
MSE HE2  H  N N 269 
MSE HE3  H  N N 270 
PHE N    N  N N 271 
PHE CA   C  N S 272 
PHE C    C  N N 273 
PHE O    O  N N 274 
PHE CB   C  N N 275 
PHE CG   C  Y N 276 
PHE CD1  C  Y N 277 
PHE CD2  C  Y N 278 
PHE CE1  C  Y N 279 
PHE CE2  C  Y N 280 
PHE CZ   C  Y N 281 
PHE OXT  O  N N 282 
PHE H    H  N N 283 
PHE H2   H  N N 284 
PHE HA   H  N N 285 
PHE HB2  H  N N 286 
PHE HB3  H  N N 287 
PHE HD1  H  N N 288 
PHE HD2  H  N N 289 
PHE HE1  H  N N 290 
PHE HE2  H  N N 291 
PHE HZ   H  N N 292 
PHE HXT  H  N N 293 
PRO N    N  N N 294 
PRO CA   C  N S 295 
PRO C    C  N N 296 
PRO O    O  N N 297 
PRO CB   C  N N 298 
PRO CG   C  N N 299 
PRO CD   C  N N 300 
PRO OXT  O  N N 301 
PRO H    H  N N 302 
PRO HA   H  N N 303 
PRO HB2  H  N N 304 
PRO HB3  H  N N 305 
PRO HG2  H  N N 306 
PRO HG3  H  N N 307 
PRO HD2  H  N N 308 
PRO HD3  H  N N 309 
PRO HXT  H  N N 310 
SER N    N  N N 311 
SER CA   C  N S 312 
SER C    C  N N 313 
SER O    O  N N 314 
SER CB   C  N N 315 
SER OG   O  N N 316 
SER OXT  O  N N 317 
SER H    H  N N 318 
SER H2   H  N N 319 
SER HA   H  N N 320 
SER HB2  H  N N 321 
SER HB3  H  N N 322 
SER HG   H  N N 323 
SER HXT  H  N N 324 
THR N    N  N N 325 
THR CA   C  N S 326 
THR C    C  N N 327 
THR O    O  N N 328 
THR CB   C  N R 329 
THR OG1  O  N N 330 
THR CG2  C  N N 331 
THR OXT  O  N N 332 
THR H    H  N N 333 
THR H2   H  N N 334 
THR HA   H  N N 335 
THR HB   H  N N 336 
THR HG1  H  N N 337 
THR HG21 H  N N 338 
THR HG22 H  N N 339 
THR HG23 H  N N 340 
THR HXT  H  N N 341 
TRP N    N  N N 342 
TRP CA   C  N S 343 
TRP C    C  N N 344 
TRP O    O  N N 345 
TRP CB   C  N N 346 
TRP CG   C  Y N 347 
TRP CD1  C  Y N 348 
TRP CD2  C  Y N 349 
TRP NE1  N  Y N 350 
TRP CE2  C  Y N 351 
TRP CE3  C  Y N 352 
TRP CZ2  C  Y N 353 
TRP CZ3  C  Y N 354 
TRP CH2  C  Y N 355 
TRP OXT  O  N N 356 
TRP H    H  N N 357 
TRP H2   H  N N 358 
TRP HA   H  N N 359 
TRP HB2  H  N N 360 
TRP HB3  H  N N 361 
TRP HD1  H  N N 362 
TRP HE1  H  N N 363 
TRP HE3  H  N N 364 
TRP HZ2  H  N N 365 
TRP HZ3  H  N N 366 
TRP HH2  H  N N 367 
TRP HXT  H  N N 368 
TYR N    N  N N 369 
TYR CA   C  N S 370 
TYR C    C  N N 371 
TYR O    O  N N 372 
TYR CB   C  N N 373 
TYR CG   C  Y N 374 
TYR CD1  C  Y N 375 
TYR CD2  C  Y N 376 
TYR CE1  C  Y N 377 
TYR CE2  C  Y N 378 
TYR CZ   C  Y N 379 
TYR OH   O  N N 380 
TYR OXT  O  N N 381 
TYR H    H  N N 382 
TYR H2   H  N N 383 
TYR HA   H  N N 384 
TYR HB2  H  N N 385 
TYR HB3  H  N N 386 
TYR HD1  H  N N 387 
TYR HD2  H  N N 388 
TYR HE1  H  N N 389 
TYR HE2  H  N N 390 
TYR HH   H  N N 391 
TYR HXT  H  N N 392 
VAL N    N  N N 393 
VAL CA   C  N S 394 
VAL C    C  N N 395 
VAL O    O  N N 396 
VAL CB   C  N N 397 
VAL CG1  C  N N 398 
VAL CG2  C  N N 399 
VAL OXT  O  N N 400 
VAL H    H  N N 401 
VAL H2   H  N N 402 
VAL HA   H  N N 403 
VAL HB   H  N N 404 
VAL HG11 H  N N 405 
VAL HG12 H  N N 406 
VAL HG13 H  N N 407 
VAL HG21 H  N N 408 
VAL HG22 H  N N 409 
VAL HG23 H  N N 410 
VAL HXT  H  N N 411 
# 
loop_
_chem_comp_bond.comp_id 
_chem_comp_bond.atom_id_1 
_chem_comp_bond.atom_id_2 
_chem_comp_bond.value_order 
_chem_comp_bond.pdbx_aromatic_flag 
_chem_comp_bond.pdbx_stereo_config 
_chem_comp_bond.pdbx_ordinal 
ALA N   CA   sing N N 1   
ALA N   H    sing N N 2   
ALA N   H2   sing N N 3   
ALA CA  C    sing N N 4   
ALA CA  CB   sing N N 5   
ALA CA  HA   sing N N 6   
ALA C   O    doub N N 7   
ALA C   OXT  sing N N 8   
ALA CB  HB1  sing N N 9   
ALA CB  HB2  sing N N 10  
ALA CB  HB3  sing N N 11  
ALA OXT HXT  sing N N 12  
ARG N   CA   sing N N 13  
ARG N   H    sing N N 14  
ARG N   H2   sing N N 15  
ARG CA  C    sing N N 16  
ARG CA  CB   sing N N 17  
ARG CA  HA   sing N N 18  
ARG C   O    doub N N 19  
ARG C   OXT  sing N N 20  
ARG CB  CG   sing N N 21  
ARG CB  HB2  sing N N 22  
ARG CB  HB3  sing N N 23  
ARG CG  CD   sing N N 24  
ARG CG  HG2  sing N N 25  
ARG CG  HG3  sing N N 26  
ARG CD  NE   sing N N 27  
ARG CD  HD2  sing N N 28  
ARG CD  HD3  sing N N 29  
ARG NE  CZ   sing N N 30  
ARG NE  HE   sing N N 31  
ARG CZ  NH1  sing N N 32  
ARG CZ  NH2  doub N N 33  
ARG NH1 HH11 sing N N 34  
ARG NH1 HH12 sing N N 35  
ARG NH2 HH21 sing N N 36  
ARG NH2 HH22 sing N N 37  
ARG OXT HXT  sing N N 38  
ASN N   CA   sing N N 39  
ASN N   H    sing N N 40  
ASN N   H2   sing N N 41  
ASN CA  C    sing N N 42  
ASN CA  CB   sing N N 43  
ASN CA  HA   sing N N 44  
ASN C   O    doub N N 45  
ASN C   OXT  sing N N 46  
ASN CB  CG   sing N N 47  
ASN CB  HB2  sing N N 48  
ASN CB  HB3  sing N N 49  
ASN CG  OD1  doub N N 50  
ASN CG  ND2  sing N N 51  
ASN ND2 HD21 sing N N 52  
ASN ND2 HD22 sing N N 53  
ASN OXT HXT  sing N N 54  
ASP N   CA   sing N N 55  
ASP N   H    sing N N 56  
ASP N   H2   sing N N 57  
ASP CA  C    sing N N 58  
ASP CA  CB   sing N N 59  
ASP CA  HA   sing N N 60  
ASP C   O    doub N N 61  
ASP C   OXT  sing N N 62  
ASP CB  CG   sing N N 63  
ASP CB  HB2  sing N N 64  
ASP CB  HB3  sing N N 65  
ASP CG  OD1  doub N N 66  
ASP CG  OD2  sing N N 67  
ASP OD2 HD2  sing N N 68  
ASP OXT HXT  sing N N 69  
CYS N   CA   sing N N 70  
CYS N   H    sing N N 71  
CYS N   H2   sing N N 72  
CYS CA  C    sing N N 73  
CYS CA  CB   sing N N 74  
CYS CA  HA   sing N N 75  
CYS C   O    doub N N 76  
CYS C   OXT  sing N N 77  
CYS CB  SG   sing N N 78  
CYS CB  HB2  sing N N 79  
CYS CB  HB3  sing N N 80  
CYS SG  HG   sing N N 81  
CYS OXT HXT  sing N N 82  
GLN N   CA   sing N N 83  
GLN N   H    sing N N 84  
GLN N   H2   sing N N 85  
GLN CA  C    sing N N 86  
GLN CA  CB   sing N N 87  
GLN CA  HA   sing N N 88  
GLN C   O    doub N N 89  
GLN C   OXT  sing N N 90  
GLN CB  CG   sing N N 91  
GLN CB  HB2  sing N N 92  
GLN CB  HB3  sing N N 93  
GLN CG  CD   sing N N 94  
GLN CG  HG2  sing N N 95  
GLN CG  HG3  sing N N 96  
GLN CD  OE1  doub N N 97  
GLN CD  NE2  sing N N 98  
GLN NE2 HE21 sing N N 99  
GLN NE2 HE22 sing N N 100 
GLN OXT HXT  sing N N 101 
GLU N   CA   sing N N 102 
GLU N   H    sing N N 103 
GLU N   H2   sing N N 104 
GLU CA  C    sing N N 105 
GLU CA  CB   sing N N 106 
GLU CA  HA   sing N N 107 
GLU C   O    doub N N 108 
GLU C   OXT  sing N N 109 
GLU CB  CG   sing N N 110 
GLU CB  HB2  sing N N 111 
GLU CB  HB3  sing N N 112 
GLU CG  CD   sing N N 113 
GLU CG  HG2  sing N N 114 
GLU CG  HG3  sing N N 115 
GLU CD  OE1  doub N N 116 
GLU CD  OE2  sing N N 117 
GLU OE2 HE2  sing N N 118 
GLU OXT HXT  sing N N 119 
GLY N   CA   sing N N 120 
GLY N   H    sing N N 121 
GLY N   H2   sing N N 122 
GLY CA  C    sing N N 123 
GLY CA  HA2  sing N N 124 
GLY CA  HA3  sing N N 125 
GLY C   O    doub N N 126 
GLY C   OXT  sing N N 127 
GLY OXT HXT  sing N N 128 
HIS N   CA   sing N N 129 
HIS N   H    sing N N 130 
HIS N   H2   sing N N 131 
HIS CA  C    sing N N 132 
HIS CA  CB   sing N N 133 
HIS CA  HA   sing N N 134 
HIS C   O    doub N N 135 
HIS C   OXT  sing N N 136 
HIS CB  CG   sing N N 137 
HIS CB  HB2  sing N N 138 
HIS CB  HB3  sing N N 139 
HIS CG  ND1  sing Y N 140 
HIS CG  CD2  doub Y N 141 
HIS ND1 CE1  doub Y N 142 
HIS ND1 HD1  sing N N 143 
HIS CD2 NE2  sing Y N 144 
HIS CD2 HD2  sing N N 145 
HIS CE1 NE2  sing Y N 146 
HIS CE1 HE1  sing N N 147 
HIS NE2 HE2  sing N N 148 
HIS OXT HXT  sing N N 149 
HOH O   H1   sing N N 150 
HOH O   H2   sing N N 151 
ILE N   CA   sing N N 152 
ILE N   H    sing N N 153 
ILE N   H2   sing N N 154 
ILE CA  C    sing N N 155 
ILE CA  CB   sing N N 156 
ILE CA  HA   sing N N 157 
ILE C   O    doub N N 158 
ILE C   OXT  sing N N 159 
ILE CB  CG1  sing N N 160 
ILE CB  CG2  sing N N 161 
ILE CB  HB   sing N N 162 
ILE CG1 CD1  sing N N 163 
ILE CG1 HG12 sing N N 164 
ILE CG1 HG13 sing N N 165 
ILE CG2 HG21 sing N N 166 
ILE CG2 HG22 sing N N 167 
ILE CG2 HG23 sing N N 168 
ILE CD1 HD11 sing N N 169 
ILE CD1 HD12 sing N N 170 
ILE CD1 HD13 sing N N 171 
ILE OXT HXT  sing N N 172 
LEU N   CA   sing N N 173 
LEU N   H    sing N N 174 
LEU N   H2   sing N N 175 
LEU CA  C    sing N N 176 
LEU CA  CB   sing N N 177 
LEU CA  HA   sing N N 178 
LEU C   O    doub N N 179 
LEU C   OXT  sing N N 180 
LEU CB  CG   sing N N 181 
LEU CB  HB2  sing N N 182 
LEU CB  HB3  sing N N 183 
LEU CG  CD1  sing N N 184 
LEU CG  CD2  sing N N 185 
LEU CG  HG   sing N N 186 
LEU CD1 HD11 sing N N 187 
LEU CD1 HD12 sing N N 188 
LEU CD1 HD13 sing N N 189 
LEU CD2 HD21 sing N N 190 
LEU CD2 HD22 sing N N 191 
LEU CD2 HD23 sing N N 192 
LEU OXT HXT  sing N N 193 
LYS N   CA   sing N N 194 
LYS N   H    sing N N 195 
LYS N   H2   sing N N 196 
LYS CA  C    sing N N 197 
LYS CA  CB   sing N N 198 
LYS CA  HA   sing N N 199 
LYS C   O    doub N N 200 
LYS C   OXT  sing N N 201 
LYS CB  CG   sing N N 202 
LYS CB  HB2  sing N N 203 
LYS CB  HB3  sing N N 204 
LYS CG  CD   sing N N 205 
LYS CG  HG2  sing N N 206 
LYS CG  HG3  sing N N 207 
LYS CD  CE   sing N N 208 
LYS CD  HD2  sing N N 209 
LYS CD  HD3  sing N N 210 
LYS CE  NZ   sing N N 211 
LYS CE  HE2  sing N N 212 
LYS CE  HE3  sing N N 213 
LYS NZ  HZ1  sing N N 214 
LYS NZ  HZ2  sing N N 215 
LYS NZ  HZ3  sing N N 216 
LYS OXT HXT  sing N N 217 
MET N   CA   sing N N 218 
MET N   H    sing N N 219 
MET N   H2   sing N N 220 
MET CA  C    sing N N 221 
MET CA  CB   sing N N 222 
MET CA  HA   sing N N 223 
MET C   O    doub N N 224 
MET C   OXT  sing N N 225 
MET CB  CG   sing N N 226 
MET CB  HB2  sing N N 227 
MET CB  HB3  sing N N 228 
MET CG  SD   sing N N 229 
MET CG  HG2  sing N N 230 
MET CG  HG3  sing N N 231 
MET SD  CE   sing N N 232 
MET CE  HE1  sing N N 233 
MET CE  HE2  sing N N 234 
MET CE  HE3  sing N N 235 
MET OXT HXT  sing N N 236 
MSE N   CA   sing N N 237 
MSE N   H    sing N N 238 
MSE N   H2   sing N N 239 
MSE CA  C    sing N N 240 
MSE CA  CB   sing N N 241 
MSE CA  HA   sing N N 242 
MSE C   O    doub N N 243 
MSE C   OXT  sing N N 244 
MSE OXT HXT  sing N N 245 
MSE CB  CG   sing N N 246 
MSE CB  HB2  sing N N 247 
MSE CB  HB3  sing N N 248 
MSE CG  SE   sing N N 249 
MSE CG  HG2  sing N N 250 
MSE CG  HG3  sing N N 251 
MSE SE  CE   sing N N 252 
MSE CE  HE1  sing N N 253 
MSE CE  HE2  sing N N 254 
MSE CE  HE3  sing N N 255 
PHE N   CA   sing N N 256 
PHE N   H    sing N N 257 
PHE N   H2   sing N N 258 
PHE CA  C    sing N N 259 
PHE CA  CB   sing N N 260 
PHE CA  HA   sing N N 261 
PHE C   O    doub N N 262 
PHE C   OXT  sing N N 263 
PHE CB  CG   sing N N 264 
PHE CB  HB2  sing N N 265 
PHE CB  HB3  sing N N 266 
PHE CG  CD1  doub Y N 267 
PHE CG  CD2  sing Y N 268 
PHE CD1 CE1  sing Y N 269 
PHE CD1 HD1  sing N N 270 
PHE CD2 CE2  doub Y N 271 
PHE CD2 HD2  sing N N 272 
PHE CE1 CZ   doub Y N 273 
PHE CE1 HE1  sing N N 274 
PHE CE2 CZ   sing Y N 275 
PHE CE2 HE2  sing N N 276 
PHE CZ  HZ   sing N N 277 
PHE OXT HXT  sing N N 278 
PRO N   CA   sing N N 279 
PRO N   CD   sing N N 280 
PRO N   H    sing N N 281 
PRO CA  C    sing N N 282 
PRO CA  CB   sing N N 283 
PRO CA  HA   sing N N 284 
PRO C   O    doub N N 285 
PRO C   OXT  sing N N 286 
PRO CB  CG   sing N N 287 
PRO CB  HB2  sing N N 288 
PRO CB  HB3  sing N N 289 
PRO CG  CD   sing N N 290 
PRO CG  HG2  sing N N 291 
PRO CG  HG3  sing N N 292 
PRO CD  HD2  sing N N 293 
PRO CD  HD3  sing N N 294 
PRO OXT HXT  sing N N 295 
SER N   CA   sing N N 296 
SER N   H    sing N N 297 
SER N   H2   sing N N 298 
SER CA  C    sing N N 299 
SER CA  CB   sing N N 300 
SER CA  HA   sing N N 301 
SER C   O    doub N N 302 
SER C   OXT  sing N N 303 
SER CB  OG   sing N N 304 
SER CB  HB2  sing N N 305 
SER CB  HB3  sing N N 306 
SER OG  HG   sing N N 307 
SER OXT HXT  sing N N 308 
THR N   CA   sing N N 309 
THR N   H    sing N N 310 
THR N   H2   sing N N 311 
THR CA  C    sing N N 312 
THR CA  CB   sing N N 313 
THR CA  HA   sing N N 314 
THR C   O    doub N N 315 
THR C   OXT  sing N N 316 
THR CB  OG1  sing N N 317 
THR CB  CG2  sing N N 318 
THR CB  HB   sing N N 319 
THR OG1 HG1  sing N N 320 
THR CG2 HG21 sing N N 321 
THR CG2 HG22 sing N N 322 
THR CG2 HG23 sing N N 323 
THR OXT HXT  sing N N 324 
TRP N   CA   sing N N 325 
TRP N   H    sing N N 326 
TRP N   H2   sing N N 327 
TRP CA  C    sing N N 328 
TRP CA  CB   sing N N 329 
TRP CA  HA   sing N N 330 
TRP C   O    doub N N 331 
TRP C   OXT  sing N N 332 
TRP CB  CG   sing N N 333 
TRP CB  HB2  sing N N 334 
TRP CB  HB3  sing N N 335 
TRP CG  CD1  doub Y N 336 
TRP CG  CD2  sing Y N 337 
TRP CD1 NE1  sing Y N 338 
TRP CD1 HD1  sing N N 339 
TRP CD2 CE2  doub Y N 340 
TRP CD2 CE3  sing Y N 341 
TRP NE1 CE2  sing Y N 342 
TRP NE1 HE1  sing N N 343 
TRP CE2 CZ2  sing Y N 344 
TRP CE3 CZ3  doub Y N 345 
TRP CE3 HE3  sing N N 346 
TRP CZ2 CH2  doub Y N 347 
TRP CZ2 HZ2  sing N N 348 
TRP CZ3 CH2  sing Y N 349 
TRP CZ3 HZ3  sing N N 350 
TRP CH2 HH2  sing N N 351 
TRP OXT HXT  sing N N 352 
TYR N   CA   sing N N 353 
TYR N   H    sing N N 354 
TYR N   H2   sing N N 355 
TYR CA  C    sing N N 356 
TYR CA  CB   sing N N 357 
TYR CA  HA   sing N N 358 
TYR C   O    doub N N 359 
TYR C   OXT  sing N N 360 
TYR CB  CG   sing N N 361 
TYR CB  HB2  sing N N 362 
TYR CB  HB3  sing N N 363 
TYR CG  CD1  doub Y N 364 
TYR CG  CD2  sing Y N 365 
TYR CD1 CE1  sing Y N 366 
TYR CD1 HD1  sing N N 367 
TYR CD2 CE2  doub Y N 368 
TYR CD2 HD2  sing N N 369 
TYR CE1 CZ   doub Y N 370 
TYR CE1 HE1  sing N N 371 
TYR CE2 CZ   sing Y N 372 
TYR CE2 HE2  sing N N 373 
TYR CZ  OH   sing N N 374 
TYR OH  HH   sing N N 375 
TYR OXT HXT  sing N N 376 
VAL N   CA   sing N N 377 
VAL N   H    sing N N 378 
VAL N   H2   sing N N 379 
VAL CA  C    sing N N 380 
VAL CA  CB   sing N N 381 
VAL CA  HA   sing N N 382 
VAL C   O    doub N N 383 
VAL C   OXT  sing N N 384 
VAL CB  CG1  sing N N 385 
VAL CB  CG2  sing N N 386 
VAL CB  HB   sing N N 387 
VAL CG1 HG11 sing N N 388 
VAL CG1 HG12 sing N N 389 
VAL CG1 HG13 sing N N 390 
VAL CG2 HG21 sing N N 391 
VAL CG2 HG22 sing N N 392 
VAL CG2 HG23 sing N N 393 
VAL OXT HXT  sing N N 394 
# 
_atom_sites.entry_id                    2OY9 
_atom_sites.fract_transf_matrix[1][1]   -0.00352869 
_atom_sites.fract_transf_matrix[1][2]   0.01044777 
_atom_sites.fract_transf_matrix[1][3]   -0.00611667 
_atom_sites.fract_transf_matrix[2][1]   -0.00438956 
_atom_sites.fract_transf_matrix[2][2]   -0.00077850 
_atom_sites.fract_transf_matrix[2][3]   -0.01179567 
_atom_sites.fract_transf_matrix[3][1]   -0.01967493 
_atom_sites.fract_transf_matrix[3][2]   -0.00227088 
_atom_sites.fract_transf_matrix[3][3]   0.00747158 
_atom_sites.fract_transf_vector[1]      0.491843 
_atom_sites.fract_transf_vector[2]      0.952153 
_atom_sites.fract_transf_vector[3]      0.139637 
# 
loop_
_atom_type.symbol 
C  
MG 
N  
O  
S  
SE 
# 
loop_
_atom_site.group_PDB 
_atom_site.id 
_atom_site.type_symbol 
_atom_site.label_atom_id 
_atom_site.label_alt_id 
_atom_site.label_comp_id 
_atom_site.label_asym_id 
_atom_site.label_entity_id 
_atom_site.label_seq_id 
_atom_site.pdbx_PDB_ins_code 
_atom_site.Cartn_x 
_atom_site.Cartn_y 
_atom_site.Cartn_z 
_atom_site.occupancy 
_atom_site.B_iso_or_equiv 
_atom_site.pdbx_formal_charge 
_atom_site.auth_seq_id 
_atom_site.auth_comp_id 
_atom_site.auth_asym_id 
_atom_site.auth_atom_id 
_atom_site.pdbx_PDB_model_num 
ATOM   1    N  N   . THR A 1 6  ? 1.319   4.841   26.997  1.00 28.15 ? 6   THR A N   1 
ATOM   2    C  CA  . THR A 1 6  ? 0.425   3.999   27.841  1.00 26.70 ? 6   THR A CA  1 
ATOM   3    C  C   . THR A 1 6  ? -1.039  4.376   27.680  1.00 23.21 ? 6   THR A C   1 
ATOM   4    O  O   . THR A 1 6  ? -1.901  3.880   28.393  1.00 23.16 ? 6   THR A O   1 
ATOM   5    C  CB  . THR A 1 6  ? 0.780   4.128   29.327  1.00 27.77 ? 6   THR A CB  1 
ATOM   6    O  OG1 . THR A 1 6  ? -0.224  3.488   30.122  1.00 31.78 ? 6   THR A OG1 1 
ATOM   7    C  CG2 . THR A 1 6  ? 0.890   5.586   29.734  1.00 30.02 ? 6   THR A CG2 1 
ATOM   8    N  N   . LEU A 1 7  ? -1.316  5.268   26.738  1.00 20.13 ? 7   LEU A N   1 
ATOM   9    C  CA  . LEU A 1 7  ? -2.694  5.685   26.472  1.00 17.76 ? 7   LEU A CA  1 
ATOM   10   C  C   . LEU A 1 7  ? -3.437  4.529   25.825  1.00 15.45 ? 7   LEU A C   1 
ATOM   11   O  O   . LEU A 1 7  ? -2.879  3.821   24.986  1.00 13.91 ? 7   LEU A O   1 
ATOM   12   C  CB  . LEU A 1 7  ? -2.749  6.851   25.484  1.00 18.89 ? 7   LEU A CB  1 
ATOM   13   C  CG  . LEU A 1 7  ? -2.106  8.205   25.746  1.00 21.94 ? 7   LEU A CG  1 
ATOM   14   C  CD1 . LEU A 1 7  ? -2.312  9.068   24.505  1.00 22.13 ? 7   LEU A CD1 1 
ATOM   15   C  CD2 . LEU A 1 7  ? -2.725  8.874   26.957  1.00 23.37 ? 7   LEU A CD2 1 
ATOM   16   N  N   . PRO A 1 8  ? -4.707  4.317   26.204  1.00 12.47 ? 8   PRO A N   1 
ATOM   17   C  CA  . PRO A 1 8  ? -5.480  3.223   25.607  1.00 12.21 ? 8   PRO A CA  1 
ATOM   18   C  C   . PRO A 1 8  ? -5.813  3.588   24.165  1.00 11.80 ? 8   PRO A C   1 
ATOM   19   O  O   . PRO A 1 8  ? -6.493  4.581   23.903  1.00 11.72 ? 8   PRO A O   1 
ATOM   20   C  CB  . PRO A 1 8  ? -6.713  3.138   26.509  1.00 12.98 ? 8   PRO A CB  1 
ATOM   21   C  CG  . PRO A 1 8  ? -6.908  4.556   26.928  1.00 14.11 ? 8   PRO A CG  1 
ATOM   22   C  CD  . PRO A 1 8  ? -5.497  5.017   27.234  1.00 13.89 ? 8   PRO A CD  1 
ATOM   23   N  N   . ILE A 1 9  ? -5.297  2.790   23.237  1.00 10.56 ? 9   ILE A N   1 
ATOM   24   C  CA  . ILE A 1 9  ? -5.485  3.026   21.810  1.00 9.81  ? 9   ILE A CA  1 
ATOM   25   C  C   . ILE A 1 9  ? -6.884  2.784   21.253  1.00 9.65  ? 9   ILE A C   1 
ATOM   26   O  O   . ILE A 1 9  ? -7.570  1.834   21.635  1.00 9.95  ? 9   ILE A O   1 
ATOM   27   C  CB  . ILE A 1 9  ? -4.503  2.153   20.995  1.00 9.94  ? 9   ILE A CB  1 
ATOM   28   C  CG1 . ILE A 1 9  ? -3.061  2.562   21.307  1.00 9.37  ? 9   ILE A CG1 1 
ATOM   29   C  CG2 . ILE A 1 9  ? -4.782  2.292   19.499  1.00 11.43 ? 9   ILE A CG2 1 
ATOM   30   C  CD1 . ILE A 1 9  ? -2.033  1.518   20.884  1.00 11.83 ? 9   ILE A CD1 1 
ATOM   31   N  N   . SER A 1 10 ? -7.295  3.667   20.348  1.00 10.90 ? 10  SER A N   1 
ATOM   32   C  CA  . SER A 1 10 ? -8.574  3.551   19.657  1.00 11.80 ? 10  SER A CA  1 
ATOM   33   C  C   . SER A 1 10 ? -8.211  3.834   18.203  1.00 13.28 ? 10  SER A C   1 
ATOM   34   O  O   . SER A 1 10 ? -7.392  4.711   17.923  1.00 13.18 ? 10  SER A O   1 
ATOM   35   C  CB  . SER A 1 10 ? -9.599  4.570   20.172  1.00 12.87 ? 10  SER A CB  1 
ATOM   36   O  OG  . SER A 1 10 ? -9.222  5.897   19.867  1.00 16.67 ? 10  SER A OG  1 
ATOM   37   N  N   . LEU A 1 11 ? -8.807  3.085   17.283  1.00 11.83 ? 11  LEU A N   1 
ATOM   38   C  CA  . LEU A 1 11 ? -8.488  3.232   15.870  1.00 12.96 ? 11  LEU A CA  1 
ATOM   39   C  C   . LEU A 1 11 ? -9.665  3.704   15.040  1.00 12.23 ? 11  LEU A C   1 
ATOM   40   O  O   . LEU A 1 11 ? -10.770 3.171   15.147  1.00 11.90 ? 11  LEU A O   1 
ATOM   41   C  CB  . LEU A 1 11 ? -7.962  1.899   15.342  1.00 11.57 ? 11  LEU A CB  1 
ATOM   42   C  CG  . LEU A 1 11 ? -6.718  1.436   16.114  1.00 13.73 ? 11  LEU A CG  1 
ATOM   43   C  CD1 . LEU A 1 11 ? -6.475  -0.046  15.912  1.00 15.15 ? 11  LEU A CD1 1 
ATOM   44   C  CD2 . LEU A 1 11 ? -5.521  2.258   15.668  1.00 11.21 ? 11  LEU A CD2 1 
ATOM   45   N  N   . ASP A 1 12 ? -9.404  4.711   14.213  1.00 14.36 ? 12  ASP A N   1 
ATOM   46   C  CA  . ASP A 1 12 ? -10.415 5.300   13.349  1.00 14.80 ? 12  ASP A CA  1 
ATOM   47   C  C   . ASP A 1 12 ? -9.977  5.131   11.901  1.00 13.15 ? 12  ASP A C   1 
ATOM   48   O  O   . ASP A 1 12 ? -9.259  5.973   11.348  1.00 14.34 ? 12  ASP A O   1 
ATOM   49   C  CB  . ASP A 1 12 ? -10.576 6.783   13.690  1.00 18.95 ? 12  ASP A CB  1 
ATOM   50   C  CG  . ASP A 1 12 ? -11.524 7.498   12.751  1.00 23.41 ? 12  ASP A CG  1 
ATOM   51   O  OD1 . ASP A 1 12 ? -12.598 6.939   12.441  1.00 25.09 ? 12  ASP A OD1 1 
ATOM   52   O  OD2 . ASP A 1 12 ? -11.194 8.628   12.332  1.00 30.19 ? 12  ASP A OD2 1 
ATOM   53   N  N   . TRP A 1 13 ? -10.407 4.026   11.299  1.00 11.82 ? 13  TRP A N   1 
ATOM   54   C  CA  . TRP A 1 13 ? -10.049 3.716   9.920   1.00 10.06 ? 13  TRP A CA  1 
ATOM   55   C  C   . TRP A 1 13 ? -11.247 3.714   8.982   1.00 10.79 ? 13  TRP A C   1 
ATOM   56   O  O   . TRP A 1 13 ? -12.383 3.510   9.408   1.00 11.95 ? 13  TRP A O   1 
ATOM   57   C  CB  . TRP A 1 13 ? -9.396  2.335   9.840   1.00 9.04  ? 13  TRP A CB  1 
ATOM   58   C  CG  . TRP A 1 13 ? -8.201  2.148   10.715  1.00 8.77  ? 13  TRP A CG  1 
ATOM   59   C  CD1 . TRP A 1 13 ? -7.352  3.115   11.170  1.00 8.59  ? 13  TRP A CD1 1 
ATOM   60   C  CD2 . TRP A 1 13 ? -7.675  0.899   11.171  1.00 7.87  ? 13  TRP A CD2 1 
ATOM   61   N  NE1 . TRP A 1 13 ? -6.320  2.542   11.880  1.00 8.37  ? 13  TRP A NE1 1 
ATOM   62   C  CE2 . TRP A 1 13 ? -6.495  1.182   11.896  1.00 7.96  ? 13  TRP A CE2 1 
ATOM   63   C  CE3 . TRP A 1 13 ? -8.085  -0.436  11.037  1.00 8.35  ? 13  TRP A CE3 1 
ATOM   64   C  CZ2 . TRP A 1 13 ? -5.719  0.179   12.483  1.00 8.36  ? 13  TRP A CZ2 1 
ATOM   65   C  CZ3 . TRP A 1 13 ? -7.312  -1.436  11.621  1.00 8.11  ? 13  TRP A CZ3 1 
ATOM   66   C  CH2 . TRP A 1 13 ? -6.139  -1.120  12.338  1.00 7.49  ? 13  TRP A CH2 1 
ATOM   67   N  N   . SER A 1 14 ? -10.979 3.929   7.698   1.00 9.59  ? 14  SER A N   1 
ATOM   68   C  CA  . SER A 1 14 ? -12.037 3.898   6.698   1.00 10.25 ? 14  SER A CA  1 
ATOM   69   C  C   . SER A 1 14 ? -12.313 2.424   6.407   1.00 10.66 ? 14  SER A C   1 
ATOM   70   O  O   . SER A 1 14 ? -11.538 1.553   6.802   1.00 9.61  ? 14  SER A O   1 
ATOM   71   C  CB  . SER A 1 14 ? -11.580 4.587   5.412   1.00 9.70  ? 14  SER A CB  1 
ATOM   72   O  OG  . SER A 1 14 ? -10.606 3.802   4.747   1.00 10.93 ? 14  SER A OG  1 
ATOM   73   N  N   . THR A 1 15 ? -13.407 2.150   5.709   1.00 10.43 ? 15  THR A N   1 
ATOM   74   C  CA  . THR A 1 15 ? -13.763 0.780   5.364   1.00 11.64 ? 15  THR A CA  1 
ATOM   75   C  C   . THR A 1 15 ? -12.643 0.070   4.600   1.00 10.14 ? 15  THR A C   1 
ATOM   76   O  O   . THR A 1 15 ? -12.272 -1.065  4.921   1.00 9.20  ? 15  THR A O   1 
ATOM   77   C  CB  . THR A 1 15 ? -15.030 0.756   4.493   1.00 13.36 ? 15  THR A CB  1 
ATOM   78   O  OG1 . THR A 1 15 ? -16.099 1.397   5.196   1.00 17.85 ? 15  THR A OG1 1 
ATOM   79   C  CG2 . THR A 1 15 ? -15.426 -0.672  4.165   1.00 16.98 ? 15  THR A CG2 1 
ATOM   80   N  N   . GLU A 1 16 ? -12.114 0.737   3.581   1.00 10.53 ? 16  GLU A N   1 
ATOM   81   C  CA  . GLU A 1 16 ? -11.053 0.154   2.775   1.00 10.78 ? 16  GLU A CA  1 
ATOM   82   C  C   . GLU A 1 16 ? -9.781  -0.062  3.587   1.00 9.63  ? 16  GLU A C   1 
ATOM   83   O  O   . GLU A 1 16 ? -9.044  -1.019  3.349   1.00 9.14  ? 16  GLU A O   1 
ATOM   84   C  CB  . GLU A 1 16 ? -10.767 1.032   1.548   1.00 13.98 ? 16  GLU A CB  1 
ATOM   85   C  CG  . GLU A 1 16 ? -11.976 1.192   0.633   1.00 19.83 ? 16  GLU A CG  1 
ATOM   86   C  CD  . GLU A 1 16 ? -11.640 1.851   -0.691  1.00 24.22 ? 16  GLU A CD  1 
ATOM   87   O  OE1 . GLU A 1 16 ? -10.891 2.849   -0.692  1.00 27.73 ? 16  GLU A OE1 1 
ATOM   88   O  OE2 . GLU A 1 16 ? -12.137 1.375   -1.734  1.00 28.27 ? 16  GLU A OE2 1 
ATOM   89   N  N   . GLU A 1 17 ? -9.524  0.817   4.554   1.00 9.13  ? 17  GLU A N   1 
ATOM   90   C  CA  . GLU A 1 17 ? -8.330  0.672   5.380   1.00 8.48  ? 17  GLU A CA  1 
ATOM   91   C  C   . GLU A 1 17 ? -8.451  -0.542  6.291   1.00 8.20  ? 17  GLU A C   1 
ATOM   92   O  O   . GLU A 1 17 ? -7.465  -1.228  6.553   1.00 7.25  ? 17  GLU A O   1 
ATOM   93   C  CB  . GLU A 1 17 ? -8.080  1.950   6.186   1.00 8.96  ? 17  GLU A CB  1 
ATOM   94   C  CG  . GLU A 1 17 ? -7.782  3.142   5.277   1.00 11.39 ? 17  GLU A CG  1 
ATOM   95   C  CD  . GLU A 1 17 ? -7.531  4.438   6.019   1.00 14.17 ? 17  GLU A CD  1 
ATOM   96   O  OE1 . GLU A 1 17 ? -8.163  4.664   7.074   1.00 11.22 ? 17  GLU A OE1 1 
ATOM   97   O  OE2 . GLU A 1 17 ? -6.714  5.247   5.524   1.00 15.46 ? 17  GLU A OE2 1 
ATOM   98   N  N   . VAL A 1 18 ? -9.656  -0.812  6.780   1.00 7.42  ? 18  VAL A N   1 
ATOM   99   C  CA  . VAL A 1 18 ? -9.856  -1.988  7.617   1.00 7.59  ? 18  VAL A CA  1 
ATOM   100  C  C   . VAL A 1 18 ? -9.477  -3.216  6.788   1.00 7.83  ? 18  VAL A C   1 
ATOM   101  O  O   . VAL A 1 18 ? -8.737  -4.090  7.247   1.00 6.94  ? 18  VAL A O   1 
ATOM   102  C  CB  . VAL A 1 18 ? -11.330 -2.119  8.074   1.00 7.90  ? 18  VAL A CB  1 
ATOM   103  C  CG1 . VAL A 1 18 ? -11.571 -3.493  8.700   1.00 8.76  ? 18  VAL A CG1 1 
ATOM   104  C  CG2 . VAL A 1 18 ? -11.655 -1.029  9.092   1.00 8.22  ? 18  VAL A CG2 1 
ATOM   105  N  N   . ILE A 1 19 ? -9.970  -3.274  5.554   1.00 7.68  ? 19  ILE A N   1 
ATOM   106  C  CA  . ILE A 1 19 ? -9.664  -4.411  4.695   1.00 7.95  ? 19  ILE A CA  1 
ATOM   107  C  C   . ILE A 1 19 ? -8.168  -4.479  4.370   1.00 7.70  ? 19  ILE A C   1 
ATOM   108  O  O   . ILE A 1 19 ? -7.614  -5.572  4.255   1.00 7.05  ? 19  ILE A O   1 
ATOM   109  C  CB  . ILE A 1 19 ? -10.513 -4.369  3.400   1.00 9.52  ? 19  ILE A CB  1 
ATOM   110  C  CG1 . ILE A 1 19 ? -12.001 -4.427  3.770   1.00 10.20 ? 19  ILE A CG1 1 
ATOM   111  C  CG2 . ILE A 1 19 ? -10.157 -5.538  2.483   1.00 11.56 ? 19  ILE A CG2 1 
ATOM   112  C  CD1 . ILE A 1 19 ? -12.368 -5.559  4.734   1.00 11.94 ? 19  ILE A CD1 1 
ATOM   113  N  N   . ASP A 1 20 ? -7.508  -3.328  4.230   1.00 7.93  ? 20  ASP A N   1 
ATOM   114  C  CA  . ASP A 1 20 ? -6.068  -3.346  3.959   1.00 7.74  ? 20  ASP A CA  1 
ATOM   115  C  C   . ASP A 1 20 ? -5.340  -3.993  5.143   1.00 8.14  ? 20  ASP A C   1 
ATOM   116  O  O   . ASP A 1 20 ? -4.374  -4.736  4.962   1.00 7.66  ? 20  ASP A O   1 
ATOM   117  C  CB  . ASP A 1 20 ? -5.510  -1.933  3.743   1.00 8.86  ? 20  ASP A CB  1 
ATOM   118  C  CG  . ASP A 1 20 ? -5.806  -1.380  2.355   1.00 11.53 ? 20  ASP A CG  1 
ATOM   119  O  OD1 . ASP A 1 20 ? -6.045  -2.173  1.424   1.00 14.09 ? 20  ASP A OD1 1 
ATOM   120  O  OD2 . ASP A 1 20 ? -5.773  -0.144  2.192   1.00 13.78 ? 20  ASP A OD2 1 
ATOM   121  N  N   . VAL A 1 21 ? -5.804  -3.712  6.358   1.00 7.14  ? 21  VAL A N   1 
ATOM   122  C  CA  . VAL A 1 21 ? -5.182  -4.286  7.543   1.00 6.59  ? 21  VAL A CA  1 
ATOM   123  C  C   . VAL A 1 21 ? -5.479  -5.787  7.607   1.00 6.63  ? 21  VAL A C   1 
ATOM   124  O  O   . VAL A 1 21 ? -4.616  -6.587  7.975   1.00 7.16  ? 21  VAL A O   1 
ATOM   125  C  CB  . VAL A 1 21 ? -5.659  -3.550  8.824   1.00 5.98  ? 21  VAL A CB  1 
ATOM   126  C  CG1 . VAL A 1 21 ? -5.196  -4.293  10.073  1.00 8.35  ? 21  VAL A CG1 1 
ATOM   127  C  CG2 . VAL A 1 21 ? -5.083  -2.132  8.831   1.00 9.28  ? 21  VAL A CG2 1 
ATOM   128  N  N   . VAL A 1 22 ? -6.696  -6.173  7.235   1.00 6.32  ? 22  VAL A N   1 
ATOM   129  C  CA  . VAL A 1 22 ? -7.058  -7.583  7.213   1.00 7.54  ? 22  VAL A CA  1 
ATOM   130  C  C   . VAL A 1 22 ? -6.115  -8.316  6.261   1.00 7.73  ? 22  VAL A C   1 
ATOM   131  O  O   . VAL A 1 22 ? -5.576  -9.375  6.595   1.00 8.96  ? 22  VAL A O   1 
ATOM   132  C  CB  . VAL A 1 22 ? -8.513  -7.775  6.734   1.00 7.47  ? 22  VAL A CB  1 
ATOM   133  C  CG1 . VAL A 1 22 ? -8.792  -9.253  6.464   1.00 8.92  ? 22  VAL A CG1 1 
ATOM   134  C  CG2 . VAL A 1 22 ? -9.467  -7.241  7.792   1.00 8.53  ? 22  VAL A CG2 1 
ATOM   135  N  N   . HIS A 1 23 ? -5.903  -7.744  5.079   1.00 8.13  ? 23  HIS A N   1 
ATOM   136  C  CA  . HIS A 1 23 ? -5.026  -8.357  4.087   1.00 8.20  ? 23  HIS A CA  1 
ATOM   137  C  C   . HIS A 1 23 ? -3.591  -8.477  4.574   1.00 8.12  ? 23  HIS A C   1 
ATOM   138  O  O   . HIS A 1 23 ? -2.883  -9.411  4.196   1.00 7.41  ? 23  HIS A O   1 
ATOM   139  C  CB  . HIS A 1 23 ? -5.052  -7.567  2.775   1.00 8.53  ? 23  HIS A CB  1 
ATOM   140  C  CG  . HIS A 1 23 ? -6.334  -7.701  2.013   1.00 11.20 ? 23  HIS A CG  1 
ATOM   141  N  ND1 . HIS A 1 23 ? -7.272  -8.674  2.295   1.00 14.66 ? 23  HIS A ND1 1 
ATOM   142  C  CD2 . HIS A 1 23 ? -6.824  -7.002  0.964   1.00 12.79 ? 23  HIS A CD2 1 
ATOM   143  C  CE1 . HIS A 1 23 ? -8.282  -8.564  1.452   1.00 12.71 ? 23  HIS A CE1 1 
ATOM   144  N  NE2 . HIS A 1 23 ? -8.037  -7.557  0.634   1.00 14.77 ? 23  HIS A NE2 1 
ATOM   145  N  N   . PHE A 1 24 ? -3.160  -7.531  5.403   1.00 6.80  ? 24  PHE A N   1 
ATOM   146  C  CA  . PHE A 1 24 ? -1.806  -7.575  5.934   1.00 6.75  ? 24  PHE A CA  1 
ATOM   147  C  C   . PHE A 1 24 ? -1.631  -8.796  6.832   1.00 8.12  ? 24  PHE A C   1 
ATOM   148  O  O   . PHE A 1 24 ? -0.685  -9.562  6.675   1.00 7.98  ? 24  PHE A O   1 
ATOM   149  C  CB  . PHE A 1 24 ? -1.484  -6.316  6.742   1.00 8.80  ? 24  PHE A CB  1 
ATOM   150  C  CG  . PHE A 1 24 ? -0.215  -6.436  7.541   1.00 7.32  ? 24  PHE A CG  1 
ATOM   151  C  CD1 . PHE A 1 24 ? 1.028   -6.397  6.910   1.00 8.72  ? 24  PHE A CD1 1 
ATOM   152  C  CD2 . PHE A 1 24 ? -0.268  -6.650  8.916   1.00 9.28  ? 24  PHE A CD2 1 
ATOM   153  C  CE1 . PHE A 1 24 ? 2.208   -6.575  7.639   1.00 9.65  ? 24  PHE A CE1 1 
ATOM   154  C  CE2 . PHE A 1 24 ? 0.905   -6.830  9.657   1.00 11.87 ? 24  PHE A CE2 1 
ATOM   155  C  CZ  . PHE A 1 24 ? 2.144   -6.793  9.017   1.00 11.67 ? 24  PHE A CZ  1 
ATOM   156  N  N   . PHE A 1 25 ? -2.541  -8.981  7.782   1.00 7.60  ? 25  PHE A N   1 
ATOM   157  C  CA  . PHE A 1 25 ? -2.419  -10.127 8.672   1.00 7.91  ? 25  PHE A CA  1 
ATOM   158  C  C   . PHE A 1 25 ? -2.579  -11.440 7.916   1.00 8.31  ? 25  PHE A C   1 
ATOM   159  O  O   . PHE A 1 25 ? -1.943  -12.433 8.254   1.00 8.51  ? 25  PHE A O   1 
ATOM   160  C  CB  . PHE A 1 25 ? -3.417  -10.017 9.830   1.00 7.62  ? 25  PHE A CB  1 
ATOM   161  C  CG  . PHE A 1 25 ? -3.021  -8.992  10.858  1.00 6.98  ? 25  PHE A CG  1 
ATOM   162  C  CD1 . PHE A 1 25 ? -3.777  -7.837  11.044  1.00 7.75  ? 25  PHE A CD1 1 
ATOM   163  C  CD2 . PHE A 1 25 ? -1.862  -9.165  11.616  1.00 6.61  ? 25  PHE A CD2 1 
ATOM   164  C  CE1 . PHE A 1 25 ? -3.384  -6.864  11.963  1.00 8.87  ? 25  PHE A CE1 1 
ATOM   165  C  CE2 . PHE A 1 25 ? -1.460  -8.195  12.537  1.00 7.09  ? 25  PHE A CE2 1 
ATOM   166  C  CZ  . PHE A 1 25 ? -2.224  -7.044  12.711  1.00 7.46  ? 25  PHE A CZ  1 
ATOM   167  N  N   . GLN A 1 26 ? -3.410  -11.450 6.878   1.00 8.27  ? 26  GLN A N   1 
ATOM   168  C  CA  . GLN A 1 26 ? -3.568  -12.671 6.100   1.00 7.64  ? 26  GLN A CA  1 
ATOM   169  C  C   . GLN A 1 26 ? -2.255  -12.963 5.370   1.00 8.55  ? 26  GLN A C   1 
ATOM   170  O  O   . GLN A 1 26 ? -1.912  -14.125 5.141   1.00 9.14  ? 26  GLN A O   1 
ATOM   171  C  CB  . GLN A 1 26 ? -4.714  -12.531 5.098   1.00 7.94  ? 26  GLN A CB  1 
ATOM   172  C  CG  . GLN A 1 26 ? -6.091  -12.497 5.755   1.00 8.77  ? 26  GLN A CG  1 
ATOM   173  C  CD  . GLN A 1 26 ? -7.207  -12.325 4.749   1.00 8.69  ? 26  GLN A CD  1 
ATOM   174  O  OE1 . GLN A 1 26 ? -7.183  -11.400 3.938   1.00 10.07 ? 26  GLN A OE1 1 
ATOM   175  N  NE2 . GLN A 1 26 ? -8.195  -13.213 4.795   1.00 10.71 ? 26  GLN A NE2 1 
ATOM   176  N  N   . ALA A 1 27 ? -1.521  -11.906 5.024   1.00 8.23  ? 27  ALA A N   1 
ATOM   177  C  CA  . ALA A 1 27 ? -0.241  -12.053 4.332   1.00 8.28  ? 27  ALA A CA  1 
ATOM   178  C  C   . ALA A 1 27 ? 0.786   -12.683 5.270   1.00 9.77  ? 27  ALA A C   1 
ATOM   179  O  O   . ALA A 1 27 ? 1.590   -13.524 4.854   1.00 8.78  ? 27  ALA A O   1 
ATOM   180  C  CB  . ALA A 1 27 ? 0.255   -10.692 3.832   1.00 9.94  ? 27  ALA A CB  1 
ATOM   181  N  N   . ILE A 1 28 ? 0.759   -12.281 6.539   1.00 8.81  ? 28  ILE A N   1 
ATOM   182  C  CA  . ILE A 1 28 ? 1.681   -12.847 7.517   1.00 9.18  ? 28  ILE A CA  1 
ATOM   183  C  C   . ILE A 1 28 ? 1.355   -14.335 7.670   1.00 9.04  ? 28  ILE A C   1 
ATOM   184  O  O   . ILE A 1 28 ? 2.255   -15.172 7.713   1.00 8.93  ? 28  ILE A O   1 
ATOM   185  C  CB  . ILE A 1 28 ? 1.560   -12.148 8.898   1.00 8.65  ? 28  ILE A CB  1 
ATOM   186  C  CG1 . ILE A 1 28 ? 1.953   -10.671 8.788   1.00 10.49 ? 28  ILE A CG1 1 
ATOM   187  C  CG2 . ILE A 1 28 ? 2.461   -12.850 9.914   1.00 8.83  ? 28  ILE A CG2 1 
ATOM   188  C  CD1 . ILE A 1 28 ? 3.409   -10.430 8.414   1.00 12.51 ? 28  ILE A CD1 1 
ATOM   189  N  N   . GLU A 1 29 ? 0.067   -14.670 7.746   1.00 9.38  ? 29  GLU A N   1 
ATOM   190  C  CA  . GLU A 1 29 ? -0.331  -16.071 7.869   1.00 9.59  ? 29  GLU A CA  1 
ATOM   191  C  C   . GLU A 1 29 ? 0.103   -16.868 6.640   1.00 11.52 ? 29  GLU A C   1 
ATOM   192  O  O   . GLU A 1 29 ? 0.562   -18.004 6.761   1.00 12.84 ? 29  GLU A O   1 
ATOM   193  C  CB  . GLU A 1 29 ? -1.850  -16.191 8.035   1.00 10.67 ? 29  GLU A CB  1 
ATOM   194  C  CG  . GLU A 1 29 ? -2.380  -15.774 9.402   1.00 11.74 ? 29  GLU A CG  1 
ATOM   195  C  CD  . GLU A 1 29 ? -1.968  -16.708 10.536  1.00 13.86 ? 29  GLU A CD  1 
ATOM   196  O  OE1 . GLU A 1 29 ? -1.350  -17.766 10.275  1.00 15.05 ? 29  GLU A OE1 1 
ATOM   197  O  OE2 . GLU A 1 29 ? -2.274  -16.379 11.699  1.00 12.15 ? 29  GLU A OE2 1 
ATOM   198  N  N   . GLN A 1 30 ? -0.043  -16.279 5.458   1.00 10.50 ? 30  GLN A N   1 
ATOM   199  C  CA  . GLN A 1 30 ? 0.345   -16.972 4.235   1.00 11.05 ? 30  GLN A CA  1 
ATOM   200  C  C   . GLN A 1 30 ? 1.830   -17.327 4.254   1.00 11.37 ? 30  GLN A C   1 
ATOM   201  O  O   . GLN A 1 30 ? 2.230   -18.379 3.761   1.00 12.04 ? 30  GLN A O   1 
ATOM   202  C  CB  . GLN A 1 30 ? 0.024   -16.116 3.005   1.00 12.32 ? 30  GLN A CB  1 
ATOM   203  C  CG  . GLN A 1 30 ? 0.406   -16.781 1.687   1.00 14.95 ? 30  GLN A CG  1 
ATOM   204  C  CD  . GLN A 1 30 ? -0.004  -15.977 0.471   1.00 18.07 ? 30  GLN A CD  1 
ATOM   205  O  OE1 . GLN A 1 30 ? 0.489   -16.208 -0.636  1.00 20.30 ? 30  GLN A OE1 1 
ATOM   206  N  NE2 . GLN A 1 30 ? -0.922  -15.036 0.663   1.00 18.73 ? 30  GLN A NE2 1 
ATOM   207  N  N   . ALA A 1 31 ? 2.647   -16.453 4.834   1.00 10.65 ? 31  ALA A N   1 
ATOM   208  C  CA  . ALA A 1 31 ? 4.081   -16.700 4.915   1.00 11.31 ? 31  ALA A CA  1 
ATOM   209  C  C   . ALA A 1 31 ? 4.379   -17.985 5.694   1.00 13.09 ? 31  ALA A C   1 
ATOM   210  O  O   . ALA A 1 31 ? 5.383   -18.654 5.443   1.00 14.13 ? 31  ALA A O   1 
ATOM   211  C  CB  . ALA A 1 31 ? 4.784   -15.510 5.574   1.00 9.93  ? 31  ALA A CB  1 
ATOM   212  N  N   . TYR A 1 32 ? 3.500   -18.326 6.635   1.00 14.20 ? 32  TYR A N   1 
ATOM   213  C  CA  . TYR A 1 32 ? 3.664   -19.529 7.452   1.00 14.84 ? 32  TYR A CA  1 
ATOM   214  C  C   . TYR A 1 32 ? 2.997   -20.758 6.847   1.00 17.97 ? 32  TYR A C   1 
ATOM   215  O  O   . TYR A 1 32 ? 3.155   -21.872 7.359   1.00 18.93 ? 32  TYR A O   1 
ATOM   216  C  CB  . TYR A 1 32 ? 3.101   -19.292 8.855   1.00 13.90 ? 32  TYR A CB  1 
ATOM   217  C  CG  . TYR A 1 32 ? 3.986   -18.432 9.723   1.00 12.56 ? 32  TYR A CG  1 
ATOM   218  C  CD1 . TYR A 1 32 ? 4.902   -19.004 10.603  1.00 12.67 ? 32  TYR A CD1 1 
ATOM   219  C  CD2 . TYR A 1 32 ? 3.930   -17.044 9.640   1.00 11.82 ? 32  TYR A CD2 1 
ATOM   220  C  CE1 . TYR A 1 32 ? 5.743   -18.207 11.382  1.00 13.85 ? 32  TYR A CE1 1 
ATOM   221  C  CE2 . TYR A 1 32 ? 4.765   -16.241 10.408  1.00 10.36 ? 32  TYR A CE2 1 
ATOM   222  C  CZ  . TYR A 1 32 ? 5.667   -16.826 11.275  1.00 12.87 ? 32  TYR A CZ  1 
ATOM   223  O  OH  . TYR A 1 32 ? 6.490   -16.025 12.025  1.00 13.34 ? 32  TYR A OH  1 
ATOM   224  N  N   . ASP A 1 33 ? 2.250   -20.557 5.768   1.00 17.22 ? 33  ASP A N   1 
ATOM   225  C  CA  . ASP A 1 33 ? 1.565   -21.660 5.107   1.00 20.00 ? 33  ASP A CA  1 
ATOM   226  C  C   . ASP A 1 33 ? 2.345   -22.087 3.865   1.00 19.37 ? 33  ASP A C   1 
ATOM   227  O  O   . ASP A 1 33 ? 3.362   -22.766 3.974   1.00 19.89 ? 33  ASP A O   1 
ATOM   228  C  CB  . ASP A 1 33 ? 0.146   -21.245 4.714   1.00 23.10 ? 33  ASP A CB  1 
ATOM   229  C  CG  . ASP A 1 33 ? -0.777  -22.435 4.523   1.00 27.60 ? 33  ASP A CG  1 
ATOM   230  O  OD1 . ASP A 1 33 ? -0.272  -23.541 4.231   1.00 28.90 ? 33  ASP A OD1 1 
ATOM   231  O  OD2 . ASP A 1 33 ? -2.007  -22.262 4.657   1.00 29.42 ? 33  ASP A OD2 1 
ATOM   232  N  N   . GLN A 1 34 ? 1.873   -21.680 2.689   1.00 19.03 ? 34  GLN A N   1 
ATOM   233  C  CA  . GLN A 1 34 ? 2.542   -22.040 1.441   1.00 20.81 ? 34  GLN A CA  1 
ATOM   234  C  C   . GLN A 1 34 ? 3.615   -21.024 1.052   1.00 19.76 ? 34  GLN A C   1 
ATOM   235  O  O   . GLN A 1 34 ? 4.330   -21.207 0.066   1.00 19.25 ? 34  GLN A O   1 
ATOM   236  C  CB  . GLN A 1 34 ? 1.527   -22.156 0.295   1.00 23.24 ? 34  GLN A CB  1 
ATOM   237  C  CG  . GLN A 1 34 ? 0.982   -20.821 -0.205  1.00 27.45 ? 34  GLN A CG  1 
ATOM   238  C  CD  . GLN A 1 34 ? -0.239  -20.346 0.559   1.00 29.80 ? 34  GLN A CD  1 
ATOM   239  O  OE1 . GLN A 1 34 ? -0.280  -20.395 1.789   1.00 30.32 ? 34  GLN A OE1 1 
ATOM   240  N  NE2 . GLN A 1 34 ? -1.243  -19.870 -0.173  1.00 31.36 ? 34  GLN A NE2 1 
ATOM   241  N  N   . GLY A 1 35 ? 3.731   -19.954 1.830   1.00 16.74 ? 35  GLY A N   1 
ATOM   242  C  CA  . GLY A 1 35 ? 4.719   -18.939 1.521   1.00 15.00 ? 35  GLY A CA  1 
ATOM   243  C  C   . GLY A 1 35 ? 4.089   -17.792 0.758   1.00 14.10 ? 35  GLY A C   1 
ATOM   244  O  O   . GLY A 1 35 ? 2.959   -17.903 0.273   1.00 14.26 ? 35  GLY A O   1 
ATOM   245  N  N   . ILE A 1 36 ? 4.824   -16.692 0.635   1.00 12.43 ? 36  ILE A N   1 
ATOM   246  C  CA  . ILE A 1 36 ? 4.321   -15.510 -0.051  1.00 11.71 ? 36  ILE A CA  1 
ATOM   247  C  C   . ILE A 1 36 ? 5.473   -14.737 -0.696  1.00 12.12 ? 36  ILE A C   1 
ATOM   248  O  O   . ILE A 1 36 ? 6.614   -14.793 -0.221  1.00 13.12 ? 36  ILE A O   1 
ATOM   249  C  CB  . ILE A 1 36 ? 3.578   -14.599 0.961   1.00 11.79 ? 36  ILE A CB  1 
ATOM   250  C  CG1 . ILE A 1 36 ? 2.924   -13.409 0.250   1.00 11.15 ? 36  ILE A CG1 1 
ATOM   251  C  CG2 . ILE A 1 36 ? 4.559   -14.111 2.012   1.00 14.46 ? 36  ILE A CG2 1 
ATOM   252  C  CD1 . ILE A 1 36 ? 2.016   -12.578 1.164   1.00 12.47 ? 36  ILE A CD1 1 
ATOM   253  N  N   . ALA A 1 37 ? 5.175   -14.023 -1.778  1.00 12.32 ? 37  ALA A N   1 
ATOM   254  C  CA  . ALA A 1 37 ? 6.188   -13.240 -2.472  1.00 13.14 ? 37  ALA A CA  1 
ATOM   255  C  C   . ALA A 1 37 ? 6.618   -12.061 -1.613  1.00 13.64 ? 37  ALA A C   1 
ATOM   256  O  O   . ALA A 1 37 ? 5.786   -11.359 -1.035  1.00 13.62 ? 37  ALA A O   1 
ATOM   257  C  CB  . ALA A 1 37 ? 5.647   -12.744 -3.808  1.00 14.39 ? 37  ALA A CB  1 
ATOM   258  N  N   . ARG A 1 38 ? 7.927   -11.860 -1.533  1.00 13.95 ? 38  ARG A N   1 
ATOM   259  C  CA  . ARG A 1 38 ? 8.514   -10.778 -0.760  1.00 14.32 ? 38  ARG A CA  1 
ATOM   260  C  C   . ARG A 1 38 ? 7.875   -9.441  -1.120  1.00 15.03 ? 38  ARG A C   1 
ATOM   261  O  O   . ARG A 1 38 ? 7.501   -8.660  -0.242  1.00 14.83 ? 38  ARG A O   1 
ATOM   262  C  CB  . ARG A 1 38 ? 10.023  -10.735 -1.034  1.00 15.91 ? 38  ARG A CB  1 
ATOM   263  C  CG  . ARG A 1 38 ? 10.781  -9.591  -0.380  1.00 15.86 ? 38  ARG A CG  1 
ATOM   264  C  CD  . ARG A 1 38 ? 12.271  -9.677  -0.726  1.00 17.28 ? 38  ARG A CD  1 
ATOM   265  N  NE  . ARG A 1 38 ? 13.062  -8.662  -0.037  1.00 17.80 ? 38  ARG A NE  1 
ATOM   266  C  CZ  . ARG A 1 38 ? 13.184  -7.398  -0.430  1.00 20.14 ? 38  ARG A CZ  1 
ATOM   267  N  NH1 . ARG A 1 38 ? 12.573  -6.969  -1.527  1.00 19.21 ? 38  ARG A NH1 1 
ATOM   268  N  NH2 . ARG A 1 38 ? 13.911  -6.552  0.290   1.00 20.29 ? 38  ARG A NH2 1 
ATOM   269  N  N   . GLU A 1 39 ? 7.732   -9.191  -2.416  1.00 15.28 ? 39  GLU A N   1 
ATOM   270  C  CA  . GLU A 1 39 ? 7.158   -7.941  -2.887  1.00 15.77 ? 39  GLU A CA  1 
ATOM   271  C  C   . GLU A 1 39 ? 5.708   -7.728  -2.460  1.00 14.61 ? 39  GLU A C   1 
ATOM   272  O  O   . GLU A 1 39 ? 5.309   -6.603  -2.141  1.00 12.76 ? 39  GLU A O   1 
ATOM   273  C  CB  . GLU A 1 39 ? 7.274   -7.863  -4.410  1.00 19.83 ? 39  GLU A CB  1 
ATOM   274  C  CG  . GLU A 1 39 ? 6.899   -6.519  -4.983  1.00 26.37 ? 39  GLU A CG  1 
ATOM   275  C  CD  . GLU A 1 39 ? 7.384   -6.360  -6.403  1.00 29.82 ? 39  GLU A CD  1 
ATOM   276  O  OE1 . GLU A 1 39 ? 7.013   -7.201  -7.252  1.00 31.24 ? 39  GLU A OE1 1 
ATOM   277  O  OE2 . GLU A 1 39 ? 8.138   -5.400  -6.669  1.00 32.89 ? 39  GLU A OE2 1 
ATOM   278  N  N   . ASP A 1 40 ? 4.916   -8.795  -2.447  1.00 14.70 ? 40  ASP A N   1 
ATOM   279  C  CA  . ASP A 1 40 ? 3.522   -8.659  -2.052  1.00 13.88 ? 40  ASP A CA  1 
ATOM   280  C  C   . ASP A 1 40 ? 3.418   -8.377  -0.562  1.00 12.61 ? 40  ASP A C   1 
ATOM   281  O  O   . ASP A 1 40 ? 2.649   -7.515  -0.132  1.00 11.82 ? 40  ASP A O   1 
ATOM   282  C  CB  . ASP A 1 40 ? 2.727   -9.919  -2.389  1.00 17.79 ? 40  ASP A CB  1 
ATOM   283  C  CG  . ASP A 1 40 ? 1.251   -9.767  -2.069  1.00 20.98 ? 40  ASP A CG  1 
ATOM   284  O  OD1 . ASP A 1 40 ? 0.648   -8.768  -2.518  1.00 24.79 ? 40  ASP A OD1 1 
ATOM   285  O  OD2 . ASP A 1 40 ? 0.694   -10.640 -1.376  1.00 23.37 ? 40  ASP A OD2 1 
ATOM   286  N  N   . LEU A 1 41 ? 4.198   -9.110  0.222   1.00 11.83 ? 41  LEU A N   1 
ATOM   287  C  CA  . LEU A 1 41 ? 4.204   -8.940  1.667   1.00 10.13 ? 41  LEU A CA  1 
ATOM   288  C  C   . LEU A 1 41 ? 4.605   -7.516  2.046   1.00 11.24 ? 41  LEU A C   1 
ATOM   289  O  O   . LEU A 1 41 ? 3.937   -6.861  2.851   1.00 10.20 ? 41  LEU A O   1 
ATOM   290  C  CB  . LEU A 1 41 ? 5.171   -9.947  2.296   1.00 12.69 ? 41  LEU A CB  1 
ATOM   291  C  CG  . LEU A 1 41 ? 5.375   -9.903  3.811   1.00 14.12 ? 41  LEU A CG  1 
ATOM   292  C  CD1 . LEU A 1 41 ? 4.048   -10.066 4.542   1.00 14.73 ? 41  LEU A CD1 1 
ATOM   293  C  CD2 . LEU A 1 41 ? 6.336   -11.015 4.201   1.00 15.63 ? 41  LEU A CD2 1 
ATOM   294  N  N   . LEU A 1 42 ? 5.691   -7.027  1.457   1.00 10.44 ? 42  LEU A N   1 
ATOM   295  C  CA  . LEU A 1 42 ? 6.154   -5.684  1.762   1.00 10.20 ? 42  LEU A CA  1 
ATOM   296  C  C   . LEU A 1 42 ? 5.189   -4.618  1.254   1.00 10.38 ? 42  LEU A C   1 
ATOM   297  O  O   . LEU A 1 42 ? 5.058   -3.557  1.859   1.00 10.97 ? 42  LEU A O   1 
ATOM   298  C  CB  . LEU A 1 42 ? 7.563   -5.474  1.200   1.00 12.11 ? 42  LEU A CB  1 
ATOM   299  C  CG  . LEU A 1 42 ? 8.629   -6.347  1.873   1.00 13.39 ? 42  LEU A CG  1 
ATOM   300  C  CD1 . LEU A 1 42 ? 10.000  -5.996  1.314   1.00 15.68 ? 42  LEU A CD1 1 
ATOM   301  C  CD2 . LEU A 1 42 ? 8.600   -6.136  3.390   1.00 14.96 ? 42  LEU A CD2 1 
ATOM   302  N  N   . GLY A 1 43 ? 4.501   -4.902  0.151   1.00 9.83  ? 43  GLY A N   1 
ATOM   303  C  CA  . GLY A 1 43 ? 3.537   -3.942  -0.357  1.00 8.46  ? 43  GLY A CA  1 
ATOM   304  C  C   . GLY A 1 43 ? 2.411   -3.792  0.652   1.00 6.82  ? 43  GLY A C   1 
ATOM   305  O  O   . GLY A 1 43 ? 1.911   -2.690  0.892   1.00 8.43  ? 43  GLY A O   1 
ATOM   306  N  N   . LYS A 1 44 ? 2.013   -4.906  1.256   1.00 8.17  ? 44  LYS A N   1 
ATOM   307  C  CA  . LYS A 1 44 ? 0.941   -4.873  2.233   1.00 7.79  ? 44  LYS A CA  1 
ATOM   308  C  C   . LYS A 1 44 ? 1.400   -4.259  3.550   1.00 8.59  ? 44  LYS A C   1 
ATOM   309  O  O   . LYS A 1 44 ? 0.609   -3.611  4.238   1.00 9.28  ? 44  LYS A O   1 
ATOM   310  C  CB  . LYS A 1 44 ? 0.363   -6.281  2.414   1.00 8.07  ? 44  LYS A CB  1 
ATOM   311  C  CG  . LYS A 1 44 ? -0.474  -6.678  1.199   1.00 8.64  ? 44  LYS A CG  1 
ATOM   312  C  CD  . LYS A 1 44 ? -0.766  -8.166  1.098   1.00 11.12 ? 44  LYS A CD  1 
ATOM   313  C  CE  . LYS A 1 44 ? -1.608  -8.434  -0.148  1.00 12.72 ? 44  LYS A CE  1 
ATOM   314  N  NZ  . LYS A 1 44 ? -1.796  -9.883  -0.434  1.00 14.05 ? 44  LYS A NZ  1 
ATOM   315  N  N   . TYR A 1 45 ? 2.672   -4.440  3.894   1.00 8.64  ? 45  TYR A N   1 
ATOM   316  C  CA  . TYR A 1 45 ? 3.194   -3.840  5.120   1.00 8.94  ? 45  TYR A CA  1 
ATOM   317  C  C   . TYR A 1 45 ? 3.283   -2.325  4.930   1.00 8.56  ? 45  TYR A C   1 
ATOM   318  O  O   . TYR A 1 45 ? 2.999   -1.554  5.847   1.00 8.92  ? 45  TYR A O   1 
ATOM   319  C  CB  . TYR A 1 45 ? 4.579   -4.393  5.469   1.00 8.38  ? 45  TYR A CB  1 
ATOM   320  C  CG  . TYR A 1 45 ? 5.191   -3.701  6.673   1.00 7.63  ? 45  TYR A CG  1 
ATOM   321  C  CD1 . TYR A 1 45 ? 4.572   -3.762  7.924   1.00 10.03 ? 45  TYR A CD1 1 
ATOM   322  C  CD2 . TYR A 1 45 ? 6.357   -2.948  6.555   1.00 9.30  ? 45  TYR A CD2 1 
ATOM   323  C  CE1 . TYR A 1 45 ? 5.096   -3.083  9.024   1.00 9.00  ? 45  TYR A CE1 1 
ATOM   324  C  CE2 . TYR A 1 45 ? 6.892   -2.265  7.652   1.00 9.66  ? 45  TYR A CE2 1 
ATOM   325  C  CZ  . TYR A 1 45 ? 6.254   -2.336  8.880   1.00 10.15 ? 45  TYR A CZ  1 
ATOM   326  O  OH  . TYR A 1 45 ? 6.769   -1.653  9.958   1.00 10.48 ? 45  TYR A OH  1 
ATOM   327  N  N   . ARG A 1 46 ? 3.686   -1.894  3.738   1.00 8.93  ? 46  ARG A N   1 
ATOM   328  C  CA  . ARG A 1 46 ? 3.781   -0.468  3.457   1.00 9.87  ? 46  ARG A CA  1 
ATOM   329  C  C   . ARG A 1 46 ? 2.413   0.188   3.624   1.00 8.60  ? 46  ARG A C   1 
ATOM   330  O  O   . ARG A 1 46 ? 2.302   1.258   4.224   1.00 8.71  ? 46  ARG A O   1 
ATOM   331  C  CB  . ARG A 1 46 ? 4.296   -0.242  2.033   1.00 12.59 ? 46  ARG A CB  1 
ATOM   332  C  CG  . ARG A 1 46 ? 5.740   -0.634  1.838   1.00 22.34 ? 46  ARG A CG  1 
ATOM   333  C  CD  . ARG A 1 46 ? 6.654   0.585   1.748   1.00 28.45 ? 46  ARG A CD  1 
ATOM   334  N  NE  . ARG A 1 46 ? 8.033   0.213   1.424   1.00 34.28 ? 46  ARG A NE  1 
ATOM   335  C  CZ  . ARG A 1 46 ? 9.024   1.084   1.256   1.00 35.46 ? 46  ARG A CZ  1 
ATOM   336  N  NH1 . ARG A 1 46 ? 8.793   2.384   1.379   1.00 37.54 ? 46  ARG A NH1 1 
ATOM   337  N  NH2 . ARG A 1 46 ? 10.244  0.656   0.959   1.00 36.69 ? 46  ARG A NH2 1 
ATOM   338  N  N   . ARG A 1 47 ? 1.369   -0.459  3.109   1.00 8.53  ? 47  ARG A N   1 
ATOM   339  C  CA  . ARG A 1 47 ? 0.016   0.084   3.218   1.00 7.82  ? 47  ARG A CA  1 
ATOM   340  C  C   . ARG A 1 47 ? -0.415  0.100   4.681   1.00 8.74  ? 47  ARG A C   1 
ATOM   341  O  O   . ARG A 1 47 ? -1.068  1.038   5.137   1.00 8.73  ? 47  ARG A O   1 
ATOM   342  C  CB  . ARG A 1 47 ? -0.962  -0.746  2.376   1.00 8.93  ? 47  ARG A CB  1 
ATOM   343  C  CG  . ARG A 1 47 ? -2.420  -0.274  2.458   1.00 8.63  ? 47  ARG A CG  1 
ATOM   344  C  CD  . ARG A 1 47 ? -2.573  1.196   2.043   1.00 8.92  ? 47  ARG A CD  1 
ATOM   345  N  NE  . ARG A 1 47 ? -2.200  1.436   0.647   1.00 9.63  ? 47  ARG A NE  1 
ATOM   346  C  CZ  . ARG A 1 47 ? -2.980  1.175   -0.399  1.00 11.83 ? 47  ARG A CZ  1 
ATOM   347  N  NH1 . ARG A 1 47 ? -4.193  0.669   -0.228  1.00 11.49 ? 47  ARG A NH1 1 
ATOM   348  N  NH2 . ARG A 1 47 ? -2.538  1.414   -1.629  1.00 11.51 ? 47  ARG A NH2 1 
ATOM   349  N  N   . PHE A 1 48 ? -0.047  -0.946  5.415   1.00 7.71  ? 48  PHE A N   1 
ATOM   350  C  CA  . PHE A 1 48 ? -0.374  -1.023  6.837   1.00 8.30  ? 48  PHE A CA  1 
ATOM   351  C  C   . PHE A 1 48 ? 0.210   0.209   7.531   1.00 7.00  ? 48  PHE A C   1 
ATOM   352  O  O   . PHE A 1 48 ? -0.451  0.839   8.358   1.00 7.59  ? 48  PHE A O   1 
ATOM   353  C  CB  . PHE A 1 48 ? 0.234   -2.291  7.443   1.00 7.89  ? 48  PHE A CB  1 
ATOM   354  C  CG  . PHE A 1 48 ? 0.034   -2.414  8.934   1.00 8.46  ? 48  PHE A CG  1 
ATOM   355  C  CD1 . PHE A 1 48 ? -1.087  -3.048  9.453   1.00 9.43  ? 48  PHE A CD1 1 
ATOM   356  C  CD2 . PHE A 1 48 ? 0.985   -1.904  9.816   1.00 9.18  ? 48  PHE A CD2 1 
ATOM   357  C  CE1 . PHE A 1 48 ? -1.264  -3.177  10.835  1.00 9.06  ? 48  PHE A CE1 1 
ATOM   358  C  CE2 . PHE A 1 48 ? 0.817   -2.026  11.197  1.00 8.79  ? 48  PHE A CE2 1 
ATOM   359  C  CZ  . PHE A 1 48 ? -0.310  -2.665  11.704  1.00 8.25  ? 48  PHE A CZ  1 
ATOM   360  N  N   . LYS A 1 49 ? 1.447   0.564   7.183   1.00 8.13  ? 49  LYS A N   1 
ATOM   361  C  CA  . LYS A 1 49 ? 2.091   1.723   7.799   1.00 8.41  ? 49  LYS A CA  1 
ATOM   362  C  C   . LYS A 1 49 ? 1.522   3.067   7.352   1.00 8.62  ? 49  LYS A C   1 
ATOM   363  O  O   . LYS A 1 49 ? 1.733   4.084   8.018   1.00 8.86  ? 49  LYS A O   1 
ATOM   364  C  CB  . LYS A 1 49 ? 3.605   1.681   7.575   1.00 9.79  ? 49  LYS A CB  1 
ATOM   365  C  CG  . LYS A 1 49 ? 4.320   0.591   8.381   1.00 9.02  ? 49  LYS A CG  1 
ATOM   366  C  CD  . LYS A 1 49 ? 4.064   0.704   9.890   1.00 10.21 ? 49  LYS A CD  1 
ATOM   367  C  CE  . LYS A 1 49 ? 4.653   1.976   10.497  1.00 9.15  ? 49  LYS A CE  1 
ATOM   368  N  NZ  . LYS A 1 49 ? 4.314   2.113   11.957  1.00 8.69  ? 49  LYS A NZ  1 
ATOM   369  N  N   . GLU A 1 50 ? 0.817   3.082   6.223   1.00 7.91  ? 50  GLU A N   1 
ATOM   370  C  CA  . GLU A 1 50 ? 0.181   4.312   5.754   1.00 7.93  ? 50  GLU A CA  1 
ATOM   371  C  C   . GLU A 1 50 ? -0.998  4.573   6.688   1.00 7.09  ? 50  GLU A C   1 
ATOM   372  O  O   . GLU A 1 50 ? -1.317  5.717   7.020   1.00 8.56  ? 50  GLU A O   1 
ATOM   373  C  CB  . GLU A 1 50 ? -0.347  4.143   4.327   1.00 10.01 ? 50  GLU A CB  1 
ATOM   374  C  CG  . GLU A 1 50 ? 0.723   4.196   3.253   1.00 11.45 ? 50  GLU A CG  1 
ATOM   375  C  CD  . GLU A 1 50 ? 1.131   5.616   2.905   1.00 14.83 ? 50  GLU A CD  1 
ATOM   376  O  OE1 . GLU A 1 50 ? 0.760   6.551   3.648   1.00 13.90 ? 50  GLU A OE1 1 
ATOM   377  O  OE2 . GLU A 1 50 ? 1.830   5.795   1.886   1.00 14.08 ? 50  GLU A OE2 1 
ATOM   378  N  N   . ILE A 1 51 ? -1.628  3.483   7.107   1.00 7.42  ? 51  ILE A N   1 
ATOM   379  C  CA  . ILE A 1 51 ? -2.792  3.519   7.985   1.00 7.99  ? 51  ILE A CA  1 
ATOM   380  C  C   . ILE A 1 51 ? -2.394  3.603   9.459   1.00 8.36  ? 51  ILE A C   1 
ATOM   381  O  O   . ILE A 1 51 ? -3.070  4.256   10.257  1.00 9.03  ? 51  ILE A O   1 
ATOM   382  C  CB  . ILE A 1 51 ? -3.665  2.252   7.754   1.00 8.60  ? 51  ILE A CB  1 
ATOM   383  C  CG1 . ILE A 1 51 ? -4.076  2.182   6.276   1.00 9.61  ? 51  ILE A CG1 1 
ATOM   384  C  CG2 . ILE A 1 51 ? -4.888  2.271   8.661   1.00 9.66  ? 51  ILE A CG2 1 
ATOM   385  C  CD1 . ILE A 1 51 ? -4.678  0.852   5.845   1.00 9.43  ? 51  ILE A CD1 1 
ATOM   386  N  N   . VAL A 1 52 ? -1.292  2.946   9.803   1.00 8.31  ? 52  VAL A N   1 
ATOM   387  C  CA  . VAL A 1 52 ? -0.793  2.912   11.177  1.00 8.30  ? 52  VAL A CA  1 
ATOM   388  C  C   . VAL A 1 52 ? 0.649   3.426   11.221  1.00 8.08  ? 52  VAL A C   1 
ATOM   389  O  O   . VAL A 1 52 ? 1.591   2.665   11.444  1.00 8.73  ? 52  VAL A O   1 
ATOM   390  C  CB  . VAL A 1 52 ? -0.847  1.463   11.735  1.00 8.99  ? 52  VAL A CB  1 
ATOM   391  C  CG1 . VAL A 1 52 ? -0.538  1.452   13.229  1.00 9.35  ? 52  VAL A CG1 1 
ATOM   392  C  CG2 . VAL A 1 52 ? -2.229  0.855   11.478  1.00 10.05 ? 52  VAL A CG2 1 
ATOM   393  N  N   . PRO A 1 53 ? 0.841   4.733   10.993  1.00 8.69  ? 53  PRO A N   1 
ATOM   394  C  CA  . PRO A 1 53 ? 2.198   5.286   11.021  1.00 9.73  ? 53  PRO A CA  1 
ATOM   395  C  C   . PRO A 1 53 ? 2.836   5.222   12.404  1.00 10.21 ? 53  PRO A C   1 
ATOM   396  O  O   . PRO A 1 53 ? 4.060   5.152   12.528  1.00 11.37 ? 53  PRO A O   1 
ATOM   397  C  CB  . PRO A 1 53 ? 1.998   6.720   10.528  1.00 9.37  ? 53  PRO A CB  1 
ATOM   398  C  CG  . PRO A 1 53 ? 0.591   7.032   10.938  1.00 9.69  ? 53  PRO A CG  1 
ATOM   399  C  CD  . PRO A 1 53 ? -0.137  5.759   10.594  1.00 8.94  ? 53  PRO A CD  1 
ATOM   400  N  N   . SER A 1 54 ? 2.002   5.246   13.440  1.00 9.73  ? 54  SER A N   1 
ATOM   401  C  CA  . SER A 1 54 ? 2.495   5.195   14.813  1.00 10.92 ? 54  SER A CA  1 
ATOM   402  C  C   . SER A 1 54 ? 3.128   3.853   15.155  1.00 9.93  ? 54  SER A C   1 
ATOM   403  O  O   . SER A 1 54 ? 2.511   2.802   14.989  1.00 10.32 ? 54  SER A O   1 
ATOM   404  C  CB  . SER A 1 54 ? 1.355   5.484   15.791  1.00 14.59 ? 54  SER A CB  1 
ATOM   405  O  OG  . SER A 1 54 ? 0.870   6.805   15.611  1.00 22.24 ? 54  SER A OG  1 
ATOM   406  N  N   . LYS A 1 55 ? 4.366   3.895   15.633  1.00 9.84  ? 55  LYS A N   1 
ATOM   407  C  CA  . LYS A 1 55 ? 5.068   2.678   16.008  1.00 9.87  ? 55  LYS A CA  1 
ATOM   408  C  C   . LYS A 1 55 ? 4.403   2.022   17.217  1.00 9.29  ? 55  LYS A C   1 
ATOM   409  O  O   . LYS A 1 55 ? 4.386   0.797   17.328  1.00 9.32  ? 55  LYS A O   1 
ATOM   410  C  CB  . LYS A 1 55 ? 6.535   2.999   16.310  1.00 11.63 ? 55  LYS A CB  1 
ATOM   411  C  CG  . LYS A 1 55 ? 7.399   1.800   16.666  1.00 15.24 ? 55  LYS A CG  1 
ATOM   412  C  CD  . LYS A 1 55 ? 8.848   2.238   16.835  1.00 18.86 ? 55  LYS A CD  1 
ATOM   413  C  CE  . LYS A 1 55 ? 9.564   1.403   17.876  1.00 24.68 ? 55  LYS A CE  1 
ATOM   414  N  NZ  . LYS A 1 55 ? 9.595   -0.035  17.522  1.00 26.81 ? 55  LYS A NZ  1 
ATOM   415  N  N   . SER A 1 56 ? 3.855   2.828   18.124  1.00 9.79  ? 56  SER A N   1 
ATOM   416  C  CA  . SER A 1 56 ? 3.197   2.274   19.301  1.00 10.26 ? 56  SER A CA  1 
ATOM   417  C  C   . SER A 1 56 ? 1.935   1.507   18.918  1.00 9.55  ? 56  SER A C   1 
ATOM   418  O  O   . SER A 1 56 ? 1.667   0.433   19.458  1.00 9.59  ? 56  SER A O   1 
ATOM   419  C  CB  . SER A 1 56 ? 2.858   3.384   20.311  1.00 12.56 ? 56  SER A CB  1 
ATOM   420  O  OG  . SER A 1 56 ? 2.103   4.426   19.718  1.00 16.66 ? 56  SER A OG  1 
ATOM   421  N  N   . GLU A 1 57 ? 1.164   2.051   17.980  1.00 9.23  ? 57  GLU A N   1 
ATOM   422  C  CA  . GLU A 1 57 ? -0.055  1.384   17.541  1.00 8.52  ? 57  GLU A CA  1 
ATOM   423  C  C   . GLU A 1 57 ? 0.306   0.102   16.799  1.00 8.55  ? 57  GLU A C   1 
ATOM   424  O  O   . GLU A 1 57 ? -0.337  -0.929  16.981  1.00 8.03  ? 57  GLU A O   1 
ATOM   425  C  CB  . GLU A 1 57 ? -0.879  2.303   16.635  1.00 8.81  ? 57  GLU A CB  1 
ATOM   426  C  CG  . GLU A 1 57 ? -1.397  3.547   17.340  1.00 10.86 ? 57  GLU A CG  1 
ATOM   427  C  CD  . GLU A 1 57 ? -2.253  4.418   16.439  1.00 11.63 ? 57  GLU A CD  1 
ATOM   428  O  OE1 . GLU A 1 57 ? -2.371  4.102   15.233  1.00 10.38 ? 57  GLU A OE1 1 
ATOM   429  O  OE2 . GLU A 1 57 ? -2.802  5.421   16.938  1.00 12.68 ? 57  GLU A OE2 1 
ATOM   430  N  N   . GLU A 1 58 ? 1.337   0.176   15.964  1.00 7.44  ? 58  GLU A N   1 
ATOM   431  C  CA  . GLU A 1 58 ? 1.796   -0.989  15.216  1.00 7.53  ? 58  GLU A CA  1 
ATOM   432  C  C   . GLU A 1 58 ? 2.193   -2.091  16.195  1.00 8.38  ? 58  GLU A C   1 
ATOM   433  O  O   . GLU A 1 58 ? 1.795   -3.251  16.055  1.00 8.65  ? 58  GLU A O   1 
ATOM   434  C  CB  . GLU A 1 58 ? 2.996   -0.604  14.343  1.00 6.86  ? 58  GLU A CB  1 
ATOM   435  C  CG  . GLU A 1 58 ? 3.746   -1.778  13.734  1.00 6.56  ? 58  GLU A CG  1 
ATOM   436  C  CD  . GLU A 1 58 ? 4.946   -1.335  12.910  1.00 8.72  ? 58  GLU A CD  1 
ATOM   437  O  OE1 . GLU A 1 58 ? 5.374   -0.166  13.045  1.00 9.73  ? 58  GLU A OE1 1 
ATOM   438  O  OE2 . GLU A 1 58 ? 5.473   -2.161  12.137  1.00 10.14 ? 58  GLU A OE2 1 
ATOM   439  N  N   . LYS A 1 59 ? 2.979   -1.718  17.197  1.00 8.56  ? 59  LYS A N   1 
ATOM   440  C  CA  . LYS A 1 59 ? 3.436   -2.677  18.195  1.00 9.39  ? 59  LYS A CA  1 
ATOM   441  C  C   . LYS A 1 59 ? 2.278   -3.369  18.904  1.00 8.83  ? 59  LYS A C   1 
ATOM   442  O  O   . LYS A 1 59 ? 2.291   -4.588  19.085  1.00 8.56  ? 59  LYS A O   1 
ATOM   443  C  CB  . LYS A 1 59 ? 4.325   -1.968  19.212  1.00 10.85 ? 59  LYS A CB  1 
ATOM   444  C  CG  . LYS A 1 59 ? 5.000   -2.886  20.227  1.00 13.82 ? 59  LYS A CG  1 
ATOM   445  C  CD  . LYS A 1 59 ? 5.911   -2.073  21.132  1.00 16.43 ? 59  LYS A CD  1 
ATOM   446  C  CE  . LYS A 1 59 ? 5.125   -0.981  21.837  1.00 22.39 ? 59  LYS A CE  1 
ATOM   447  N  NZ  . LYS A 1 59 ? 6.001   0.013   22.519  1.00 26.47 ? 59  LYS A NZ  1 
ATOM   448  N  N   . GLN A 1 60 ? 1.272   -2.599  19.299  1.00 9.44  ? 60  GLN A N   1 
ATOM   449  C  CA  . GLN A 1 60 ? 0.138   -3.180  20.002  1.00 10.14 ? 60  GLN A CA  1 
ATOM   450  C  C   . GLN A 1 60 ? -0.749  -4.039  19.104  1.00 10.29 ? 60  GLN A C   1 
ATOM   451  O  O   . GLN A 1 60 ? -1.316  -5.032  19.555  1.00 10.88 ? 60  GLN A O   1 
ATOM   452  C  CB  . GLN A 1 60 ? -0.674  -2.080  20.684  1.00 13.34 ? 60  GLN A CB  1 
ATOM   453  C  CG  . GLN A 1 60 ? 0.108   -1.369  21.781  1.00 19.33 ? 60  GLN A CG  1 
ATOM   454  C  CD  . GLN A 1 60 ? 0.727   -2.339  22.779  1.00 23.70 ? 60  GLN A CD  1 
ATOM   455  O  OE1 . GLN A 1 60 ? 0.022   -3.114  23.429  1.00 25.21 ? 60  GLN A OE1 1 
ATOM   456  N  NE2 . GLN A 1 60 ? 2.054   -2.304  22.901  1.00 24.43 ? 60  GLN A NE2 1 
ATOM   457  N  N   . LEU A 1 61 ? -0.871  -3.669  17.834  1.00 9.45  ? 61  LEU A N   1 
ATOM   458  C  CA  . LEU A 1 61 ? -1.679  -4.465  16.924  1.00 9.04  ? 61  LEU A CA  1 
ATOM   459  C  C   . LEU A 1 61 ? -0.997  -5.811  16.677  1.00 8.38  ? 61  LEU A C   1 
ATOM   460  O  O   . LEU A 1 61 ? -1.660  -6.844  16.632  1.00 7.79  ? 61  LEU A O   1 
ATOM   461  C  CB  . LEU A 1 61 ? -1.906  -3.713  15.607  1.00 8.40  ? 61  LEU A CB  1 
ATOM   462  C  CG  . LEU A 1 61 ? -2.980  -2.622  15.715  1.00 8.28  ? 61  LEU A CG  1 
ATOM   463  C  CD1 . LEU A 1 61 ? -2.890  -1.692  14.521  1.00 9.81  ? 61  LEU A CD1 1 
ATOM   464  C  CD2 . LEU A 1 61 ? -4.371  -3.261  15.816  1.00 8.28  ? 61  LEU A CD2 1 
ATOM   465  N  N   . PHE A 1 62 ? 0.327   -5.802  16.533  1.00 7.43  ? 62  PHE A N   1 
ATOM   466  C  CA  . PHE A 1 62 ? 1.070   -7.042  16.321  1.00 8.57  ? 62  PHE A CA  1 
ATOM   467  C  C   . PHE A 1 62 ? 0.881   -7.945  17.542  1.00 9.06  ? 62  PHE A C   1 
ATOM   468  O  O   . PHE A 1 62 ? 0.636   -9.140  17.415  1.00 7.98  ? 62  PHE A O   1 
ATOM   469  C  CB  . PHE A 1 62 ? 2.572   -6.761  16.147  1.00 8.17  ? 62  PHE A CB  1 
ATOM   470  C  CG  . PHE A 1 62 ? 2.947   -6.172  14.808  1.00 10.84 ? 62  PHE A CG  1 
ATOM   471  C  CD1 . PHE A 1 62 ? 1.992   -5.938  13.823  1.00 11.45 ? 62  PHE A CD1 1 
ATOM   472  C  CD2 . PHE A 1 62 ? 4.278   -5.861  14.536  1.00 11.17 ? 62  PHE A CD2 1 
ATOM   473  C  CE1 . PHE A 1 62 ? 2.361   -5.408  12.580  1.00 12.89 ? 62  PHE A CE1 1 
ATOM   474  C  CE2 . PHE A 1 62 ? 4.656   -5.332  13.299  1.00 13.00 ? 62  PHE A CE2 1 
ATOM   475  C  CZ  . PHE A 1 62 ? 3.697   -5.102  12.325  1.00 10.81 ? 62  PHE A CZ  1 
ATOM   476  N  N   . ARG A 1 63 ? 0.997   -7.354  18.728  1.00 9.63  ? 63  ARG A N   1 
ATOM   477  C  CA  . ARG A 1 63 ? 0.843   -8.089  19.977  1.00 10.96 ? 63  ARG A CA  1 
ATOM   478  C  C   . ARG A 1 63 ? -0.560  -8.685  20.086  1.00 10.51 ? 63  ARG A C   1 
ATOM   479  O  O   . ARG A 1 63 ? -0.729  -9.845  20.467  1.00 10.51 ? 63  ARG A O   1 
ATOM   480  C  CB  . ARG A 1 63 ? 1.091   -7.145  21.156  1.00 14.28 ? 63  ARG A CB  1 
ATOM   481  C  CG  . ARG A 1 63 ? 1.138   -7.819  22.512  1.00 22.95 ? 63  ARG A CG  1 
ATOM   482  C  CD  . ARG A 1 63 ? 0.942   -6.784  23.609  1.00 28.77 ? 63  ARG A CD  1 
ATOM   483  N  NE  . ARG A 1 63 ? 1.358   -7.278  24.916  1.00 34.21 ? 63  ARG A NE  1 
ATOM   484  C  CZ  . ARG A 1 63 ? 2.623   -7.488  25.266  1.00 34.73 ? 63  ARG A CZ  1 
ATOM   485  N  NH1 . ARG A 1 63 ? 3.600   -7.247  24.403  1.00 36.72 ? 63  ARG A NH1 1 
ATOM   486  N  NH2 . ARG A 1 63 ? 2.908   -7.934  26.479  1.00 36.51 ? 63  ARG A NH2 1 
ATOM   487  N  N   . ALA A 1 64 ? -1.565  -7.881  19.755  1.00 10.00 ? 64  ALA A N   1 
ATOM   488  C  CA  . ALA A 1 64 ? -2.952  -8.324  19.818  1.00 9.66  ? 64  ALA A CA  1 
ATOM   489  C  C   . ALA A 1 64 ? -3.188  -9.516  18.901  1.00 9.69  ? 64  ALA A C   1 
ATOM   490  O  O   . ALA A 1 64 ? -3.874  -10.466 19.273  1.00 11.31 ? 64  ALA A O   1 
ATOM   491  C  CB  . ALA A 1 64 ? -3.888  -7.180  19.442  1.00 9.82  ? 64  ALA A CB  1 
ATOM   492  N  N   . TYR A 1 65 ? -2.622  -9.469  17.701  1.00 8.70  ? 65  TYR A N   1 
ATOM   493  C  CA  . TYR A 1 65 ? -2.800  -10.573 16.767  1.00 8.68  ? 65  TYR A CA  1 
ATOM   494  C  C   . TYR A 1 65 ? -2.044  -11.827 17.211  1.00 9.73  ? 65  TYR A C   1 
ATOM   495  O  O   . TYR A 1 65 ? -2.567  -12.934 17.140  1.00 9.42  ? 65  TYR A O   1 
ATOM   496  C  CB  . TYR A 1 65 ? -2.333  -10.181 15.360  1.00 7.60  ? 65  TYR A CB  1 
ATOM   497  C  CG  . TYR A 1 65 ? -2.705  -11.210 14.320  1.00 7.55  ? 65  TYR A CG  1 
ATOM   498  C  CD1 . TYR A 1 65 ? -4.016  -11.306 13.850  1.00 9.08  ? 65  TYR A CD1 1 
ATOM   499  C  CD2 . TYR A 1 65 ? -1.769  -12.130 13.854  1.00 9.03  ? 65  TYR A CD2 1 
ATOM   500  C  CE1 . TYR A 1 65 ? -4.384  -12.294 12.948  1.00 9.87  ? 65  TYR A CE1 1 
ATOM   501  C  CE2 . TYR A 1 65 ? -2.126  -13.126 12.953  1.00 9.50  ? 65  TYR A CE2 1 
ATOM   502  C  CZ  . TYR A 1 65 ? -3.438  -13.204 12.506  1.00 10.98 ? 65  TYR A CZ  1 
ATOM   503  O  OH  . TYR A 1 65 ? -3.806  -14.209 11.644  1.00 10.12 ? 65  TYR A OH  1 
ATOM   504  N  N   . GLU A 1 66 ? -0.815  -11.646 17.685  1.00 9.11  ? 66  GLU A N   1 
ATOM   505  C  CA  . GLU A 1 66 ? 0.018   -12.767 18.104  1.00 9.18  ? 66  GLU A CA  1 
ATOM   506  C  C   . GLU A 1 66 ? -0.432  -13.461 19.382  1.00 11.21 ? 66  GLU A C   1 
ATOM   507  O  O   . GLU A 1 66 ? -0.033  -14.594 19.659  1.00 11.07 ? 66  GLU A O   1 
ATOM   508  C  CB  . GLU A 1 66 ? 1.465   -12.292 18.233  1.00 10.74 ? 66  GLU A CB  1 
ATOM   509  C  CG  . GLU A 1 66 ? 2.076   -11.952 16.885  1.00 10.48 ? 66  GLU A CG  1 
ATOM   510  C  CD  . GLU A 1 66 ? 3.385   -11.209 16.997  1.00 10.95 ? 66  GLU A CD  1 
ATOM   511  O  OE1 . GLU A 1 66 ? 4.085   -11.387 18.015  1.00 12.31 ? 66  GLU A OE1 1 
ATOM   512  O  OE2 . GLU A 1 66 ? 3.718   -10.456 16.058  1.00 11.80 ? 66  GLU A OE2 1 
ATOM   513  N  N   . GLN A 1 67 ? -1.267  -12.778 20.151  1.00 13.09 ? 67  GLN A N   1 
ATOM   514  C  CA  . GLN A 1 67 ? -1.785  -13.329 21.392  1.00 16.45 ? 67  GLN A CA  1 
ATOM   515  C  C   . GLN A 1 67 ? -2.689  -14.520 21.075  1.00 17.29 ? 67  GLN A C   1 
ATOM   516  O  O   . GLN A 1 67 ? -2.828  -15.443 21.883  1.00 17.28 ? 67  GLN A O   1 
ATOM   517  C  CB  . GLN A 1 67 ? -2.563  -12.235 22.126  1.00 20.10 ? 67  GLN A CB  1 
ATOM   518  C  CG  . GLN A 1 67 ? -2.980  -12.559 23.545  1.00 28.20 ? 67  GLN A CG  1 
ATOM   519  C  CD  . GLN A 1 67 ? -3.416  -11.315 24.299  1.00 31.46 ? 67  GLN A CD  1 
ATOM   520  O  OE1 . GLN A 1 67 ? -3.920  -11.397 25.419  1.00 35.61 ? 67  GLN A OE1 1 
ATOM   521  N  NE2 . GLN A 1 67 ? -3.214  -10.152 23.686  1.00 33.50 ? 67  GLN A NE2 1 
ATOM   522  N  N   . GLU A 1 68 ? -3.277  -14.511 19.881  1.00 16.93 ? 68  GLU A N   1 
ATOM   523  C  CA  . GLU A 1 68 ? -4.184  -15.579 19.467  1.00 17.81 ? 68  GLU A CA  1 
ATOM   524  C  C   . GLU A 1 68 ? -3.760  -16.332 18.207  1.00 16.65 ? 68  GLU A C   1 
ATOM   525  O  O   . GLU A 1 68 ? -4.457  -17.253 17.768  1.00 16.10 ? 68  GLU A O   1 
ATOM   526  C  CB  . GLU A 1 68 ? -5.584  -15.002 19.259  1.00 21.15 ? 68  GLU A CB  1 
ATOM   527  C  CG  . GLU A 1 68 ? -6.130  -14.270 20.470  1.00 28.01 ? 68  GLU A CG  1 
ATOM   528  C  CD  . GLU A 1 68 ? -7.506  -13.692 20.228  1.00 31.10 ? 68  GLU A CD  1 
ATOM   529  O  OE1 . GLU A 1 68 ? -8.436  -14.475 19.939  1.00 34.09 ? 68  GLU A OE1 1 
ATOM   530  O  OE2 . GLU A 1 68 ? -7.657  -12.455 20.325  1.00 34.43 ? 68  GLU A OE2 1 
ATOM   531  N  N   . ASN A 1 69 ? -2.620  -15.953 17.635  1.00 13.54 ? 69  ASN A N   1 
ATOM   532  C  CA  . ASN A 1 69 ? -2.121  -16.581 16.415  1.00 13.13 ? 69  ASN A CA  1 
ATOM   533  C  C   . ASN A 1 69 ? -0.625  -16.853 16.487  1.00 13.57 ? 69  ASN A C   1 
ATOM   534  O  O   . ASN A 1 69 ? 0.162   -15.967 16.821  1.00 15.31 ? 69  ASN A O   1 
ATOM   535  C  CB  . ASN A 1 69 ? -2.442  -15.689 15.220  1.00 12.02 ? 69  ASN A CB  1 
ATOM   536  C  CG  . ASN A 1 69 ? -3.935  -15.511 15.026  1.00 14.00 ? 69  ASN A CG  1 
ATOM   537  O  OD1 . ASN A 1 69 ? -4.608  -16.388 14.481  1.00 14.64 ? 69  ASN A OD1 1 
ATOM   538  N  ND2 . ASN A 1 69 ? -4.467  -14.387 15.495  1.00 12.69 ? 69  ASN A ND2 1 
ATOM   539  N  N   . ASP A 1 70 ? -0.246  -18.086 16.159  1.00 15.37 ? 70  ASP A N   1 
ATOM   540  C  CA  . ASP A 1 70 ? 1.145   -18.527 16.215  1.00 16.80 ? 70  ASP A CA  1 
ATOM   541  C  C   . ASP A 1 70 ? 2.014   -18.007 15.075  1.00 15.48 ? 70  ASP A C   1 
ATOM   542  O  O   . ASP A 1 70 ? 2.447   -18.773 14.211  1.00 17.26 ? 70  ASP A O   1 
ATOM   543  C  CB  . ASP A 1 70 ? 1.202   -20.061 16.232  1.00 21.02 ? 70  ASP A CB  1 
ATOM   544  C  CG  . ASP A 1 70 ? 2.495   -20.595 16.825  1.00 26.54 ? 70  ASP A CG  1 
ATOM   545  O  OD1 . ASP A 1 70 ? 3.510   -19.870 16.805  1.00 29.35 ? 70  ASP A OD1 1 
ATOM   546  O  OD2 . ASP A 1 70 ? 2.499   -21.750 17.304  1.00 30.17 ? 70  ASP A OD2 1 
ATOM   547  N  N   . VAL A 1 71 ? 2.270   -16.705 15.079  1.00 11.83 ? 71  VAL A N   1 
ATOM   548  C  CA  . VAL A 1 71 ? 3.111   -16.084 14.061  1.00 11.97 ? 71  VAL A CA  1 
ATOM   549  C  C   . VAL A 1 71 ? 3.887   -14.936 14.696  1.00 10.81 ? 71  VAL A C   1 
ATOM   550  O  O   . VAL A 1 71 ? 3.627   -14.562 15.839  1.00 10.53 ? 71  VAL A O   1 
ATOM   551  C  CB  . VAL A 1 71 ? 2.278   -15.501 12.889  1.00 10.75 ? 71  VAL A CB  1 
ATOM   552  C  CG1 . VAL A 1 71 ? 1.438   -16.598 12.243  1.00 11.92 ? 71  VAL A CG1 1 
ATOM   553  C  CG2 . VAL A 1 71 ? 1.390   -14.359 13.389  1.00 11.41 ? 71  VAL A CG2 1 
ATOM   554  N  N   . SER A 1 72 ? 4.856   -14.404 13.959  1.00 10.58 ? 72  SER A N   1 
ATOM   555  C  CA  . SER A 1 72 ? 5.633   -13.257 14.425  1.00 9.54  ? 72  SER A CA  1 
ATOM   556  C  C   . SER A 1 72 ? 5.672   -12.245 13.295  1.00 10.23 ? 72  SER A C   1 
ATOM   557  O  O   . SER A 1 72 ? 6.329   -12.466 12.276  1.00 9.65  ? 72  SER A O   1 
ATOM   558  C  CB  . SER A 1 72 ? 7.065   -13.644 14.794  1.00 10.40 ? 72  SER A CB  1 
ATOM   559  O  OG  . SER A 1 72 ? 7.812   -12.473 15.096  1.00 9.25  ? 72  SER A OG  1 
ATOM   560  N  N   . CYS A 1 73 ? 4.955   -11.140 13.463  1.00 8.48  ? 73  CYS A N   1 
ATOM   561  C  CA  . CYS A 1 73 ? 4.933   -10.106 12.442  1.00 8.88  ? 73  CYS A CA  1 
ATOM   562  C  C   . CYS A 1 73 ? 6.327   -9.504  12.288  1.00 8.80  ? 73  CYS A C   1 
ATOM   563  O  O   . CYS A 1 73 ? 6.803   -9.286  11.172  1.00 9.45  ? 73  CYS A O   1 
ATOM   564  C  CB  . CYS A 1 73 ? 3.914   -9.029  12.815  1.00 7.26  ? 73  CYS A CB  1 
ATOM   565  S  SG  . CYS A 1 73 ? 2.225   -9.672  12.940  1.00 9.81  ? 73  CYS A SG  1 
ATOM   566  N  N   . TYR A 1 74 ? 6.986   -9.252  13.413  1.00 8.21  ? 74  TYR A N   1 
ATOM   567  C  CA  . TYR A 1 74 ? 8.330   -8.680  13.405  1.00 8.56  ? 74  TYR A CA  1 
ATOM   568  C  C   . TYR A 1 74 ? 9.328   -9.564  12.656  1.00 8.14  ? 74  TYR A C   1 
ATOM   569  O  O   . TYR A 1 74 ? 10.033  -9.100  11.757  1.00 9.16  ? 74  TYR A O   1 
ATOM   570  C  CB  . TYR A 1 74 ? 8.806   -8.465  14.846  1.00 8.35  ? 74  TYR A CB  1 
ATOM   571  C  CG  . TYR A 1 74 ? 10.278  -8.134  14.973  1.00 8.07  ? 74  TYR A CG  1 
ATOM   572  C  CD1 . TYR A 1 74 ? 10.796  -6.956  14.437  1.00 9.44  ? 74  TYR A CD1 1 
ATOM   573  C  CD2 . TYR A 1 74 ? 11.152  -9.000  15.638  1.00 10.42 ? 74  TYR A CD2 1 
ATOM   574  C  CE1 . TYR A 1 74 ? 12.154  -6.646  14.560  1.00 11.28 ? 74  TYR A CE1 1 
ATOM   575  C  CE2 . TYR A 1 74 ? 12.508  -8.698  15.767  1.00 8.92  ? 74  TYR A CE2 1 
ATOM   576  C  CZ  . TYR A 1 74 ? 12.998  -7.524  15.227  1.00 9.28  ? 74  TYR A CZ  1 
ATOM   577  O  OH  . TYR A 1 74 ? 14.330  -7.215  15.357  1.00 12.17 ? 74  TYR A OH  1 
ATOM   578  N  N   . GLN A 1 75 ? 9.388   -10.839 13.024  1.00 8.86  ? 75  GLN A N   1 
ATOM   579  C  CA  . GLN A 1 75 ? 10.322  -11.763 12.384  1.00 9.92  ? 75  GLN A CA  1 
ATOM   580  C  C   . GLN A 1 75 ? 10.097  -11.897 10.885  1.00 9.27  ? 75  GLN A C   1 
ATOM   581  O  O   . GLN A 1 75 ? 11.054  -11.984 10.114  1.00 9.93  ? 75  GLN A O   1 
ATOM   582  C  CB  . GLN A 1 75 ? 10.216  -13.156 13.007  1.00 11.30 ? 75  GLN A CB  1 
ATOM   583  C  CG  . GLN A 1 75 ? 10.893  -13.323 14.353  1.00 15.78 ? 75  GLN A CG  1 
ATOM   584  C  CD  . GLN A 1 75 ? 10.751  -14.739 14.885  1.00 18.38 ? 75  GLN A CD  1 
ATOM   585  O  OE1 . GLN A 1 75 ? 10.867  -15.707 14.132  1.00 23.09 ? 75  GLN A OE1 1 
ATOM   586  N  NE2 . GLN A 1 75 ? 10.507  -14.866 16.183  1.00 20.45 ? 75  GLN A NE2 1 
ATOM   587  N  N   . THR A 1 76 ? 8.832   -11.924 10.479  1.00 8.53  ? 76  THR A N   1 
ATOM   588  C  CA  . THR A 1 76 ? 8.489   -12.084 9.070   1.00 8.93  ? 76  THR A CA  1 
ATOM   589  C  C   . THR A 1 76 ? 8.867   -10.872 8.231   1.00 10.01 ? 76  THR A C   1 
ATOM   590  O  O   . THR A 1 76 ? 9.486   -11.018 7.174   1.00 9.77  ? 76  THR A O   1 
ATOM   591  C  CB  . THR A 1 76 ? 6.988   -12.389 8.915   1.00 9.05  ? 76  THR A CB  1 
ATOM   592  O  OG1 . THR A 1 76 ? 6.676   -13.563 9.673   1.00 9.96  ? 76  THR A OG1 1 
ATOM   593  C  CG2 . THR A 1 76 ? 6.628   -12.637 7.449   1.00 9.26  ? 76  THR A CG2 1 
ATOM   594  N  N   . ILE A 1 77 ? 8.505   -9.679  8.694   1.00 10.36 ? 77  ILE A N   1 
ATOM   595  C  CA  . ILE A 1 77 ? 8.837   -8.463  7.959   1.00 10.65 ? 77  ILE A CA  1 
ATOM   596  C  C   . ILE A 1 77 ? 10.345  -8.222  7.986   1.00 12.21 ? 77  ILE A C   1 
ATOM   597  O  O   . ILE A 1 77 ? 10.925  -7.760  7.004   1.00 13.54 ? 77  ILE A O   1 
ATOM   598  C  CB  . ILE A 1 77 ? 8.118   -7.230  8.550   1.00 11.67 ? 77  ILE A CB  1 
ATOM   599  C  CG1 . ILE A 1 77 ? 6.603   -7.434  8.481   1.00 11.54 ? 77  ILE A CG1 1 
ATOM   600  C  CG2 . ILE A 1 77 ? 8.519   -5.967  7.786   1.00 10.69 ? 77  ILE A CG2 1 
ATOM   601  C  CD1 . ILE A 1 77 ? 6.075   -7.686  7.084   1.00 16.00 ? 77  ILE A CD1 1 
ATOM   602  N  N   . LYS A 1 78 ? 10.980  -8.544  9.108   1.00 12.09 ? 78  LYS A N   1 
ATOM   603  C  CA  . LYS A 1 78 ? 12.420  -8.354  9.232   1.00 14.38 ? 78  LYS A CA  1 
ATOM   604  C  C   . LYS A 1 78 ? 13.122  -9.206  8.180   1.00 15.39 ? 78  LYS A C   1 
ATOM   605  O  O   . LYS A 1 78 ? 13.967  -8.715  7.420   1.00 15.99 ? 78  LYS A O   1 
ATOM   606  C  CB  . LYS A 1 78 ? 12.888  -8.767  10.632  1.00 16.87 ? 78  LYS A CB  1 
ATOM   607  C  CG  . LYS A 1 78 ? 14.362  -8.508  10.915  1.00 20.14 ? 78  LYS A CG  1 
ATOM   608  C  CD  . LYS A 1 78 ? 14.704  -8.893  12.347  1.00 21.50 ? 78  LYS A CD  1 
ATOM   609  C  CE  . LYS A 1 78 ? 16.166  -8.650  12.663  1.00 25.16 ? 78  LYS A CE  1 
ATOM   610  N  NZ  . LYS A 1 78 ? 16.491  -9.109  14.042  1.00 29.01 ? 78  LYS A NZ  1 
ATOM   611  N  N   . LYS A 1 79 ? 12.751  -10.481 8.133   1.00 14.28 ? 79  LYS A N   1 
ATOM   612  C  CA  . LYS A 1 79 ? 13.334  -11.426 7.188   1.00 16.07 ? 79  LYS A CA  1 
ATOM   613  C  C   . LYS A 1 79 ? 13.104  -10.955 5.755   1.00 16.35 ? 79  LYS A C   1 
ATOM   614  O  O   . LYS A 1 79 ? 14.005  -11.019 4.915   1.00 17.58 ? 79  LYS A O   1 
ATOM   615  C  CB  . LYS A 1 79 ? 12.707  -12.806 7.382   1.00 17.64 ? 79  LYS A CB  1 
ATOM   616  C  CG  . LYS A 1 79 ? 13.385  -13.925 6.607   1.00 22.72 ? 79  LYS A CG  1 
ATOM   617  C  CD  . LYS A 1 79 ? 12.526  -15.180 6.622   1.00 27.24 ? 79  LYS A CD  1 
ATOM   618  C  CE  . LYS A 1 79 ? 13.307  -16.415 6.209   1.00 29.49 ? 79  LYS A CE  1 
ATOM   619  N  NZ  . LYS A 1 79 ? 14.301  -16.811 7.248   1.00 32.83 ? 79  LYS A NZ  1 
ATOM   620  N  N   . ALA A 1 80 ? 11.893  -10.486 5.481   1.00 17.17 ? 80  ALA A N   1 
ATOM   621  C  CA  . ALA A 1 80 ? 11.540  -10.005 4.150   1.00 18.79 ? 80  ALA A CA  1 
ATOM   622  C  C   . ALA A 1 80 ? 12.393  -8.809  3.751   1.00 21.31 ? 80  ALA A C   1 
ATOM   623  O  O   . ALA A 1 80 ? 12.936  -8.761  2.646   1.00 22.39 ? 80  ALA A O   1 
ATOM   624  C  CB  . ALA A 1 80 ? 10.063  -9.627  4.110   1.00 19.31 ? 80  ALA A CB  1 
ATOM   625  N  N   . ARG A 1 81 ? 12.509  -7.844  4.659   1.00 22.22 ? 81  ARG A N   1 
ATOM   626  C  CA  . ARG A 1 81 ? 13.291  -6.638  4.409   1.00 26.41 ? 81  ARG A CA  1 
ATOM   627  C  C   . ARG A 1 81 ? 14.781  -6.892  4.211   1.00 27.86 ? 81  ARG A C   1 
ATOM   628  O  O   . ARG A 1 81 ? 15.395  -6.347  3.291   1.00 28.58 ? 81  ARG A O   1 
ATOM   629  C  CB  . ARG A 1 81 ? 13.129  -5.648  5.565   1.00 27.15 ? 81  ARG A CB  1 
ATOM   630  C  CG  . ARG A 1 81 ? 11.899  -4.767  5.499   1.00 29.86 ? 81  ARG A CG  1 
ATOM   631  C  CD  . ARG A 1 81 ? 11.931  -3.757  6.637   1.00 31.09 ? 81  ARG A CD  1 
ATOM   632  N  NE  . ARG A 1 81 ? 10.958  -2.684  6.464   1.00 33.69 ? 81  ARG A NE  1 
ATOM   633  C  CZ  . ARG A 1 81 ? 10.837  -1.651  7.290   1.00 33.59 ? 81  ARG A CZ  1 
ATOM   634  N  NH1 . ARG A 1 81 ? 11.629  -1.554  8.351   1.00 34.79 ? 81  ARG A NH1 1 
ATOM   635  N  NH2 . ARG A 1 81 ? 9.935   -0.708  7.051   1.00 34.71 ? 81  ARG A NH2 1 
ATOM   636  N  N   . GLU A 1 82 ? 15.357  -7.715  5.079   1.00 28.50 ? 82  GLU A N   1 
ATOM   637  C  CA  . GLU A 1 82 ? 16.785  -8.006  5.034   1.00 30.10 ? 82  GLU A CA  1 
ATOM   638  C  C   . GLU A 1 82 ? 17.267  -9.032  4.012   1.00 29.40 ? 82  GLU A C   1 
ATOM   639  O  O   . GLU A 1 82 ? 18.341  -8.860  3.432   1.00 31.06 ? 82  GLU A O   1 
ATOM   640  C  CB  . GLU A 1 82 ? 17.263  -8.399  6.436   1.00 31.51 ? 82  GLU A CB  1 
ATOM   641  C  CG  . GLU A 1 82 ? 17.373  -7.210  7.384   1.00 35.50 ? 82  GLU A CG  1 
ATOM   642  C  CD  . GLU A 1 82 ? 17.625  -7.618  8.823   1.00 36.73 ? 82  GLU A CD  1 
ATOM   643  O  OE1 . GLU A 1 82 ? 18.423  -8.551  9.052   1.00 39.81 ? 82  GLU A OE1 1 
ATOM   644  O  OE2 . GLU A 1 82 ? 17.034  -6.993  9.729   1.00 38.36 ? 82  GLU A OE2 1 
ATOM   645  N  N   . GLU A 1 83 ? 16.494  -10.090 3.784   1.00 27.38 ? 83  GLU A N   1 
ATOM   646  C  CA  . GLU A 1 83 ? 16.897  -11.115 2.822   1.00 26.36 ? 83  GLU A CA  1 
ATOM   647  C  C   . GLU A 1 83 ? 16.356  -10.813 1.428   1.00 24.47 ? 83  GLU A C   1 
ATOM   648  O  O   . GLU A 1 83 ? 15.276  -10.242 1.279   1.00 22.65 ? 83  GLU A O   1 
ATOM   649  C  CB  . GLU A 1 83 ? 16.439  -12.496 3.296   1.00 28.05 ? 83  GLU A CB  1 
ATOM   650  C  CG  . GLU A 1 83 ? 16.941  -12.842 4.693   1.00 31.93 ? 83  GLU A CG  1 
ATOM   651  C  CD  . GLU A 1 83 ? 16.688  -14.287 5.070   1.00 32.63 ? 83  GLU A CD  1 
ATOM   652  O  OE1 . GLU A 1 83 ? 15.586  -14.793 4.778   1.00 36.39 ? 83  GLU A OE1 1 
ATOM   653  O  OE2 . GLU A 1 83 ? 17.587  -14.914 5.669   1.00 36.49 ? 83  GLU A OE2 1 
HETATM 654  N  N   . MSE A 1 84 ? 17.111  -11.211 0.406   1.00 22.24 ? 84  MSE A N   1 
HETATM 655  C  CA  . MSE A 1 84 ? 16.740  -10.937 -0.980  1.00 20.69 ? 84  MSE A CA  1 
HETATM 656  C  C   . MSE A 1 84 ? 15.904  -11.991 -1.713  1.00 19.45 ? 84  MSE A C   1 
HETATM 657  O  O   . MSE A 1 84 ? 15.369  -11.708 -2.782  1.00 18.51 ? 84  MSE A O   1 
HETATM 658  C  CB  . MSE A 1 84 ? 18.007  -10.647 -1.793  1.00 23.31 ? 84  MSE A CB  1 
HETATM 659  C  CG  . MSE A 1 84 ? 18.910  -9.564  -1.203  1.00 26.32 ? 84  MSE A CG  1 
HETATM 660  SE SE  . MSE A 1 84 ? 18.208  -7.757  -1.302  1.00 34.43 ? 84  MSE A SE  1 
HETATM 661  C  CE  . MSE A 1 84 ? 17.246  -7.708  0.376   1.00 31.56 ? 84  MSE A CE  1 
ATOM   662  N  N   . GLU A 1 85 ? 15.791  -13.198 -1.166  1.00 18.60 ? 85  GLU A N   1 
ATOM   663  C  CA  . GLU A 1 85 ? 15.002  -14.235 -1.837  1.00 19.29 ? 85  GLU A CA  1 
ATOM   664  C  C   . GLU A 1 85 ? 13.552  -13.770 -1.999  1.00 18.46 ? 85  GLU A C   1 
ATOM   665  O  O   . GLU A 1 85 ? 12.954  -13.257 -1.056  1.00 18.91 ? 85  GLU A O   1 
ATOM   666  C  CB  . GLU A 1 85 ? 15.061  -15.548 -1.048  1.00 21.75 ? 85  GLU A CB  1 
ATOM   667  C  CG  . GLU A 1 85 ? 14.508  -15.478 0.366   1.00 27.83 ? 85  GLU A CG  1 
ATOM   668  C  CD  . GLU A 1 85 ? 14.777  -16.750 1.151   1.00 30.58 ? 85  GLU A CD  1 
ATOM   669  O  OE1 . GLU A 1 85 ? 14.503  -17.847 0.621   1.00 34.68 ? 85  GLU A OE1 1 
ATOM   670  O  OE2 . GLU A 1 85 ? 15.260  -16.655 2.299   1.00 34.44 ? 85  GLU A OE2 1 
ATOM   671  N  N   . GLU A 1 86 ? 12.989  -13.955 -3.190  1.00 16.97 ? 86  GLU A N   1 
ATOM   672  C  CA  . GLU A 1 86 ? 11.621  -13.511 -3.455  1.00 17.33 ? 86  GLU A CA  1 
ATOM   673  C  C   . GLU A 1 86 ? 10.544  -14.344 -2.769  1.00 17.53 ? 86  GLU A C   1 
ATOM   674  O  O   . GLU A 1 86 ? 9.504   -13.813 -2.386  1.00 19.55 ? 86  GLU A O   1 
ATOM   675  C  CB  . GLU A 1 86 ? 11.359  -13.468 -4.962  1.00 17.05 ? 86  GLU A CB  1 
ATOM   676  C  CG  . GLU A 1 86 ? 10.046  -12.789 -5.364  1.00 19.26 ? 86  GLU A CG  1 
ATOM   677  C  CD  . GLU A 1 86 ? 9.895   -11.375 -4.805  1.00 19.21 ? 86  GLU A CD  1 
ATOM   678  O  OE1 . GLU A 1 86 ? 10.919  -10.696 -4.583  1.00 19.77 ? 86  GLU A OE1 1 
ATOM   679  O  OE2 . GLU A 1 86 ? 8.742   -10.935 -4.604  1.00 17.47 ? 86  GLU A OE2 1 
ATOM   680  N  N   . HIS A 1 87 ? 10.771  -15.643 -2.620  1.00 17.22 ? 87  HIS A N   1 
ATOM   681  C  CA  . HIS A 1 87 ? 9.773   -16.474 -1.960  1.00 18.20 ? 87  HIS A CA  1 
ATOM   682  C  C   . HIS A 1 87 ? 10.076  -16.556 -0.473  1.00 17.84 ? 87  HIS A C   1 
ATOM   683  O  O   . HIS A 1 87 ? 11.126  -17.054 -0.066  1.00 19.08 ? 87  HIS A O   1 
ATOM   684  C  CB  . HIS A 1 87 ? 9.739   -17.879 -2.562  1.00 19.26 ? 87  HIS A CB  1 
ATOM   685  C  CG  . HIS A 1 87 ? 8.647   -18.738 -2.008  1.00 21.31 ? 87  HIS A CG  1 
ATOM   686  N  ND1 . HIS A 1 87 ? 8.809   -19.523 -0.886  1.00 24.02 ? 87  HIS A ND1 1 
ATOM   687  C  CD2 . HIS A 1 87 ? 7.359   -18.899 -2.395  1.00 22.30 ? 87  HIS A CD2 1 
ATOM   688  C  CE1 . HIS A 1 87 ? 7.669   -20.129 -0.606  1.00 21.30 ? 87  HIS A CE1 1 
ATOM   689  N  NE2 . HIS A 1 87 ? 6.772   -19.767 -1.507  1.00 23.10 ? 87  HIS A NE2 1 
ATOM   690  N  N   . ILE A 1 88 ? 9.152   -16.056 0.337   1.00 17.45 ? 88  ILE A N   1 
ATOM   691  C  CA  . ILE A 1 88 ? 9.328   -16.067 1.779   1.00 18.89 ? 88  ILE A CA  1 
ATOM   692  C  C   . ILE A 1 88 ? 8.430   -17.096 2.445   1.00 18.50 ? 88  ILE A C   1 
ATOM   693  O  O   . ILE A 1 88 ? 7.215   -17.105 2.240   1.00 17.01 ? 88  ILE A O   1 
ATOM   694  C  CB  . ILE A 1 88 ? 9.043   -14.674 2.377   1.00 21.38 ? 88  ILE A CB  1 
ATOM   695  C  CG1 . ILE A 1 88 ? 10.071  -13.674 1.844   1.00 23.64 ? 88  ILE A CG1 1 
ATOM   696  C  CG2 . ILE A 1 88 ? 9.099   -14.725 3.901   1.00 21.27 ? 88  ILE A CG2 1 
ATOM   697  C  CD1 . ILE A 1 88 ? 9.790   -12.250 2.229   1.00 27.44 ? 88  ILE A CD1 1 
ATOM   698  N  N   . GLN A 1 89 ? 9.039   -17.977 3.228   1.00 18.63 ? 89  GLN A N   1 
ATOM   699  C  CA  . GLN A 1 89 ? 8.283   -18.994 3.939   1.00 19.71 ? 89  GLN A CA  1 
ATOM   700  C  C   . GLN A 1 89 ? 8.867   -19.118 5.335   1.00 19.80 ? 89  GLN A C   1 
ATOM   701  O  O   . GLN A 1 89 ? 10.068  -19.344 5.504   1.00 18.74 ? 89  GLN A O   1 
ATOM   702  C  CB  . GLN A 1 89 ? 8.345   -20.335 3.208   1.00 23.14 ? 89  GLN A CB  1 
ATOM   703  C  CG  . GLN A 1 89 ? 7.202   -21.270 3.589   1.00 28.77 ? 89  GLN A CG  1 
ATOM   704  C  CD  . GLN A 1 89 ? 7.070   -22.448 2.648   1.00 31.72 ? 89  GLN A CD  1 
ATOM   705  O  OE1 . GLN A 1 89 ? 7.136   -22.292 1.426   1.00 34.52 ? 89  GLN A OE1 1 
ATOM   706  N  NE2 . GLN A 1 89 ? 6.869   -23.635 3.209   1.00 33.55 ? 89  GLN A NE2 1 
HETATM 707  N  N   . MSE A 1 90 ? 8.008   -18.952 6.333   1.00 17.77 ? 90  MSE A N   1 
HETATM 708  C  CA  . MSE A 1 90 ? 8.426   -19.018 7.723   1.00 19.71 ? 90  MSE A CA  1 
HETATM 709  C  C   . MSE A 1 90 ? 8.203   -20.403 8.316   1.00 20.95 ? 90  MSE A C   1 
HETATM 710  O  O   . MSE A 1 90 ? 7.388   -21.160 7.754   1.00 20.29 ? 90  MSE A O   1 
HETATM 711  C  CB  . MSE A 1 90 ? 7.649   -17.981 8.537   1.00 19.26 ? 90  MSE A CB  1 
HETATM 712  C  CG  . MSE A 1 90 ? 7.757   -16.558 8.005   1.00 19.82 ? 90  MSE A CG  1 
HETATM 713  SE SE  . MSE A 1 90 ? 9.557   -15.863 8.048   1.00 27.51 ? 90  MSE A SE  1 
HETATM 714  C  CE  . MSE A 1 90 ? 9.726   -15.638 9.958   1.00 22.40 ? 90  MSE A CE  1 
ATOM   715  N  N   . ILE B 1 9  ? -6.806  -14.239 -12.299 1.00 33.72 ? 9   ILE B N   1 
ATOM   716  C  CA  . ILE B 1 9  ? -5.770  -14.277 -13.368 1.00 33.71 ? 9   ILE B CA  1 
ATOM   717  C  C   . ILE B 1 9  ? -5.539  -12.876 -13.922 1.00 32.77 ? 9   ILE B C   1 
ATOM   718  O  O   . ILE B 1 9  ? -6.485  -12.207 -14.371 1.00 32.75 ? 9   ILE B O   1 
ATOM   719  C  CB  . ILE B 1 9  ? -6.178  -15.218 -14.516 1.00 35.07 ? 9   ILE B CB  1 
ATOM   720  C  CG1 . ILE B 1 9  ? -5.217  -15.051 -15.697 1.00 35.63 ? 9   ILE B CG1 1 
ATOM   721  C  CG2 . ILE B 1 9  ? -7.612  -14.948 -14.928 1.00 36.43 ? 9   ILE B CG2 1 
ATOM   722  C  CD1 . ILE B 1 9  ? -5.529  -15.943 -16.865 1.00 37.36 ? 9   ILE B CD1 1 
ATOM   723  N  N   . SER B 1 10 ? -4.280  -12.442 -13.928 1.00 31.67 ? 10  SER B N   1 
ATOM   724  C  CA  . SER B 1 10 ? -3.967  -11.109 -14.425 1.00 29.74 ? 10  SER B CA  1 
ATOM   725  C  C   . SER B 1 10 ? -3.727  -11.112 -15.931 1.00 27.41 ? 10  SER B C   1 
ATOM   726  O  O   . SER B 1 10 ? -3.342  -12.114 -16.530 1.00 27.71 ? 10  SER B O   1 
ATOM   727  C  CB  . SER B 1 10 ? -2.742  -10.547 -13.705 1.00 31.59 ? 10  SER B CB  1 
ATOM   728  O  OG  . SER B 1 10 ? -1.571  -10.707 -14.492 1.00 34.74 ? 10  SER B OG  1 
ATOM   729  N  N   . LEU B 1 11 ? -3.988  -9.964  -16.530 1.00 24.76 ? 11  LEU B N   1 
ATOM   730  C  CA  . LEU B 1 11 ? -3.822  -9.765  -17.958 1.00 22.22 ? 11  LEU B CA  1 
ATOM   731  C  C   . LEU B 1 11 ? -2.571  -8.944  -18.217 1.00 20.61 ? 11  LEU B C   1 
ATOM   732  O  O   . LEU B 1 11 ? -2.231  -8.055  -17.430 1.00 19.92 ? 11  LEU B O   1 
ATOM   733  C  CB  . LEU B 1 11 ? -5.023  -9.012  -18.520 1.00 24.48 ? 11  LEU B CB  1 
ATOM   734  C  CG  . LEU B 1 11 ? -5.947  -9.705  -19.516 1.00 28.69 ? 11  LEU B CG  1 
ATOM   735  C  CD1 . LEU B 1 11 ? -6.977  -8.679  -19.977 1.00 30.42 ? 11  LEU B CD1 1 
ATOM   736  C  CD2 . LEU B 1 11 ? -5.162  -10.228 -20.712 1.00 28.71 ? 11  LEU B CD2 1 
ATOM   737  N  N   . ASP B 1 12 ? -1.893  -9.234  -19.322 1.00 15.21 ? 12  ASP B N   1 
ATOM   738  C  CA  . ASP B 1 12 ? -0.703  -8.481  -19.659 1.00 14.13 ? 12  ASP B CA  1 
ATOM   739  C  C   . ASP B 1 12 ? -1.154  -7.135  -20.223 1.00 13.47 ? 12  ASP B C   1 
ATOM   740  O  O   . ASP B 1 12 ? -2.309  -6.992  -20.644 1.00 13.53 ? 12  ASP B O   1 
ATOM   741  C  CB  . ASP B 1 12 ? 0.151   -9.243  -20.669 1.00 12.94 ? 12  ASP B CB  1 
ATOM   742  C  CG  . ASP B 1 12 ? 0.733   -10.520 -20.087 1.00 15.14 ? 12  ASP B CG  1 
ATOM   743  O  OD1 . ASP B 1 12 ? 0.997   -10.547 -18.865 1.00 17.23 ? 12  ASP B OD1 1 
ATOM   744  O  OD2 . ASP B 1 12 ? 0.931   -11.496 -20.843 1.00 14.33 ? 12  ASP B OD2 1 
ATOM   745  N  N   . TRP B 1 13 ? -0.259  -6.150  -20.219 1.00 10.82 ? 13  TRP B N   1 
ATOM   746  C  CA  . TRP B 1 13 ? -0.588  -4.808  -20.690 1.00 10.30 ? 13  TRP B CA  1 
ATOM   747  C  C   . TRP B 1 13 ? -0.275  -4.513  -22.151 1.00 8.95  ? 13  TRP B C   1 
ATOM   748  O  O   . TRP B 1 13 ? 0.690   -5.018  -22.708 1.00 11.85 ? 13  TRP B O   1 
ATOM   749  C  CB  . TRP B 1 13 ? 0.150   -3.764  -19.845 1.00 8.97  ? 13  TRP B CB  1 
ATOM   750  C  CG  . TRP B 1 13 ? -0.152  -3.795  -18.372 1.00 9.52  ? 13  TRP B CG  1 
ATOM   751  C  CD1 . TRP B 1 13 ? -1.098  -4.547  -17.736 1.00 10.72 ? 13  TRP B CD1 1 
ATOM   752  C  CD2 . TRP B 1 13 ? 0.501   -3.023  -17.354 1.00 8.36  ? 13  TRP B CD2 1 
ATOM   753  N  NE1 . TRP B 1 13 ? -1.075  -4.292  -16.381 1.00 9.77  ? 13  TRP B NE1 1 
ATOM   754  C  CE2 . TRP B 1 13 ? -0.103  -3.361  -16.120 1.00 9.27  ? 13  TRP B CE2 1 
ATOM   755  C  CE3 . TRP B 1 13 ? 1.537   -2.079  -17.365 1.00 8.17  ? 13  TRP B CE3 1 
ATOM   756  C  CZ2 . TRP B 1 13 ? 0.296   -2.788  -14.907 1.00 9.85  ? 13  TRP B CZ2 1 
ATOM   757  C  CZ3 . TRP B 1 13 ? 1.936   -1.505  -16.153 1.00 10.40 ? 13  TRP B CZ3 1 
ATOM   758  C  CH2 . TRP B 1 13 ? 1.313   -1.864  -14.944 1.00 8.56  ? 13  TRP B CH2 1 
ATOM   759  N  N   . SER B 1 14 ? -1.094  -3.657  -22.751 1.00 8.19  ? 14  SER B N   1 
ATOM   760  C  CA  . SER B 1 14 ? -0.881  -3.219  -24.119 1.00 7.98  ? 14  SER B CA  1 
ATOM   761  C  C   . SER B 1 14 ? 0.065   -2.026  -23.989 1.00 8.76  ? 14  SER B C   1 
ATOM   762  O  O   . SER B 1 14 ? 0.263   -1.516  -22.885 1.00 9.12  ? 14  SER B O   1 
ATOM   763  C  CB  . SER B 1 14 ? -2.202  -2.760  -24.742 1.00 8.15  ? 14  SER B CB  1 
ATOM   764  O  OG  . SER B 1 14 ? -2.698  -1.605  -24.083 1.00 9.88  ? 14  SER B OG  1 
ATOM   765  N  N   . THR B 1 15 ? 0.654   -1.576  -25.091 1.00 8.72  ? 15  THR B N   1 
ATOM   766  C  CA  . THR B 1 15 ? 1.557   -0.431  -25.010 1.00 10.75 ? 15  THR B CA  1 
ATOM   767  C  C   . THR B 1 15 ? 0.802   0.812   -24.530 1.00 10.87 ? 15  THR B C   1 
ATOM   768  O  O   . THR B 1 15 ? 1.365   1.651   -23.824 1.00 10.84 ? 15  THR B O   1 
ATOM   769  C  CB  . THR B 1 15 ? 2.223   -0.130  -26.366 1.00 12.66 ? 15  THR B CB  1 
ATOM   770  O  OG1 . THR B 1 15 ? 1.216   0.083   -27.360 1.00 14.30 ? 15  THR B OG1 1 
ATOM   771  C  CG2 . THR B 1 15 ? 3.126   -1.288  -26.786 1.00 12.71 ? 15  THR B CG2 1 
ATOM   772  N  N   . GLU B 1 16 ? -0.471  0.921   -24.895 1.00 9.77  ? 16  GLU B N   1 
ATOM   773  C  CA  . GLU B 1 16 ? -1.275  2.069   -24.482 1.00 11.68 ? 16  GLU B CA  1 
ATOM   774  C  C   . GLU B 1 16 ? -1.447  2.075   -22.971 1.00 11.50 ? 16  GLU B C   1 
ATOM   775  O  O   . GLU B 1 16 ? -1.379  3.127   -22.328 1.00 10.39 ? 16  GLU B O   1 
ATOM   776  C  CB  . GLU B 1 16 ? -2.658  2.031   -25.140 1.00 15.44 ? 16  GLU B CB  1 
ATOM   777  C  CG  . GLU B 1 16 ? -2.642  1.995   -26.658 1.00 22.82 ? 16  GLU B CG  1 
ATOM   778  C  CD  . GLU B 1 16 ? -2.762  0.585   -27.214 1.00 25.39 ? 16  GLU B CD  1 
ATOM   779  O  OE1 . GLU B 1 16 ? -1.784  -0.190  -27.133 1.00 23.94 ? 16  GLU B OE1 1 
ATOM   780  O  OE2 . GLU B 1 16 ? -3.849  0.252   -27.730 1.00 29.78 ? 16  GLU B OE2 1 
ATOM   781  N  N   . GLU B 1 17 ? -1.659  0.892   -22.405 1.00 8.80  ? 17  GLU B N   1 
ATOM   782  C  CA  . GLU B 1 17 ? -1.856  0.775   -20.968 1.00 7.85  ? 17  GLU B CA  1 
ATOM   783  C  C   . GLU B 1 17 ? -0.581  1.123   -20.213 1.00 8.48  ? 17  GLU B C   1 
ATOM   784  O  O   . GLU B 1 17 ? -0.638  1.746   -19.152 1.00 7.81  ? 17  GLU B O   1 
ATOM   785  C  CB  . GLU B 1 17 ? -2.350  -0.627  -20.621 1.00 7.85  ? 17  GLU B CB  1 
ATOM   786  C  CG  . GLU B 1 17 ? -3.742  -0.892  -21.187 1.00 9.82  ? 17  GLU B CG  1 
ATOM   787  C  CD  . GLU B 1 17 ? -4.262  -2.285  -20.894 1.00 12.19 ? 17  GLU B CD  1 
ATOM   788  O  OE1 . GLU B 1 17 ? -3.524  -3.265  -21.133 1.00 11.27 ? 17  GLU B OE1 1 
ATOM   789  O  OE2 . GLU B 1 17 ? -5.421  -2.397  -20.436 1.00 16.18 ? 17  GLU B OE2 1 
ATOM   790  N  N   . VAL B 1 18 ? 0.569   0.738   -20.764 1.00 7.92  ? 18  VAL B N   1 
ATOM   791  C  CA  . VAL B 1 18 ? 1.839   1.063   -20.119 1.00 6.98  ? 18  VAL B CA  1 
ATOM   792  C  C   . VAL B 1 18 ? 1.945   2.580   -19.996 1.00 7.94  ? 18  VAL B C   1 
ATOM   793  O  O   . VAL B 1 18 ? 2.302   3.107   -18.943 1.00 8.60  ? 18  VAL B O   1 
ATOM   794  C  CB  . VAL B 1 18 ? 3.043   0.550   -20.942 1.00 6.59  ? 18  VAL B CB  1 
ATOM   795  C  CG1 . VAL B 1 18 ? 4.348   1.121   -20.377 1.00 6.79  ? 18  VAL B CG1 1 
ATOM   796  C  CG2 . VAL B 1 18 ? 3.077   -0.967  -20.910 1.00 7.63  ? 18  VAL B CG2 1 
ATOM   797  N  N   . ILE B 1 19 ? 1.622   3.283   -21.078 1.00 7.50  ? 19  ILE B N   1 
ATOM   798  C  CA  . ILE B 1 19 ? 1.695   4.736   -21.079 1.00 8.79  ? 19  ILE B CA  1 
ATOM   799  C  C   . ILE B 1 19 ? 0.723   5.354   -20.070 1.00 8.75  ? 19  ILE B C   1 
ATOM   800  O  O   . ILE B 1 19 ? 1.058   6.332   -19.400 1.00 8.03  ? 19  ILE B O   1 
ATOM   801  C  CB  . ILE B 1 19 ? 1.411   5.303   -22.484 1.00 10.58 ? 19  ILE B CB  1 
ATOM   802  C  CG1 . ILE B 1 19 ? 2.390   4.694   -23.495 1.00 13.78 ? 19  ILE B CG1 1 
ATOM   803  C  CG2 . ILE B 1 19 ? 1.497   6.826   -22.468 1.00 10.37 ? 19  ILE B CG2 1 
ATOM   804  C  CD1 . ILE B 1 19 ? 3.837   4.684   -23.061 1.00 14.85 ? 19  ILE B CD1 1 
ATOM   805  N  N   . ASP B 1 20 ? -0.476  4.787   -19.952 1.00 8.49  ? 20  ASP B N   1 
ATOM   806  C  CA  . ASP B 1 20 ? -1.446  5.318   -19.000 1.00 9.40  ? 20  ASP B CA  1 
ATOM   807  C  C   . ASP B 1 20 ? -0.935  5.180   -17.569 1.00 9.48  ? 20  ASP B C   1 
ATOM   808  O  O   . ASP B 1 20 ? -1.193  6.043   -16.723 1.00 9.33  ? 20  ASP B O   1 
ATOM   809  C  CB  . ASP B 1 20 ? -2.798  4.608   -19.142 1.00 10.73 ? 20  ASP B CB  1 
ATOM   810  C  CG  . ASP B 1 20 ? -3.497  4.954   -20.443 1.00 15.25 ? 20  ASP B CG  1 
ATOM   811  O  OD1 . ASP B 1 20 ? -3.212  6.036   -20.993 1.00 16.80 ? 20  ASP B OD1 1 
ATOM   812  O  OD2 . ASP B 1 20 ? -4.335  4.153   -20.907 1.00 16.26 ? 20  ASP B OD2 1 
ATOM   813  N  N   . VAL B 1 21 ? -0.208  4.100   -17.298 1.00 8.28  ? 21  VAL B N   1 
ATOM   814  C  CA  . VAL B 1 21 ? 0.346   3.886   -15.965 1.00 8.03  ? 21  VAL B CA  1 
ATOM   815  C  C   . VAL B 1 21 ? 1.487   4.878   -15.747 1.00 8.87  ? 21  VAL B C   1 
ATOM   816  O  O   . VAL B 1 21 ? 1.649   5.421   -14.653 1.00 8.71  ? 21  VAL B O   1 
ATOM   817  C  CB  . VAL B 1 21 ? 0.843   2.429   -15.797 1.00 8.28  ? 21  VAL B CB  1 
ATOM   818  C  CG1 . VAL B 1 21 ? 1.609   2.274   -14.483 1.00 8.65  ? 21  VAL B CG1 1 
ATOM   819  C  CG2 . VAL B 1 21 ? -0.356  1.484   -15.812 1.00 9.19  ? 21  VAL B CG2 1 
ATOM   820  N  N   . VAL B 1 22 ? 2.271   5.130   -16.791 1.00 8.03  ? 22  VAL B N   1 
ATOM   821  C  CA  . VAL B 1 22 ? 3.354   6.100   -16.672 1.00 7.53  ? 22  VAL B CA  1 
ATOM   822  C  C   . VAL B 1 22 ? 2.745   7.461   -16.338 1.00 7.96  ? 22  VAL B C   1 
ATOM   823  O  O   . VAL B 1 22 ? 3.226   8.172   -15.451 1.00 8.52  ? 22  VAL B O   1 
ATOM   824  C  CB  . VAL B 1 22 ? 4.164   6.217   -17.987 1.00 6.44  ? 22  VAL B CB  1 
ATOM   825  C  CG1 . VAL B 1 22 ? 5.152   7.376   -17.893 1.00 8.28  ? 22  VAL B CG1 1 
ATOM   826  C  CG2 . VAL B 1 22 ? 4.904   4.912   -18.259 1.00 7.90  ? 22  VAL B CG2 1 
ATOM   827  N  N   . HIS B 1 23 ? 1.673   7.816   -17.043 1.00 8.24  ? 23  HIS B N   1 
ATOM   828  C  CA  . HIS B 1 23 ? 1.006   9.093   -16.812 1.00 9.26  ? 23  HIS B CA  1 
ATOM   829  C  C   . HIS B 1 23 ? 0.490   9.205   -15.379 1.00 8.73  ? 23  HIS B C   1 
ATOM   830  O  O   . HIS B 1 23 ? 0.492   10.286  -14.792 1.00 9.24  ? 23  HIS B O   1 
ATOM   831  C  CB  . HIS B 1 23 ? -0.169  9.281   -17.773 1.00 9.68  ? 23  HIS B CB  1 
ATOM   832  C  CG  . HIS B 1 23 ? 0.230   9.526   -19.197 1.00 10.71 ? 23  HIS B CG  1 
ATOM   833  N  ND1 . HIS B 1 23 ? 1.509   9.883   -19.571 1.00 14.21 ? 23  HIS B ND1 1 
ATOM   834  C  CD2 . HIS B 1 23 ? -0.504  9.511   -20.334 1.00 10.13 ? 23  HIS B CD2 1 
ATOM   835  C  CE1 . HIS B 1 23 ? 1.544   10.081  -20.877 1.00 10.65 ? 23  HIS B CE1 1 
ATOM   836  N  NE2 . HIS B 1 23 ? 0.335   9.862   -21.365 1.00 14.20 ? 23  HIS B NE2 1 
ATOM   837  N  N   . PHE B 1 24 ? 0.038   8.090   -14.818 1.00 8.58  ? 24  PHE B N   1 
ATOM   838  C  CA  . PHE B 1 24 ? -0.465  8.115   -13.449 1.00 7.84  ? 24  PHE B CA  1 
ATOM   839  C  C   . PHE B 1 24 ? 0.633   8.517   -12.464 1.00 8.38  ? 24  PHE B C   1 
ATOM   840  O  O   . PHE B 1 24 ? 0.435   9.389   -11.614 1.00 7.11  ? 24  PHE B O   1 
ATOM   841  C  CB  . PHE B 1 24 ? -1.030  6.751   -13.051 1.00 7.38  ? 24  PHE B CB  1 
ATOM   842  C  CG  . PHE B 1 24 ? -1.330  6.638   -11.586 1.00 8.75  ? 24  PHE B CG  1 
ATOM   843  C  CD1 . PHE B 1 24 ? -2.423  7.300   -11.035 1.00 9.49  ? 24  PHE B CD1 1 
ATOM   844  C  CD2 . PHE B 1 24 ? -0.488  5.920   -10.748 1.00 9.59  ? 24  PHE B CD2 1 
ATOM   845  C  CE1 . PHE B 1 24 ? -2.669  7.254   -9.667  1.00 9.15  ? 24  PHE B CE1 1 
ATOM   846  C  CE2 . PHE B 1 24 ? -0.727  5.869   -9.374  1.00 10.96 ? 24  PHE B CE2 1 
ATOM   847  C  CZ  . PHE B 1 24 ? -1.820  6.539   -8.836  1.00 10.71 ? 24  PHE B CZ  1 
ATOM   848  N  N   . PHE B 1 25 ? 1.798   7.888   -12.569 1.00 8.53  ? 25  PHE B N   1 
ATOM   849  C  CA  . PHE B 1 25 ? 2.873   8.235   -11.657 1.00 7.79  ? 25  PHE B CA  1 
ATOM   850  C  C   . PHE B 1 25 ? 3.380   9.650   -11.898 1.00 8.91  ? 25  PHE B C   1 
ATOM   851  O  O   . PHE B 1 25 ? 3.808   10.324  -10.962 1.00 10.55 ? 25  PHE B O   1 
ATOM   852  C  CB  . PHE B 1 25 ? 3.993   7.188   -11.729 1.00 7.28  ? 25  PHE B CB  1 
ATOM   853  C  CG  . PHE B 1 25 ? 3.625   5.900   -11.059 1.00 8.71  ? 25  PHE B CG  1 
ATOM   854  C  CD1 . PHE B 1 25 ? 3.306   4.768   -11.804 1.00 11.07 ? 25  PHE B CD1 1 
ATOM   855  C  CD2 . PHE B 1 25 ? 3.507   5.845   -9.672  1.00 10.18 ? 25  PHE B CD2 1 
ATOM   856  C  CE1 . PHE B 1 25 ? 2.868   3.600   -11.179 1.00 10.84 ? 25  PHE B CE1 1 
ATOM   857  C  CE2 . PHE B 1 25 ? 3.069   4.680   -9.031  1.00 11.78 ? 25  PHE B CE2 1 
ATOM   858  C  CZ  . PHE B 1 25 ? 2.747   3.555   -9.785  1.00 11.49 ? 25  PHE B CZ  1 
ATOM   859  N  N   . GLN B 1 26 ? 3.305   10.118  -13.141 1.00 9.14  ? 26  GLN B N   1 
ATOM   860  C  CA  . GLN B 1 26 ? 3.724   11.482  -13.437 1.00 9.58  ? 26  GLN B CA  1 
ATOM   861  C  C   . GLN B 1 26 ? 2.733   12.456  -12.795 1.00 10.35 ? 26  GLN B C   1 
ATOM   862  O  O   . GLN B 1 26 ? 3.109   13.567  -12.403 1.00 12.18 ? 26  GLN B O   1 
ATOM   863  C  CB  . GLN B 1 26 ? 3.814   11.695  -14.956 1.00 10.01 ? 26  GLN B CB  1 
ATOM   864  C  CG  . GLN B 1 26 ? 5.053   11.036  -15.576 1.00 10.69 ? 26  GLN B CG  1 
ATOM   865  C  CD  . GLN B 1 26 ? 5.084   11.093  -17.097 1.00 11.22 ? 26  GLN B CD  1 
ATOM   866  O  OE1 . GLN B 1 26 ? 6.142   11.283  -17.702 1.00 14.47 ? 26  GLN B OE1 1 
ATOM   867  N  NE2 . GLN B 1 26 ? 3.930   10.909  -17.719 1.00 8.50  ? 26  GLN B NE2 1 
ATOM   868  N  N   . ALA B 1 27 ? 1.472   12.036  -12.673 1.00 9.70  ? 27  ALA B N   1 
ATOM   869  C  CA  . ALA B 1 27 ? 0.444   12.873  -12.055 1.00 9.28  ? 27  ALA B CA  1 
ATOM   870  C  C   . ALA B 1 27 ? 0.730   12.985  -10.560 1.00 11.32 ? 27  ALA B C   1 
ATOM   871  O  O   . ALA B 1 27 ? 0.553   14.048  -9.969  1.00 11.37 ? 27  ALA B O   1 
ATOM   872  C  CB  . ALA B 1 27 ? -0.946  12.278  -12.291 1.00 8.66  ? 27  ALA B CB  1 
ATOM   873  N  N   . ILE B 1 28 ? 1.178   11.885  -9.953  1.00 10.19 ? 28  ILE B N   1 
ATOM   874  C  CA  . ILE B 1 28 ? 1.518   11.892  -8.533  1.00 11.76 ? 28  ILE B CA  1 
ATOM   875  C  C   . ILE B 1 28 ? 2.658   12.885  -8.310  1.00 13.41 ? 28  ILE B C   1 
ATOM   876  O  O   . ILE B 1 28 ? 2.607   13.708  -7.391  1.00 12.56 ? 28  ILE B O   1 
ATOM   877  C  CB  . ILE B 1 28 ? 1.965   10.494  -8.040  1.00 12.22 ? 28  ILE B CB  1 
ATOM   878  C  CG1 . ILE B 1 28 ? 0.782   9.522   -8.075  1.00 11.60 ? 28  ILE B CG1 1 
ATOM   879  C  CG2 . ILE B 1 28 ? 2.524   10.586  -6.618  1.00 12.99 ? 28  ILE B CG2 1 
ATOM   880  C  CD1 . ILE B 1 28 ? -0.380  9.922   -7.177  1.00 13.56 ? 28  ILE B CD1 1 
ATOM   881  N  N   . GLU B 1 29 ? 3.686   12.807  -9.151  1.00 12.78 ? 29  GLU B N   1 
ATOM   882  C  CA  . GLU B 1 29 ? 4.821   13.721  -9.030  1.00 15.92 ? 29  GLU B CA  1 
ATOM   883  C  C   . GLU B 1 29 ? 4.358   15.163  -9.175  1.00 16.40 ? 29  GLU B C   1 
ATOM   884  O  O   . GLU B 1 29 ? 4.814   16.049  -8.450  1.00 15.90 ? 29  GLU B O   1 
ATOM   885  C  CB  . GLU B 1 29 ? 5.879   13.428  -10.098 1.00 16.25 ? 29  GLU B CB  1 
ATOM   886  C  CG  . GLU B 1 29 ? 6.782   12.245  -9.803  1.00 19.27 ? 29  GLU B CG  1 
ATOM   887  C  CD  . GLU B 1 29 ? 7.469   12.333  -8.447  1.00 19.92 ? 29  GLU B CD  1 
ATOM   888  O  OE1 . GLU B 1 29 ? 7.678   13.456  -7.940  1.00 22.78 ? 29  GLU B OE1 1 
ATOM   889  O  OE2 . GLU B 1 29 ? 7.813   11.271  -7.895  1.00 18.68 ? 29  GLU B OE2 1 
ATOM   890  N  N   . GLN B 1 30 ? 3.450   15.397  -10.116 1.00 15.67 ? 30  GLN B N   1 
ATOM   891  C  CA  . GLN B 1 30 ? 2.933   16.738  -10.351 1.00 15.63 ? 30  GLN B CA  1 
ATOM   892  C  C   . GLN B 1 30 ? 2.273   17.295  -9.096  1.00 15.37 ? 30  GLN B C   1 
ATOM   893  O  O   . GLN B 1 30 ? 2.361   18.492  -8.813  1.00 14.82 ? 30  GLN B O   1 
ATOM   894  C  CB  . GLN B 1 30 ? 1.921   16.722  -11.495 1.00 16.96 ? 30  GLN B CB  1 
ATOM   895  C  CG  . GLN B 1 30 ? 1.612   18.098  -12.052 1.00 20.83 ? 30  GLN B CG  1 
ATOM   896  C  CD  . GLN B 1 30 ? 0.600   18.051  -13.173 1.00 20.91 ? 30  GLN B CD  1 
ATOM   897  O  OE1 . GLN B 1 30 ? 0.672   17.191  -14.050 1.00 24.49 ? 30  GLN B OE1 1 
ATOM   898  N  NE2 . GLN B 1 30 ? -0.346  18.985  -13.161 1.00 23.32 ? 30  GLN B NE2 1 
ATOM   899  N  N   . ALA B 1 31 ? 1.610   16.424  -8.340  1.00 13.16 ? 31  ALA B N   1 
ATOM   900  C  CA  . ALA B 1 31 ? 0.936   16.850  -7.116  1.00 13.35 ? 31  ALA B CA  1 
ATOM   901  C  C   . ALA B 1 31 ? 1.925   17.430  -6.110  1.00 15.45 ? 31  ALA B C   1 
ATOM   902  O  O   . ALA B 1 31 ? 1.569   18.307  -5.320  1.00 16.47 ? 31  ALA B O   1 
ATOM   903  C  CB  . ALA B 1 31 ? 0.188   15.676  -6.493  1.00 11.84 ? 31  ALA B CB  1 
ATOM   904  N  N   . TYR B 1 32 ? 3.159   16.936  -6.141  1.00 15.87 ? 32  TYR B N   1 
ATOM   905  C  CA  . TYR B 1 32 ? 4.197   17.404  -5.227  1.00 17.96 ? 32  TYR B CA  1 
ATOM   906  C  C   . TYR B 1 32 ? 5.033   18.535  -5.818  1.00 20.26 ? 32  TYR B C   1 
ATOM   907  O  O   . TYR B 1 32 ? 5.909   19.079  -5.143  1.00 21.71 ? 32  TYR B O   1 
ATOM   908  C  CB  . TYR B 1 32 ? 5.128   16.256  -4.831  1.00 16.25 ? 32  TYR B CB  1 
ATOM   909  C  CG  . TYR B 1 32 ? 4.525   15.255  -3.872  1.00 16.59 ? 32  TYR B CG  1 
ATOM   910  C  CD1 . TYR B 1 32 ? 3.616   14.290  -4.312  1.00 15.57 ? 32  TYR B CD1 1 
ATOM   911  C  CD2 . TYR B 1 32 ? 4.855   15.277  -2.518  1.00 16.17 ? 32  TYR B CD2 1 
ATOM   912  C  CE1 . TYR B 1 32 ? 3.055   13.374  -3.423  1.00 15.40 ? 32  TYR B CE1 1 
ATOM   913  C  CE2 . TYR B 1 32 ? 4.300   14.368  -1.624  1.00 15.21 ? 32  TYR B CE2 1 
ATOM   914  C  CZ  . TYR B 1 32 ? 3.402   13.420  -2.082  1.00 14.97 ? 32  TYR B CZ  1 
ATOM   915  O  OH  . TYR B 1 32 ? 2.852   12.522  -1.196  1.00 15.00 ? 32  TYR B OH  1 
ATOM   916  N  N   . ASP B 1 33 ? 4.767   18.882  -7.072  1.00 21.75 ? 33  ASP B N   1 
ATOM   917  C  CA  . ASP B 1 33 ? 5.508   19.952  -7.730  1.00 24.99 ? 33  ASP B CA  1 
ATOM   918  C  C   . ASP B 1 33 ? 4.678   21.232  -7.704  1.00 24.88 ? 33  ASP B C   1 
ATOM   919  O  O   . ASP B 1 33 ? 4.600   21.893  -6.669  1.00 26.17 ? 33  ASP B O   1 
ATOM   920  C  CB  . ASP B 1 33 ? 5.857   19.544  -9.166  1.00 28.17 ? 33  ASP B CB  1 
ATOM   921  C  CG  . ASP B 1 33 ? 6.842   20.496  -9.823  1.00 31.27 ? 33  ASP B CG  1 
ATOM   922  O  OD1 . ASP B 1 33 ? 7.692   21.067  -9.108  1.00 32.75 ? 33  ASP B OD1 1 
ATOM   923  O  OD2 . ASP B 1 33 ? 6.780   20.660  -11.058 1.00 34.27 ? 33  ASP B OD2 1 
ATOM   924  N  N   . GLN B 1 34 ? 4.048   21.579  -8.821  1.00 26.00 ? 34  GLN B N   1 
ATOM   925  C  CA  . GLN B 1 34 ? 3.229   22.788  -8.874  1.00 27.07 ? 34  GLN B CA  1 
ATOM   926  C  C   . GLN B 1 34 ? 1.781   22.498  -8.498  1.00 24.76 ? 34  GLN B C   1 
ATOM   927  O  O   . GLN B 1 34 ? 0.979   23.417  -8.333  1.00 25.29 ? 34  GLN B O   1 
ATOM   928  C  CB  . GLN B 1 34 ? 3.257   23.407  -10.275 1.00 29.53 ? 34  GLN B CB  1 
ATOM   929  C  CG  . GLN B 1 34 ? 2.636   22.535  -11.355 1.00 34.91 ? 34  GLN B CG  1 
ATOM   930  C  CD  . GLN B 1 34 ? 3.650   21.643  -12.041 1.00 37.32 ? 34  GLN B CD  1 
ATOM   931  O  OE1 . GLN B 1 34 ? 3.293   20.698  -12.744 1.00 40.10 ? 34  GLN B OE1 1 
ATOM   932  N  NE2 . GLN B 1 34 ? 4.926   21.951  -11.851 1.00 39.22 ? 34  GLN B NE2 1 
ATOM   933  N  N   . GLY B 1 35 ? 1.450   21.218  -8.362  1.00 22.04 ? 35  GLY B N   1 
ATOM   934  C  CA  . GLY B 1 35 ? 0.091   20.842  -8.021  1.00 20.04 ? 35  GLY B CA  1 
ATOM   935  C  C   . GLY B 1 35 ? -0.641  20.327  -9.244  1.00 19.65 ? 35  GLY B C   1 
ATOM   936  O  O   . GLY B 1 35 ? -0.168  20.480  -10.369 1.00 18.17 ? 35  GLY B O   1 
ATOM   937  N  N   . ILE B 1 36 ? -1.802  19.721  -9.030  1.00 18.69 ? 36  ILE B N   1 
ATOM   938  C  CA  . ILE B 1 36 ? -2.584  19.178  -10.130 1.00 16.80 ? 36  ILE B CA  1 
ATOM   939  C  C   . ILE B 1 36 ? -4.074  19.304  -9.839  1.00 17.18 ? 36  ILE B C   1 
ATOM   940  O  O   . ILE B 1 36 ? -4.495  19.257  -8.680  1.00 17.86 ? 36  ILE B O   1 
ATOM   941  C  CB  . ILE B 1 36 ? -2.229  17.687  -10.354 1.00 16.46 ? 36  ILE B CB  1 
ATOM   942  C  CG1 . ILE B 1 36 ? -2.967  17.139  -11.576 1.00 15.34 ? 36  ILE B CG1 1 
ATOM   943  C  CG2 . ILE B 1 36 ? -2.587  16.882  -9.110  1.00 16.29 ? 36  ILE B CG2 1 
ATOM   944  C  CD1 . ILE B 1 36 ? -2.483  15.764  -12.020 1.00 14.88 ? 36  ILE B CD1 1 
ATOM   945  N  N   . ALA B 1 37 ? -4.867  19.475  -10.892 1.00 16.75 ? 37  ALA B N   1 
ATOM   946  C  CA  . ALA B 1 37 ? -6.311  19.592  -10.740 1.00 17.38 ? 37  ALA B CA  1 
ATOM   947  C  C   . ALA B 1 37 ? -6.855  18.263  -10.230 1.00 17.27 ? 37  ALA B C   1 
ATOM   948  O  O   . ALA B 1 37 ? -6.427  17.199  -10.678 1.00 16.42 ? 37  ALA B O   1 
ATOM   949  C  CB  . ALA B 1 37 ? -6.956  19.943  -12.076 1.00 16.89 ? 37  ALA B CB  1 
ATOM   950  N  N   . ARG B 1 38 ? -7.794  18.335  -9.291  1.00 16.42 ? 38  ARG B N   1 
ATOM   951  C  CA  . ARG B 1 38 ? -8.402  17.142  -8.712  1.00 16.54 ? 38  ARG B CA  1 
ATOM   952  C  C   . ARG B 1 38 ? -8.994  16.244  -9.795  1.00 16.96 ? 38  ARG B C   1 
ATOM   953  O  O   . ARG B 1 38 ? -8.815  15.025  -9.776  1.00 15.57 ? 38  ARG B O   1 
ATOM   954  C  CB  . ARG B 1 38 ? -9.508  17.539  -7.732  1.00 15.71 ? 38  ARG B CB  1 
ATOM   955  C  CG  . ARG B 1 38 ? -10.151 16.350  -7.040  1.00 14.32 ? 38  ARG B CG  1 
ATOM   956  C  CD  . ARG B 1 38 ? -11.459 16.710  -6.357  1.00 14.83 ? 38  ARG B CD  1 
ATOM   957  N  NE  . ARG B 1 38 ? -11.940 15.583  -5.561  1.00 15.04 ? 38  ARG B NE  1 
ATOM   958  C  CZ  . ARG B 1 38 ? -13.167 15.478  -5.063  1.00 16.36 ? 38  ARG B CZ  1 
ATOM   959  N  NH1 . ARG B 1 38 ? -14.064 16.432  -5.279  1.00 17.39 ? 38  ARG B NH1 1 
ATOM   960  N  NH2 . ARG B 1 38 ? -13.495 14.415  -4.341  1.00 16.06 ? 38  ARG B NH2 1 
ATOM   961  N  N   . GLU B 1 39 ? -9.708  16.855  -10.735 1.00 18.76 ? 39  GLU B N   1 
ATOM   962  C  CA  . GLU B 1 39 ? -10.336 16.118  -11.825 1.00 20.08 ? 39  GLU B CA  1 
ATOM   963  C  C   . GLU B 1 39 ? -9.307  15.360  -12.660 1.00 19.10 ? 39  GLU B C   1 
ATOM   964  O  O   . GLU B 1 39 ? -9.546  14.227  -13.081 1.00 18.28 ? 39  GLU B O   1 
ATOM   965  C  CB  . GLU B 1 39 ? -11.120 17.081  -12.723 1.00 24.12 ? 39  GLU B CB  1 
ATOM   966  C  CG  . GLU B 1 39 ? -10.332 18.317  -13.143 1.00 29.39 ? 39  GLU B CG  1 
ATOM   967  C  CD  . GLU B 1 39 ? -10.582 19.520  -12.241 1.00 32.43 ? 39  GLU B CD  1 
ATOM   968  O  OE1 . GLU B 1 39 ? -10.464 19.389  -11.001 1.00 31.93 ? 39  GLU B OE1 1 
ATOM   969  O  OE2 . GLU B 1 39 ? -10.889 20.606  -12.781 1.00 34.66 ? 39  GLU B OE2 1 
ATOM   970  N  N   . ASP B 1 40 ? -8.165  15.997  -12.893 1.00 17.54 ? 40  ASP B N   1 
ATOM   971  C  CA  . ASP B 1 40 ? -7.083  15.411  -13.676 1.00 17.32 ? 40  ASP B CA  1 
ATOM   972  C  C   . ASP B 1 40 ? -6.506  14.193  -12.963 1.00 15.75 ? 40  ASP B C   1 
ATOM   973  O  O   . ASP B 1 40 ? -6.405  13.108  -13.538 1.00 15.39 ? 40  ASP B O   1 
ATOM   974  C  CB  . ASP B 1 40 ? -5.984  16.458  -13.890 1.00 18.26 ? 40  ASP B CB  1 
ATOM   975  C  CG  . ASP B 1 40 ? -4.835  15.946  -14.745 1.00 21.43 ? 40  ASP B CG  1 
ATOM   976  O  OD1 . ASP B 1 40 ? -4.855  14.764  -15.150 1.00 24.05 ? 40  ASP B OD1 1 
ATOM   977  O  OD2 . ASP B 1 40 ? -3.901  16.734  -15.011 1.00 23.78 ? 40  ASP B OD2 1 
ATOM   978  N  N   . LEU B 1 41 ? -6.136  14.381  -11.701 1.00 14.77 ? 41  LEU B N   1 
ATOM   979  C  CA  . LEU B 1 41 ? -5.555  13.306  -10.911 1.00 13.38 ? 41  LEU B CA  1 
ATOM   980  C  C   . LEU B 1 41 ? -6.500  12.116  -10.775 1.00 13.13 ? 41  LEU B C   1 
ATOM   981  O  O   . LEU B 1 41 ? -6.093  10.969  -10.967 1.00 13.02 ? 41  LEU B O   1 
ATOM   982  C  CB  . LEU B 1 41 ? -5.167  13.826  -9.525  1.00 13.86 ? 41  LEU B CB  1 
ATOM   983  C  CG  . LEU B 1 41 ? -4.488  12.822  -8.590  1.00 12.65 ? 41  LEU B CG  1 
ATOM   984  C  CD1 . LEU B 1 41 ? -3.233  12.269  -9.244  1.00 12.11 ? 41  LEU B CD1 1 
ATOM   985  C  CD2 . LEU B 1 41 ? -4.149  13.509  -7.270  1.00 13.70 ? 41  LEU B CD2 1 
ATOM   986  N  N   . LEU B 1 42 ? -7.760  12.381  -10.445 1.00 12.91 ? 42  LEU B N   1 
ATOM   987  C  CA  . LEU B 1 42 ? -8.727  11.302  -10.295 1.00 12.43 ? 42  LEU B CA  1 
ATOM   988  C  C   . LEU B 1 42 ? -8.945  10.569  -11.614 1.00 10.75 ? 42  LEU B C   1 
ATOM   989  O  O   . LEU B 1 42 ? -9.170  9.363   -11.626 1.00 10.84 ? 42  LEU B O   1 
ATOM   990  C  CB  . LEU B 1 42 ? -10.057 11.839  -9.749  1.00 12.55 ? 42  LEU B CB  1 
ATOM   991  C  CG  . LEU B 1 42 ? -10.028 12.279  -8.279  1.00 14.13 ? 42  LEU B CG  1 
ATOM   992  C  CD1 . LEU B 1 42 ? -11.422 12.723  -7.853  1.00 13.30 ? 42  LEU B CD1 1 
ATOM   993  C  CD2 . LEU B 1 42 ? -9.545  11.134  -7.395  1.00 14.81 ? 42  LEU B CD2 1 
ATOM   994  N  N   . GLY B 1 43 ? -8.869  11.300  -12.724 1.00 11.86 ? 43  GLY B N   1 
ATOM   995  C  CA  . GLY B 1 43 ? -9.041  10.675  -14.025 1.00 11.91 ? 43  GLY B CA  1 
ATOM   996  C  C   . GLY B 1 43 ? -7.899  9.710   -14.294 1.00 11.68 ? 43  GLY B C   1 
ATOM   997  O  O   . GLY B 1 43 ? -8.107  8.605   -14.800 1.00 11.89 ? 43  GLY B O   1 
ATOM   998  N  N   . LYS B 1 44 ? -6.687  10.128  -13.945 1.00 11.70 ? 44  LYS B N   1 
ATOM   999  C  CA  . LYS B 1 44 ? -5.502  9.298   -14.140 1.00 11.26 ? 44  LYS B CA  1 
ATOM   1000 C  C   . LYS B 1 44 ? -5.585  8.063   -13.240 1.00 10.72 ? 44  LYS B C   1 
ATOM   1001 O  O   . LYS B 1 44 ? -5.170  6.969   -13.632 1.00 10.65 ? 44  LYS B O   1 
ATOM   1002 C  CB  . LYS B 1 44 ? -4.239  10.099  -13.809 1.00 15.41 ? 44  LYS B CB  1 
ATOM   1003 C  CG  . LYS B 1 44 ? -4.029  11.340  -14.675 1.00 18.82 ? 44  LYS B CG  1 
ATOM   1004 C  CD  . LYS B 1 44 ? -3.572  10.982  -16.078 1.00 22.00 ? 44  LYS B CD  1 
ATOM   1005 C  CE  . LYS B 1 44 ? -3.523  12.210  -16.990 1.00 21.93 ? 44  LYS B CE  1 
ATOM   1006 N  NZ  . LYS B 1 44 ? -2.625  13.295  -16.492 1.00 23.12 ? 44  LYS B NZ  1 
ATOM   1007 N  N   . TYR B 1 45 ? -6.120  8.245   -12.032 1.00 9.77  ? 45  TYR B N   1 
ATOM   1008 C  CA  . TYR B 1 45 ? -6.271  7.138   -11.084 1.00 9.90  ? 45  TYR B CA  1 
ATOM   1009 C  C   . TYR B 1 45 ? -7.339  6.160   -11.565 1.00 10.25 ? 45  TYR B C   1 
ATOM   1010 O  O   . TYR B 1 45 ? -7.170  4.943   -11.475 1.00 8.93  ? 45  TYR B O   1 
ATOM   1011 C  CB  . TYR B 1 45 ? -6.658  7.659   -9.691  1.00 10.27 ? 45  TYR B CB  1 
ATOM   1012 C  CG  . TYR B 1 45 ? -6.787  6.552   -8.663  1.00 12.08 ? 45  TYR B CG  1 
ATOM   1013 C  CD1 . TYR B 1 45 ? -5.702  5.725   -8.373  1.00 12.81 ? 45  TYR B CD1 1 
ATOM   1014 C  CD2 . TYR B 1 45 ? -7.995  6.309   -8.007  1.00 13.35 ? 45  TYR B CD2 1 
ATOM   1015 C  CE1 . TYR B 1 45 ? -5.810  4.680   -7.457  1.00 15.15 ? 45  TYR B CE1 1 
ATOM   1016 C  CE2 . TYR B 1 45 ? -8.113  5.259   -7.086  1.00 13.31 ? 45  TYR B CE2 1 
ATOM   1017 C  CZ  . TYR B 1 45 ? -7.014  4.452   -6.820  1.00 14.56 ? 45  TYR B CZ  1 
ATOM   1018 O  OH  . TYR B 1 45 ? -7.106  3.414   -5.921  1.00 17.73 ? 45  TYR B OH  1 
ATOM   1019 N  N   . ARG B 1 46 ? -8.453  6.692   -12.056 1.00 9.77  ? 46  ARG B N   1 
ATOM   1020 C  CA  . ARG B 1 46 ? -9.519  5.838   -12.556 1.00 10.25 ? 46  ARG B CA  1 
ATOM   1021 C  C   . ARG B 1 46 ? -8.961  4.923   -13.643 1.00 10.20 ? 46  ARG B C   1 
ATOM   1022 O  O   . ARG B 1 46 ? -9.217  3.722   -13.648 1.00 10.72 ? 46  ARG B O   1 
ATOM   1023 C  CB  . ARG B 1 46 ? -10.655 6.683   -13.135 1.00 12.63 ? 46  ARG B CB  1 
ATOM   1024 C  CG  . ARG B 1 46 ? -11.718 5.858   -13.838 1.00 18.04 ? 46  ARG B CG  1 
ATOM   1025 C  CD  . ARG B 1 46 ? -12.737 6.734   -14.535 1.00 22.25 ? 46  ARG B CD  1 
ATOM   1026 N  NE  . ARG B 1 46 ? -13.608 5.949   -15.405 1.00 26.41 ? 46  ARG B NE  1 
ATOM   1027 C  CZ  . ARG B 1 46 ? -14.635 6.451   -16.082 1.00 28.60 ? 46  ARG B CZ  1 
ATOM   1028 N  NH1 . ARG B 1 46 ? -14.926 7.741   -15.986 1.00 30.69 ? 46  ARG B NH1 1 
ATOM   1029 N  NH2 . ARG B 1 46 ? -15.368 5.664   -16.859 1.00 31.34 ? 46  ARG B NH2 1 
ATOM   1030 N  N   . ARG B 1 47 ? -8.187  5.503   -14.556 1.00 9.75  ? 47  ARG B N   1 
ATOM   1031 C  CA  . ARG B 1 47 ? -7.599  4.732   -15.649 1.00 9.99  ? 47  ARG B CA  1 
ATOM   1032 C  C   . ARG B 1 47 ? -6.602  3.715   -15.097 1.00 9.22  ? 47  ARG B C   1 
ATOM   1033 O  O   . ARG B 1 47 ? -6.573  2.562   -15.531 1.00 9.02  ? 47  ARG B O   1 
ATOM   1034 C  CB  . ARG B 1 47 ? -6.916  5.675   -16.641 1.00 9.34  ? 47  ARG B CB  1 
ATOM   1035 C  CG  . ARG B 1 47 ? -6.260  4.978   -17.819 1.00 12.57 ? 47  ARG B CG  1 
ATOM   1036 C  CD  . ARG B 1 47 ? -7.225  4.068   -18.559 1.00 14.52 ? 47  ARG B CD  1 
ATOM   1037 N  NE  . ARG B 1 47 ? -6.572  3.458   -19.711 1.00 17.64 ? 47  ARG B NE  1 
ATOM   1038 C  CZ  . ARG B 1 47 ? -6.916  2.291   -20.242 1.00 16.26 ? 47  ARG B CZ  1 
ATOM   1039 N  NH1 . ARG B 1 47 ? -7.916  1.588   -19.729 1.00 19.92 ? 47  ARG B NH1 1 
ATOM   1040 N  NH2 . ARG B 1 47 ? -6.243  1.820   -21.284 1.00 19.19 ? 47  ARG B NH2 1 
ATOM   1041 N  N   . PHE B 1 48 ? -5.800  4.145   -14.129 1.00 8.97  ? 48  PHE B N   1 
ATOM   1042 C  CA  . PHE B 1 48 ? -4.824  3.262   -13.497 1.00 8.37  ? 48  PHE B CA  1 
ATOM   1043 C  C   . PHE B 1 48 ? -5.526  2.037   -12.908 1.00 9.19  ? 48  PHE B C   1 
ATOM   1044 O  O   . PHE B 1 48 ? -5.050  0.912   -13.051 1.00 9.29  ? 48  PHE B O   1 
ATOM   1045 C  CB  . PHE B 1 48 ? -4.079  4.018   -12.393 1.00 8.05  ? 48  PHE B CB  1 
ATOM   1046 C  CG  . PHE B 1 48 ? -3.203  3.147   -11.532 1.00 7.64  ? 48  PHE B CG  1 
ATOM   1047 C  CD1 . PHE B 1 48 ? -1.922  2.795   -11.946 1.00 8.78  ? 48  PHE B CD1 1 
ATOM   1048 C  CD2 . PHE B 1 48 ? -3.653  2.706   -10.290 1.00 9.81  ? 48  PHE B CD2 1 
ATOM   1049 C  CE1 . PHE B 1 48 ? -1.096  2.020   -11.130 1.00 9.43  ? 48  PHE B CE1 1 
ATOM   1050 C  CE2 . PHE B 1 48 ? -2.840  1.932   -9.467  1.00 11.01 ? 48  PHE B CE2 1 
ATOM   1051 C  CZ  . PHE B 1 48 ? -1.557  1.588   -9.888  1.00 9.05  ? 48  PHE B CZ  1 
ATOM   1052 N  N   . LYS B 1 49 ? -6.669  2.252   -12.261 1.00 9.81  ? 49  LYS B N   1 
ATOM   1053 C  CA  . LYS B 1 49 ? -7.401  1.145   -11.657 1.00 10.43 ? 49  LYS B CA  1 
ATOM   1054 C  C   . LYS B 1 49 ? -8.096  0.231   -12.660 1.00 11.45 ? 49  LYS B C   1 
ATOM   1055 O  O   . LYS B 1 49 ? -8.419  -0.914  -12.339 1.00 12.54 ? 49  LYS B O   1 
ATOM   1056 C  CB  . LYS B 1 49 ? -8.400  1.664   -10.622 1.00 11.68 ? 49  LYS B CB  1 
ATOM   1057 C  CG  . LYS B 1 49 ? -7.729  2.208   -9.365  1.00 13.24 ? 49  LYS B CG  1 
ATOM   1058 C  CD  . LYS B 1 49 ? -6.807  1.166   -8.719  1.00 14.18 ? 49  LYS B CD  1 
ATOM   1059 C  CE  . LYS B 1 49 ? -7.577  -0.054  -8.219  1.00 16.55 ? 49  LYS B CE  1 
ATOM   1060 N  NZ  . LYS B 1 49 ? -6.686  -1.088  -7.605  1.00 16.04 ? 49  LYS B NZ  1 
ATOM   1061 N  N   . GLU B 1 50 ? -8.330  0.730   -13.869 1.00 11.69 ? 50  GLU B N   1 
ATOM   1062 C  CA  . GLU B 1 50 ? -8.937  -0.100  -14.902 1.00 12.86 ? 50  GLU B CA  1 
ATOM   1063 C  C   . GLU B 1 50 ? -7.881  -1.115  -15.327 1.00 13.21 ? 50  GLU B C   1 
ATOM   1064 O  O   . GLU B 1 50 ? -8.178  -2.277  -15.603 1.00 13.48 ? 50  GLU B O   1 
ATOM   1065 C  CB  . GLU B 1 50 ? -9.339  0.754   -16.108 1.00 15.47 ? 50  GLU B CB  1 
ATOM   1066 C  CG  . GLU B 1 50 ? -10.632 1.529   -15.925 1.00 21.26 ? 50  GLU B CG  1 
ATOM   1067 C  CD  . GLU B 1 50 ? -10.896 2.499   -17.064 1.00 24.91 ? 50  GLU B CD  1 
ATOM   1068 O  OE1 . GLU B 1 50 ? -10.450 2.222   -18.199 1.00 25.51 ? 50  GLU B OE1 1 
ATOM   1069 O  OE2 . GLU B 1 50 ? -11.562 3.529   -16.824 1.00 27.46 ? 50  GLU B OE2 1 
ATOM   1070 N  N   . ILE B 1 51 ? -6.634  -0.657  -15.350 1.00 10.36 ? 51  ILE B N   1 
ATOM   1071 C  CA  . ILE B 1 51 ? -5.496  -1.471  -15.755 1.00 10.73 ? 51  ILE B CA  1 
ATOM   1072 C  C   . ILE B 1 51 ? -4.961  -2.338  -14.621 1.00 11.64 ? 51  ILE B C   1 
ATOM   1073 O  O   . ILE B 1 51 ? -4.514  -3.467  -14.850 1.00 10.12 ? 51  ILE B O   1 
ATOM   1074 C  CB  . ILE B 1 51 ? -4.365  -0.560  -16.281 1.00 10.48 ? 51  ILE B CB  1 
ATOM   1075 C  CG1 . ILE B 1 51 ? -4.877  0.235   -17.486 1.00 9.96  ? 51  ILE B CG1 1 
ATOM   1076 C  CG2 . ILE B 1 51 ? -3.133  -1.388  -16.647 1.00 10.99 ? 51  ILE B CG2 1 
ATOM   1077 C  CD1 . ILE B 1 51 ? -4.006  1.423   -17.870 1.00 10.66 ? 51  ILE B CD1 1 
ATOM   1078 N  N   . VAL B 1 52 ? -5.018  -1.799  -13.405 1.00 9.49  ? 52  VAL B N   1 
ATOM   1079 C  CA  . VAL B 1 52 ? -4.538  -2.484  -12.210 1.00 10.75 ? 52  VAL B CA  1 
ATOM   1080 C  C   . VAL B 1 52 ? -5.685  -2.610  -11.208 1.00 12.12 ? 52  VAL B C   1 
ATOM   1081 O  O   . VAL B 1 52 ? -5.739  -1.892  -10.210 1.00 12.62 ? 52  VAL B O   1 
ATOM   1082 C  CB  . VAL B 1 52 ? -3.378  -1.693  -11.554 1.00 9.74  ? 52  VAL B CB  1 
ATOM   1083 C  CG1 . VAL B 1 52 ? -2.799  -2.478  -10.372 1.00 11.44 ? 52  VAL B CG1 1 
ATOM   1084 C  CG2 . VAL B 1 52 ? -2.298  -1.410  -12.585 1.00 9.80  ? 52  VAL B CG2 1 
ATOM   1085 N  N   . PRO B 1 53 ? -6.634  -3.519  -11.473 1.00 12.88 ? 53  PRO B N   1 
ATOM   1086 C  CA  . PRO B 1 53 ? -7.773  -3.707  -10.568 1.00 14.50 ? 53  PRO B CA  1 
ATOM   1087 C  C   . PRO B 1 53 ? -7.393  -4.364  -9.242  1.00 15.63 ? 53  PRO B C   1 
ATOM   1088 O  O   . PRO B 1 53 ? -8.103  -4.220  -8.246  1.00 18.30 ? 53  PRO B O   1 
ATOM   1089 C  CB  . PRO B 1 53 ? -8.724  -4.570  -11.394 1.00 14.26 ? 53  PRO B CB  1 
ATOM   1090 C  CG  . PRO B 1 53 ? -7.785  -5.398  -12.216 1.00 13.88 ? 53  PRO B CG  1 
ATOM   1091 C  CD  . PRO B 1 53 ? -6.767  -4.373  -12.667 1.00 14.05 ? 53  PRO B CD  1 
ATOM   1092 N  N   . SER B 1 54 ? -6.275  -5.082  -9.239  1.00 15.16 ? 54  SER B N   1 
ATOM   1093 C  CA  . SER B 1 54 ? -5.796  -5.770  -8.042  1.00 17.74 ? 54  SER B CA  1 
ATOM   1094 C  C   . SER B 1 54 ? -5.318  -4.801  -6.965  1.00 17.37 ? 54  SER B C   1 
ATOM   1095 O  O   . SER B 1 54 ? -4.491  -3.930  -7.228  1.00 15.12 ? 54  SER B O   1 
ATOM   1096 C  CB  . SER B 1 54 ? -4.647  -6.713  -8.407  1.00 18.42 ? 54  SER B CB  1 
ATOM   1097 O  OG  . SER B 1 54 ? -4.013  -7.222  -7.249  1.00 21.14 ? 54  SER B OG  1 
ATOM   1098 N  N   . LYS B 1 55 ? -5.841  -4.960  -5.754  1.00 17.46 ? 55  LYS B N   1 
ATOM   1099 C  CA  . LYS B 1 55 ? -5.446  -4.113  -4.638  1.00 17.45 ? 55  LYS B CA  1 
ATOM   1100 C  C   . LYS B 1 55 ? -3.996  -4.445  -4.294  1.00 15.45 ? 55  LYS B C   1 
ATOM   1101 O  O   . LYS B 1 55 ? -3.201  -3.567  -3.955  1.00 12.73 ? 55  LYS B O   1 
ATOM   1102 C  CB  . LYS B 1 55 ? -6.340  -4.393  -3.427  1.00 22.20 ? 55  LYS B CB  1 
ATOM   1103 C  CG  . LYS B 1 55 ? -6.144  -3.432  -2.267  1.00 27.30 ? 55  LYS B CG  1 
ATOM   1104 C  CD  . LYS B 1 55 ? -6.595  -2.021  -2.626  1.00 31.44 ? 55  LYS B CD  1 
ATOM   1105 C  CE  . LYS B 1 55 ? -8.078  -1.977  -2.974  1.00 32.98 ? 55  LYS B CE  1 
ATOM   1106 N  NZ  . LYS B 1 55 ? -8.946  -2.399  -1.839  1.00 36.20 ? 55  LYS B NZ  1 
ATOM   1107 N  N   . SER B 1 56 ? -3.657  -5.725  -4.392  1.00 14.63 ? 56  SER B N   1 
ATOM   1108 C  CA  . SER B 1 56 ? -2.304  -6.176  -4.098  1.00 15.29 ? 56  SER B CA  1 
ATOM   1109 C  C   . SER B 1 56 ? -1.291  -5.607  -5.086  1.00 12.84 ? 56  SER B C   1 
ATOM   1110 O  O   . SER B 1 56 ? -0.222  -5.149  -4.686  1.00 11.15 ? 56  SER B O   1 
ATOM   1111 C  CB  . SER B 1 56 ? -2.243  -7.703  -4.110  1.00 17.32 ? 56  SER B CB  1 
ATOM   1112 O  OG  . SER B 1 56 ? -3.131  -8.244  -3.145  1.00 24.02 ? 56  SER B OG  1 
ATOM   1113 N  N   . GLU B 1 57 ? -1.625  -5.622  -6.376  1.00 12.26 ? 57  GLU B N   1 
ATOM   1114 C  CA  . GLU B 1 57 ? -0.704  -5.093  -7.381  1.00 10.92 ? 57  GLU B CA  1 
ATOM   1115 C  C   . GLU B 1 57 ? -0.527  -3.588  -7.192  1.00 10.59 ? 57  GLU B C   1 
ATOM   1116 O  O   . GLU B 1 57 ? 0.573   -3.055  -7.360  1.00 9.96  ? 57  GLU B O   1 
ATOM   1117 C  CB  . GLU B 1 57 ? -1.214  -5.382  -8.797  1.00 13.13 ? 57  GLU B CB  1 
ATOM   1118 C  CG  . GLU B 1 57 ? -0.192  -5.040  -9.870  1.00 15.62 ? 57  GLU B CG  1 
ATOM   1119 C  CD  . GLU B 1 57 ? -0.674  -5.333  -11.278 1.00 20.34 ? 57  GLU B CD  1 
ATOM   1120 O  OE1 . GLU B 1 57 ? -1.787  -5.879  -11.437 1.00 20.22 ? 57  GLU B OE1 1 
ATOM   1121 O  OE2 . GLU B 1 57 ? 0.071   -5.016  -12.228 1.00 22.96 ? 57  GLU B OE2 1 
ATOM   1122 N  N   . GLU B 1 58 ? -1.609  -2.904  -6.838  1.00 9.28  ? 58  GLU B N   1 
ATOM   1123 C  CA  . GLU B 1 58 ? -1.541  -1.467  -6.607  1.00 10.32 ? 58  GLU B CA  1 
ATOM   1124 C  C   . GLU B 1 58 ? -0.543  -1.174  -5.487  1.00 10.24 ? 58  GLU B C   1 
ATOM   1125 O  O   . GLU B 1 58 ? 0.317   -0.304  -5.615  1.00 8.65  ? 58  GLU B O   1 
ATOM   1126 C  CB  . GLU B 1 58 ? -2.919  -0.916  -6.220  1.00 11.20 ? 58  GLU B CB  1 
ATOM   1127 C  CG  . GLU B 1 58 ? -2.861  0.500   -5.644  1.00 14.32 ? 58  GLU B CG  1 
ATOM   1128 C  CD  . GLU B 1 58 ? -4.204  1.002   -5.152  1.00 18.77 ? 58  GLU B CD  1 
ATOM   1129 O  OE1 . GLU B 1 58 ? -5.123  1.141   -5.983  1.00 19.73 ? 58  GLU B OE1 1 
ATOM   1130 O  OE2 . GLU B 1 58 ? -4.341  1.263   -3.934  1.00 19.33 ? 58  GLU B OE2 1 
ATOM   1131 N  N   . LYS B 1 59 ? -0.657  -1.911  -4.387  1.00 9.32  ? 59  LYS B N   1 
ATOM   1132 C  CA  . LYS B 1 59 ? 0.233   -1.713  -3.247  1.00 9.30  ? 59  LYS B CA  1 
ATOM   1133 C  C   . LYS B 1 59 ? 1.691   -1.963  -3.607  1.00 9.82  ? 59  LYS B C   1 
ATOM   1134 O  O   . LYS B 1 59 ? 2.586   -1.261  -3.136  1.00 9.04  ? 59  LYS B O   1 
ATOM   1135 C  CB  . LYS B 1 59 ? -0.185  -2.632  -2.098  1.00 9.89  ? 59  LYS B CB  1 
ATOM   1136 C  CG  . LYS B 1 59 ? -1.540  -2.291  -1.515  1.00 12.29 ? 59  LYS B CG  1 
ATOM   1137 C  CD  . LYS B 1 59 ? -1.959  -3.339  -0.498  1.00 13.27 ? 59  LYS B CD  1 
ATOM   1138 C  CE  . LYS B 1 59 ? -3.344  -3.061  0.035   1.00 14.54 ? 59  LYS B CE  1 
ATOM   1139 N  NZ  . LYS B 1 59 ? -3.755  -4.102  1.007   1.00 15.61 ? 59  LYS B NZ  1 
ATOM   1140 N  N   . GLN B 1 60 ? 1.929   -2.964  -4.446  1.00 8.03  ? 60  GLN B N   1 
ATOM   1141 C  CA  . GLN B 1 60 ? 3.287   -3.284  -4.862  1.00 9.21  ? 60  GLN B CA  1 
ATOM   1142 C  C   . GLN B 1 60 ? 3.866   -2.174  -5.733  1.00 8.78  ? 60  GLN B C   1 
ATOM   1143 O  O   . GLN B 1 60 ? 5.021   -1.781  -5.564  1.00 9.00  ? 60  GLN B O   1 
ATOM   1144 C  CB  . GLN B 1 60 ? 3.302   -4.610  -5.623  1.00 9.41  ? 60  GLN B CB  1 
ATOM   1145 C  CG  . GLN B 1 60 ? 3.066   -5.820  -4.735  1.00 12.63 ? 60  GLN B CG  1 
ATOM   1146 C  CD  . GLN B 1 60 ? 3.040   -7.117  -5.510  1.00 15.01 ? 60  GLN B CD  1 
ATOM   1147 O  OE1 . GLN B 1 60 ? 3.943   -7.398  -6.296  1.00 19.23 ? 60  GLN B OE1 1 
ATOM   1148 N  NE2 . GLN B 1 60 ? 2.006   -7.922  -5.287  1.00 17.32 ? 60  GLN B NE2 1 
ATOM   1149 N  N   . LEU B 1 61 ? 3.066   -1.678  -6.674  1.00 9.09  ? 61  LEU B N   1 
ATOM   1150 C  CA  . LEU B 1 61 ? 3.521   -0.608  -7.553  1.00 8.68  ? 61  LEU B CA  1 
ATOM   1151 C  C   . LEU B 1 61 ? 3.796   0.656   -6.745  1.00 9.79  ? 61  LEU B C   1 
ATOM   1152 O  O   . LEU B 1 61 ? 4.812   1.324   -6.951  1.00 9.56  ? 61  LEU B O   1 
ATOM   1153 C  CB  . LEU B 1 61 ? 2.472   -0.328  -8.637  1.00 9.29  ? 61  LEU B CB  1 
ATOM   1154 C  CG  . LEU B 1 61 ? 2.429   -1.369  -9.760  1.00 8.19  ? 61  LEU B CG  1 
ATOM   1155 C  CD1 . LEU B 1 61 ? 1.172   -1.180  -10.603 1.00 9.26  ? 61  LEU B CD1 1 
ATOM   1156 C  CD2 . LEU B 1 61 ? 3.680   -1.236  -10.619 1.00 10.18 ? 61  LEU B CD2 1 
ATOM   1157 N  N   . PHE B 1 62 ? 2.899   0.978   -5.821  1.00 8.85  ? 62  PHE B N   1 
ATOM   1158 C  CA  . PHE B 1 62 ? 3.077   2.165   -4.984  1.00 8.92  ? 62  PHE B CA  1 
ATOM   1159 C  C   . PHE B 1 62 ? 4.377   2.093   -4.191  1.00 9.29  ? 62  PHE B C   1 
ATOM   1160 O  O   . PHE B 1 62 ? 5.157   3.047   -4.168  1.00 9.78  ? 62  PHE B O   1 
ATOM   1161 C  CB  . PHE B 1 62 ? 1.901   2.323   -4.006  1.00 7.98  ? 62  PHE B CB  1 
ATOM   1162 C  CG  . PHE B 1 62 ? 0.645   2.900   -4.626  1.00 9.28  ? 62  PHE B CG  1 
ATOM   1163 C  CD1 . PHE B 1 62 ? 0.490   2.974   -6.007  1.00 9.82  ? 62  PHE B CD1 1 
ATOM   1164 C  CD2 . PHE B 1 62 ? -0.397  3.346   -3.815  1.00 8.48  ? 62  PHE B CD2 1 
ATOM   1165 C  CE1 . PHE B 1 62 ? -0.685  3.482   -6.571  1.00 10.96 ? 62  PHE B CE1 1 
ATOM   1166 C  CE2 . PHE B 1 62 ? -1.573  3.853   -4.370  1.00 11.67 ? 62  PHE B CE2 1 
ATOM   1167 C  CZ  . PHE B 1 62 ? -1.715  3.922   -5.754  1.00 11.73 ? 62  PHE B CZ  1 
ATOM   1168 N  N   . ARG B 1 63 ? 4.620   0.962   -3.535  1.00 9.47  ? 63  ARG B N   1 
ATOM   1169 C  CA  . ARG B 1 63 ? 5.839   0.831   -2.740  1.00 11.63 ? 63  ARG B CA  1 
ATOM   1170 C  C   . ARG B 1 63 ? 7.097   0.911   -3.598  1.00 10.69 ? 63  ARG B C   1 
ATOM   1171 O  O   . ARG B 1 63 ? 8.067   1.566   -3.230  1.00 11.65 ? 63  ARG B O   1 
ATOM   1172 C  CB  . ARG B 1 63 ? 5.831   -0.483  -1.951  1.00 13.77 ? 63  ARG B CB  1 
ATOM   1173 C  CG  . ARG B 1 63 ? 7.067   -0.686  -1.110  1.00 21.36 ? 63  ARG B CG  1 
ATOM   1174 C  CD  . ARG B 1 63 ? 7.130   -2.091  -0.526  1.00 25.81 ? 63  ARG B CD  1 
ATOM   1175 N  NE  . ARG B 1 63 ? 8.488   -2.455  -0.132  1.00 30.45 ? 63  ARG B NE  1 
ATOM   1176 C  CZ  . ARG B 1 63 ? 9.343   -3.096  -0.925  1.00 31.43 ? 63  ARG B CZ  1 
ATOM   1177 N  NH1 . ARG B 1 63 ? 8.982   -3.446  -2.154  1.00 33.19 ? 63  ARG B NH1 1 
ATOM   1178 N  NH2 . ARG B 1 63 ? 10.563  -3.385  -0.497  1.00 34.72 ? 63  ARG B NH2 1 
ATOM   1179 N  N   . ALA B 1 64 ? 7.070   0.257   -4.752  1.00 9.52  ? 64  ALA B N   1 
ATOM   1180 C  CA  . ALA B 1 64 ? 8.220   0.275   -5.648  1.00 9.99  ? 64  ALA B CA  1 
ATOM   1181 C  C   . ALA B 1 64 ? 8.523   1.702   -6.110  1.00 9.99  ? 64  ALA B C   1 
ATOM   1182 O  O   . ALA B 1 64 ? 9.686   2.118   -6.155  1.00 11.73 ? 64  ALA B O   1 
ATOM   1183 C  CB  . ALA B 1 64 ? 7.970   -0.634  -6.862  1.00 10.68 ? 64  ALA B CB  1 
ATOM   1184 N  N   . TYR B 1 65 ? 7.481   2.460   -6.440  1.00 10.19 ? 65  TYR B N   1 
ATOM   1185 C  CA  . TYR B 1 65 ? 7.678   3.831   -6.896  1.00 9.17  ? 65  TYR B CA  1 
ATOM   1186 C  C   . TYR B 1 65 ? 8.201   4.726   -5.772  1.00 10.63 ? 65  TYR B C   1 
ATOM   1187 O  O   . TYR B 1 65 ? 9.037   5.603   -5.998  1.00 11.75 ? 65  TYR B O   1 
ATOM   1188 C  CB  . TYR B 1 65 ? 6.367   4.420   -7.432  1.00 9.59  ? 65  TYR B CB  1 
ATOM   1189 C  CG  . TYR B 1 65 ? 6.568   5.767   -8.083  1.00 9.06  ? 65  TYR B CG  1 
ATOM   1190 C  CD1 . TYR B 1 65 ? 7.136   5.866   -9.352  1.00 10.08 ? 65  TYR B CD1 1 
ATOM   1191 C  CD2 . TYR B 1 65 ? 6.264   6.947   -7.402  1.00 9.86  ? 65  TYR B CD2 1 
ATOM   1192 C  CE1 . TYR B 1 65 ? 7.403   7.107   -9.928  1.00 10.30 ? 65  TYR B CE1 1 
ATOM   1193 C  CE2 . TYR B 1 65 ? 6.529   8.195   -7.970  1.00 10.10 ? 65  TYR B CE2 1 
ATOM   1194 C  CZ  . TYR B 1 65 ? 7.101   8.262   -9.231  1.00 11.97 ? 65  TYR B CZ  1 
ATOM   1195 O  OH  . TYR B 1 65 ? 7.392   9.484   -9.785  1.00 13.53 ? 65  TYR B OH  1 
ATOM   1196 N  N   . GLU B 1 66 ? 7.709   4.490   -4.563  1.00 10.86 ? 66  GLU B N   1 
ATOM   1197 C  CA  . GLU B 1 66 ? 8.099   5.288   -3.405  1.00 11.54 ? 66  GLU B CA  1 
ATOM   1198 C  C   . GLU B 1 66 ? 9.496   4.988   -2.881  1.00 14.68 ? 66  GLU B C   1 
ATOM   1199 O  O   . GLU B 1 66 ? 10.035  5.738   -2.068  1.00 15.03 ? 66  GLU B O   1 
ATOM   1200 C  CB  . GLU B 1 66 ? 7.064   5.099   -2.296  1.00 11.61 ? 66  GLU B CB  1 
ATOM   1201 C  CG  . GLU B 1 66 ? 5.728   5.752   -2.622  1.00 11.43 ? 66  GLU B CG  1 
ATOM   1202 C  CD  . GLU B 1 66 ? 4.596   5.223   -1.774  1.00 13.05 ? 66  GLU B CD  1 
ATOM   1203 O  OE1 . GLU B 1 66 ? 4.870   4.654   -0.696  1.00 15.59 ? 66  GLU B OE1 1 
ATOM   1204 O  OE2 . GLU B 1 66 ? 3.428   5.384   -2.184  1.00 13.25 ? 66  GLU B OE2 1 
ATOM   1205 N  N   . GLN B 1 67 ? 10.080  3.895   -3.354  1.00 17.12 ? 67  GLN B N   1 
ATOM   1206 C  CA  . GLN B 1 67 ? 11.414  3.501   -2.932  1.00 22.55 ? 67  GLN B CA  1 
ATOM   1207 C  C   . GLN B 1 67 ? 12.430  4.562   -3.359  1.00 24.90 ? 67  GLN B C   1 
ATOM   1208 O  O   . GLN B 1 67 ? 13.374  4.862   -2.625  1.00 25.66 ? 67  GLN B O   1 
ATOM   1209 C  CB  . GLN B 1 67 ? 11.755  2.140   -3.551  1.00 26.06 ? 67  GLN B CB  1 
ATOM   1210 C  CG  . GLN B 1 67 ? 13.051  1.505   -3.084  1.00 31.84 ? 67  GLN B CG  1 
ATOM   1211 C  CD  . GLN B 1 67 ? 13.188  0.067   -3.564  1.00 34.35 ? 67  GLN B CD  1 
ATOM   1212 O  OE1 . GLN B 1 67 ? 14.207  -0.585  -3.331  1.00 37.82 ? 67  GLN B OE1 1 
ATOM   1213 N  NE2 . GLN B 1 67 ? 12.154  -0.434  -4.237  1.00 34.99 ? 67  GLN B NE2 1 
ATOM   1214 N  N   . GLU B 1 68 ? 12.216  5.149   -4.533  1.00 26.24 ? 68  GLU B N   1 
ATOM   1215 C  CA  . GLU B 1 68 ? 13.121  6.168   -5.059  1.00 30.77 ? 68  GLU B CA  1 
ATOM   1216 C  C   . GLU B 1 68 ? 12.563  7.589   -4.990  1.00 31.11 ? 68  GLU B C   1 
ATOM   1217 O  O   . GLU B 1 68 ? 13.317  8.559   -5.076  1.00 32.78 ? 68  GLU B O   1 
ATOM   1218 C  CB  . GLU B 1 68 ? 13.494  5.846   -6.510  1.00 32.53 ? 68  GLU B CB  1 
ATOM   1219 C  CG  . GLU B 1 68 ? 14.095  4.462   -6.704  1.00 36.76 ? 68  GLU B CG  1 
ATOM   1220 C  CD  . GLU B 1 68 ? 13.072  3.435   -7.152  1.00 39.83 ? 68  GLU B CD  1 
ATOM   1221 O  OE1 . GLU B 1 68 ? 11.947  3.432   -6.608  1.00 40.88 ? 68  GLU B OE1 1 
ATOM   1222 O  OE2 . GLU B 1 68 ? 13.398  2.623   -8.047  1.00 41.24 ? 68  GLU B OE2 1 
ATOM   1223 N  N   . ASN B 1 69 ? 11.249  7.712   -4.833  1.00 31.22 ? 69  ASN B N   1 
ATOM   1224 C  CA  . ASN B 1 69 ? 10.609  9.021   -4.766  1.00 31.23 ? 69  ASN B CA  1 
ATOM   1225 C  C   . ASN B 1 69 ? 9.987   9.277   -3.391  1.00 31.43 ? 69  ASN B C   1 
ATOM   1226 O  O   . ASN B 1 69 ? 9.264   8.434   -2.862  1.00 31.42 ? 69  ASN B O   1 
ATOM   1227 C  CB  . ASN B 1 69 ? 9.540   9.119   -5.859  1.00 30.50 ? 69  ASN B CB  1 
ATOM   1228 C  CG  . ASN B 1 69 ? 10.116  8.927   -7.253  1.00 31.88 ? 69  ASN B CG  1 
ATOM   1229 O  OD1 . ASN B 1 69 ? 10.711  9.842   -7.823  1.00 31.08 ? 69  ASN B OD1 1 
ATOM   1230 N  ND2 . ASN B 1 69 ? 9.954   7.724   -7.804  1.00 28.81 ? 69  ASN B ND2 1 
ATOM   1231 N  N   . ASP B 1 70 ? 10.274  10.445  -2.821  1.00 31.19 ? 70  ASP B N   1 
ATOM   1232 C  CA  . ASP B 1 70 ? 9.750   10.822  -1.509  1.00 29.18 ? 70  ASP B CA  1 
ATOM   1233 C  C   . ASP B 1 70 ? 8.304   11.313  -1.590  1.00 26.61 ? 70  ASP B C   1 
ATOM   1234 O  O   . ASP B 1 70 ? 8.014   12.490  -1.368  1.00 27.51 ? 70  ASP B O   1 
ATOM   1235 C  CB  . ASP B 1 70 ? 10.629  11.907  -0.883  1.00 33.33 ? 70  ASP B CB  1 
ATOM   1236 C  CG  . ASP B 1 70 ? 10.054  12.452  0.410   1.00 35.60 ? 70  ASP B CG  1 
ATOM   1237 O  OD1 . ASP B 1 70 ? 9.781   11.649  1.327   1.00 37.28 ? 70  ASP B OD1 1 
ATOM   1238 O  OD2 . ASP B 1 70 ? 9.874   13.685  0.505   1.00 38.72 ? 70  ASP B OD2 1 
ATOM   1239 N  N   . VAL B 1 71 ? 7.401   10.395  -1.903  1.00 19.93 ? 71  VAL B N   1 
ATOM   1240 C  CA  . VAL B 1 71 ? 5.988   10.721  -2.024  1.00 16.58 ? 71  VAL B CA  1 
ATOM   1241 C  C   . VAL B 1 71 ? 5.160   9.587   -1.440  1.00 13.82 ? 71  VAL B C   1 
ATOM   1242 O  O   . VAL B 1 71 ? 5.689   8.532   -1.084  1.00 13.37 ? 71  VAL B O   1 
ATOM   1243 C  CB  . VAL B 1 71 ? 5.573   10.878  -3.509  1.00 14.93 ? 71  VAL B CB  1 
ATOM   1244 C  CG1 . VAL B 1 71 ? 6.441   11.926  -4.190  1.00 16.09 ? 71  VAL B CG1 1 
ATOM   1245 C  CG2 . VAL B 1 71 ? 5.699   9.537   -4.228  1.00 15.81 ? 71  VAL B CG2 1 
ATOM   1246 N  N   . SER B 1 72 ? 3.859   9.826   -1.327  1.00 13.04 ? 72  SER B N   1 
ATOM   1247 C  CA  . SER B 1 72 ? 2.937   8.808   -0.849  1.00 10.96 ? 72  SER B CA  1 
ATOM   1248 C  C   . SER B 1 72 ? 1.815   8.749   -1.868  1.00 9.62  ? 72  SER B C   1 
ATOM   1249 O  O   . SER B 1 72 ? 0.954   9.631   -1.915  1.00 9.98  ? 72  SER B O   1 
ATOM   1250 C  CB  . SER B 1 72 ? 2.352   9.158   0.517   1.00 11.63 ? 72  SER B CB  1 
ATOM   1251 O  OG  . SER B 1 72 ? 1.289   8.265   0.826   1.00 11.57 ? 72  SER B OG  1 
ATOM   1252 N  N   . CYS B 1 73 ? 1.832   7.721   -2.707  1.00 9.57  ? 73  CYS B N   1 
ATOM   1253 C  CA  . CYS B 1 73 ? 0.790   7.580   -3.707  1.00 9.03  ? 73  CYS B CA  1 
ATOM   1254 C  C   . CYS B 1 73 ? -0.555  7.415   -3.004  1.00 10.18 ? 73  CYS B C   1 
ATOM   1255 O  O   . CYS B 1 73 ? -1.544  8.039   -3.388  1.00 9.48  ? 73  CYS B O   1 
ATOM   1256 C  CB  . CYS B 1 73 ? 1.073   6.368   -4.598  1.00 9.30  ? 73  CYS B CB  1 
ATOM   1257 S  SG  . CYS B 1 73 ? 2.633   6.488   -5.537  1.00 10.86 ? 73  CYS B SG  1 
ATOM   1258 N  N   . TYR B 1 74 ? -0.582  6.596   -1.958  1.00 10.00 ? 74  TYR B N   1 
ATOM   1259 C  CA  . TYR B 1 74 ? -1.822  6.359   -1.227  1.00 9.94  ? 74  TYR B CA  1 
ATOM   1260 C  C   . TYR B 1 74 ? -2.430  7.624   -0.624  1.00 9.62  ? 74  TYR B C   1 
ATOM   1261 O  O   . TYR B 1 74 ? -3.611  7.902   -0.824  1.00 9.41  ? 74  TYR B O   1 
ATOM   1262 C  CB  . TYR B 1 74 ? -1.605  5.330   -0.112  1.00 9.69  ? 74  TYR B CB  1 
ATOM   1263 C  CG  . TYR B 1 74 ? -2.854  5.066   0.706   1.00 11.00 ? 74  TYR B CG  1 
ATOM   1264 C  CD1 . TYR B 1 74 ? -3.948  4.397   0.155   1.00 10.83 ? 74  TYR B CD1 1 
ATOM   1265 C  CD2 . TYR B 1 74 ? -2.954  5.520   2.019   1.00 11.29 ? 74  TYR B CD2 1 
ATOM   1266 C  CE1 . TYR B 1 74 ? -5.113  4.191   0.897   1.00 11.60 ? 74  TYR B CE1 1 
ATOM   1267 C  CE2 . TYR B 1 74 ? -4.109  5.321   2.765   1.00 11.88 ? 74  TYR B CE2 1 
ATOM   1268 C  CZ  . TYR B 1 74 ? -5.183  4.658   2.200   1.00 13.07 ? 74  TYR B CZ  1 
ATOM   1269 O  OH  . TYR B 1 74 ? -6.330  4.480   2.943   1.00 14.25 ? 74  TYR B OH  1 
ATOM   1270 N  N   . GLN B 1 75 ? -1.638  8.390   0.120   1.00 10.42 ? 75  GLN B N   1 
ATOM   1271 C  CA  . GLN B 1 75 ? -2.173  9.600   0.738   1.00 11.23 ? 75  GLN B CA  1 
ATOM   1272 C  C   . GLN B 1 75 ? -2.601  10.645  -0.291  1.00 11.12 ? 75  GLN B C   1 
ATOM   1273 O  O   . GLN B 1 75 ? -3.558  11.383  -0.065  1.00 11.83 ? 75  GLN B O   1 
ATOM   1274 C  CB  . GLN B 1 75 ? -1.159  10.217  1.704   1.00 13.31 ? 75  GLN B CB  1 
ATOM   1275 C  CG  . GLN B 1 75 ? -0.839  9.378   2.942   1.00 14.85 ? 75  GLN B CG  1 
ATOM   1276 C  CD  . GLN B 1 75 ? -2.068  8.967   3.751   1.00 16.73 ? 75  GLN B CD  1 
ATOM   1277 O  OE1 . GLN B 1 75 ? -3.088  9.663   3.777   1.00 17.68 ? 75  GLN B OE1 1 
ATOM   1278 N  NE2 . GLN B 1 75 ? -1.965  7.832   4.436   1.00 17.41 ? 75  GLN B NE2 1 
ATOM   1279 N  N   . THR B 1 76 ? -1.900  10.704  -1.418  1.00 10.85 ? 76  THR B N   1 
ATOM   1280 C  CA  . THR B 1 76 ? -2.232  11.673  -2.459  1.00 10.59 ? 76  THR B CA  1 
ATOM   1281 C  C   . THR B 1 76 ? -3.599  11.352  -3.058  1.00 11.43 ? 76  THR B C   1 
ATOM   1282 O  O   . THR B 1 76 ? -4.452  12.228  -3.201  1.00 10.86 ? 76  THR B O   1 
ATOM   1283 C  CB  . THR B 1 76 ? -1.168  11.676  -3.581  1.00 10.27 ? 76  THR B CB  1 
ATOM   1284 O  OG1 . THR B 1 76 ? 0.110   12.002  -3.024  1.00 11.31 ? 76  THR B OG1 1 
ATOM   1285 C  CG2 . THR B 1 76 ? -1.513  12.709  -4.644  1.00 10.58 ? 76  THR B CG2 1 
ATOM   1286 N  N   . ILE B 1 77 ? -3.810  10.086  -3.398  1.00 10.11 ? 77  ILE B N   1 
ATOM   1287 C  CA  . ILE B 1 77 ? -5.081  9.664   -3.972  1.00 9.72  ? 77  ILE B CA  1 
ATOM   1288 C  C   . ILE B 1 77 ? -6.210  9.723   -2.939  1.00 10.93 ? 77  ILE B C   1 
ATOM   1289 O  O   . ILE B 1 77 ? -7.341  10.082  -3.268  1.00 10.37 ? 77  ILE B O   1 
ATOM   1290 C  CB  . ILE B 1 77 ? -4.972  8.239   -4.562  1.00 10.13 ? 77  ILE B CB  1 
ATOM   1291 C  CG1 . ILE B 1 77 ? -4.014  8.249   -5.757  1.00 10.40 ? 77  ILE B CG1 1 
ATOM   1292 C  CG2 . ILE B 1 77 ? -6.344  7.748   -5.011  1.00 10.53 ? 77  ILE B CG2 1 
ATOM   1293 C  CD1 . ILE B 1 77 ? -4.433  9.210   -6.873  1.00 12.05 ? 77  ILE B CD1 1 
ATOM   1294 N  N   . LYS B 1 78 ? -5.906  9.385   -1.688  1.00 10.89 ? 78  LYS B N   1 
ATOM   1295 C  CA  . LYS B 1 78 ? -6.925  9.428   -0.636  1.00 12.11 ? 78  LYS B CA  1 
ATOM   1296 C  C   . LYS B 1 78 ? -7.457  10.852  -0.493  1.00 12.25 ? 78  LYS B C   1 
ATOM   1297 O  O   . LYS B 1 78 ? -8.663  11.073  -0.356  1.00 13.03 ? 78  LYS B O   1 
ATOM   1298 C  CB  . LYS B 1 78 ? -6.331  8.963   0.698   1.00 13.46 ? 78  LYS B CB  1 
ATOM   1299 C  CG  . LYS B 1 78 ? -7.321  8.958   1.866   1.00 13.96 ? 78  LYS B CG  1 
ATOM   1300 C  CD  . LYS B 1 78 ? -6.636  8.529   3.157   1.00 16.68 ? 78  LYS B CD  1 
ATOM   1301 C  CE  . LYS B 1 78 ? -7.585  8.578   4.353   1.00 19.13 ? 78  LYS B CE  1 
ATOM   1302 N  NZ  . LYS B 1 78 ? -8.728  7.628   4.229   1.00 21.29 ? 78  LYS B NZ  1 
ATOM   1303 N  N   . LYS B 1 79 ? -6.546  11.819  -0.528  1.00 13.41 ? 79  LYS B N   1 
ATOM   1304 C  CA  . LYS B 1 79 ? -6.916  13.221  -0.407  1.00 14.89 ? 79  LYS B CA  1 
ATOM   1305 C  C   . LYS B 1 79 ? -7.803  13.651  -1.577  1.00 14.06 ? 79  LYS B C   1 
ATOM   1306 O  O   . LYS B 1 79 ? -8.838  14.289  -1.382  1.00 14.17 ? 79  LYS B O   1 
ATOM   1307 C  CB  . LYS B 1 79 ? -5.652  14.084  -0.350  1.00 16.67 ? 79  LYS B CB  1 
ATOM   1308 C  CG  . LYS B 1 79 ? -5.916  15.581  -0.315  1.00 22.09 ? 79  LYS B CG  1 
ATOM   1309 C  CD  . LYS B 1 79 ? -4.648  16.369  -0.005  1.00 24.72 ? 79  LYS B CD  1 
ATOM   1310 C  CE  . LYS B 1 79 ? -4.142  16.068  1.399   1.00 28.89 ? 79  LYS B CE  1 
ATOM   1311 N  NZ  . LYS B 1 79 ? -2.965  16.902  1.771   1.00 32.10 ? 79  LYS B NZ  1 
ATOM   1312 N  N   . ALA B 1 80 ? -7.395  13.289  -2.790  1.00 12.20 ? 80  ALA B N   1 
ATOM   1313 C  CA  . ALA B 1 80 ? -8.153  13.633  -3.989  1.00 13.20 ? 80  ALA B CA  1 
ATOM   1314 C  C   . ALA B 1 80 ? -9.551  13.012  -3.970  1.00 13.04 ? 80  ALA B C   1 
ATOM   1315 O  O   . ALA B 1 80 ? -10.525 13.633  -4.397  1.00 13.49 ? 80  ALA B O   1 
ATOM   1316 C  CB  . ALA B 1 80 ? -7.397  13.166  -5.229  1.00 13.28 ? 80  ALA B CB  1 
ATOM   1317 N  N   . ARG B 1 81 ? -9.646  11.783  -3.480  1.00 12.14 ? 81  ARG B N   1 
ATOM   1318 C  CA  . ARG B 1 81 ? -10.932 11.092  -3.428  1.00 11.48 ? 81  ARG B CA  1 
ATOM   1319 C  C   . ARG B 1 81 ? -11.892 11.672  -2.395  1.00 12.90 ? 81  ARG B C   1 
ATOM   1320 O  O   . ARG B 1 81 ? -13.080 11.838  -2.670  1.00 14.57 ? 81  ARG B O   1 
ATOM   1321 C  CB  . ARG B 1 81 ? -10.729 9.600   -3.123  1.00 11.41 ? 81  ARG B CB  1 
ATOM   1322 C  CG  . ARG B 1 81 ? -10.151 8.785   -4.276  1.00 11.09 ? 81  ARG B CG  1 
ATOM   1323 C  CD  . ARG B 1 81 ? -9.880  7.335   -3.862  1.00 13.95 ? 81  ARG B CD  1 
ATOM   1324 N  NE  . ARG B 1 81 ? -11.104 6.585   -3.576  1.00 16.14 ? 81  ARG B NE  1 
ATOM   1325 C  CZ  . ARG B 1 81 ? -11.124 5.323   -3.155  1.00 18.58 ? 81  ARG B CZ  1 
ATOM   1326 N  NH1 . ARG B 1 81 ? -9.985  4.668   -2.970  1.00 19.17 ? 81  ARG B NH1 1 
ATOM   1327 N  NH2 . ARG B 1 81 ? -12.280 4.714   -2.919  1.00 19.47 ? 81  ARG B NH2 1 
ATOM   1328 N  N   . GLU B 1 82 ? -11.369 11.991  -1.214  1.00 15.01 ? 82  GLU B N   1 
ATOM   1329 C  CA  . GLU B 1 82 ? -12.199 12.486  -0.118  1.00 16.82 ? 82  GLU B CA  1 
ATOM   1330 C  C   . GLU B 1 82 ? -12.415 13.994  0.008   1.00 19.51 ? 82  GLU B C   1 
ATOM   1331 O  O   . GLU B 1 82 ? -13.452 14.429  0.516   1.00 19.77 ? 82  GLU B O   1 
ATOM   1332 C  CB  . GLU B 1 82 ? -11.647 11.953  1.206   1.00 19.05 ? 82  GLU B CB  1 
ATOM   1333 C  CG  . GLU B 1 82 ? -11.374 10.455  1.198   1.00 20.18 ? 82  GLU B CG  1 
ATOM   1334 C  CD  . GLU B 1 82 ? -10.811 9.948   2.512   1.00 21.47 ? 82  GLU B CD  1 
ATOM   1335 O  OE1 . GLU B 1 82 ? -10.193 10.746  3.248   1.00 22.92 ? 82  GLU B OE1 1 
ATOM   1336 O  OE2 . GLU B 1 82 ? -10.974 8.744   2.801   1.00 21.98 ? 82  GLU B OE2 1 
ATOM   1337 N  N   . GLU B 1 83 ? -11.454 14.793  -0.440  1.00 20.58 ? 83  GLU B N   1 
ATOM   1338 C  CA  . GLU B 1 83 ? -11.587 16.241  -0.328  1.00 24.02 ? 83  GLU B CA  1 
ATOM   1339 C  C   . GLU B 1 83 ? -12.099 16.873  -1.615  1.00 26.09 ? 83  GLU B C   1 
ATOM   1340 O  O   . GLU B 1 83 ? -11.777 16.422  -2.712  1.00 26.04 ? 83  GLU B O   1 
ATOM   1341 C  CB  . GLU B 1 83 ? -10.245 16.856  0.072   1.00 25.38 ? 83  GLU B CB  1 
ATOM   1342 C  CG  . GLU B 1 83 ? -9.631  16.198  1.298   1.00 28.87 ? 83  GLU B CG  1 
ATOM   1343 C  CD  . GLU B 1 83 ? -8.524  17.022  1.922   1.00 31.66 ? 83  GLU B CD  1 
ATOM   1344 O  OE1 . GLU B 1 83 ? -7.597  17.428  1.193   1.00 33.28 ? 83  GLU B OE1 1 
ATOM   1345 O  OE2 . GLU B 1 83 ? -8.580  17.257  3.148   1.00 34.15 ? 83  GLU B OE2 1 
HETATM 1346 N  N   . MSE B 1 84 ? -12.899 17.924  -1.478  1.00 28.93 ? 84  MSE B N   1 
HETATM 1347 C  CA  . MSE B 1 84 ? -13.458 18.581  -2.648  1.00 32.76 ? 84  MSE B CA  1 
HETATM 1348 C  C   . MSE B 1 84 ? -12.602 19.702  -3.224  1.00 31.95 ? 84  MSE B C   1 
HETATM 1349 O  O   . MSE B 1 84 ? -13.009 20.369  -4.175  1.00 31.89 ? 84  MSE B O   1 
HETATM 1350 C  CB  . MSE B 1 84 ? -14.863 19.094  -2.331  1.00 39.31 ? 84  MSE B CB  1 
HETATM 1351 C  CG  . MSE B 1 84 ? -15.844 17.970  -2.053  1.00 47.05 ? 84  MSE B CG  1 
HETATM 1352 SE SE  . MSE B 1 84 ? -17.665 18.567  -2.000  1.00 61.22 ? 84  MSE B SE  1 
HETATM 1353 C  CE  . MSE B 1 84 ? -18.007 18.615  -3.905  1.00 56.09 ? 84  MSE B CE  1 
ATOM   1354 N  N   . GLU B 1 85 ? -11.415 19.898  -2.657  1.00 31.29 ? 85  GLU B N   1 
ATOM   1355 C  CA  . GLU B 1 85 ? -10.500 20.929  -3.138  1.00 31.35 ? 85  GLU B CA  1 
ATOM   1356 C  C   . GLU B 1 85 ? -10.256 20.682  -4.625  1.00 30.11 ? 85  GLU B C   1 
ATOM   1357 O  O   . GLU B 1 85 ? -9.963  19.557  -5.029  1.00 28.86 ? 85  GLU B O   1 
ATOM   1358 C  CB  . GLU B 1 85 ? -9.168  20.852  -2.388  1.00 33.79 ? 85  GLU B CB  1 
ATOM   1359 C  CG  . GLU B 1 85 ? -9.295  20.575  -0.899  1.00 37.88 ? 85  GLU B CG  1 
ATOM   1360 C  CD  . GLU B 1 85 ? -10.144 21.603  -0.180  1.00 40.15 ? 85  GLU B CD  1 
ATOM   1361 O  OE1 . GLU B 1 85 ? -9.798  22.802  -0.228  1.00 42.31 ? 85  GLU B OE1 1 
ATOM   1362 O  OE2 . GLU B 1 85 ? -11.158 21.206  0.436   1.00 42.36 ? 85  GLU B OE2 1 
ATOM   1363 N  N   . GLU B 1 86 ? -10.372 21.731  -5.433  1.00 28.38 ? 86  GLU B N   1 
ATOM   1364 C  CA  . GLU B 1 86 ? -10.179 21.610  -6.876  1.00 28.56 ? 86  GLU B CA  1 
ATOM   1365 C  C   . GLU B 1 86 ? -8.713  21.493  -7.289  1.00 27.01 ? 86  GLU B C   1 
ATOM   1366 O  O   . GLU B 1 86 ? -8.402  20.891  -8.316  1.00 25.59 ? 86  GLU B O   1 
ATOM   1367 C  CB  . GLU B 1 86 ? -10.819 22.803  -7.589  1.00 31.72 ? 86  GLU B CB  1 
ATOM   1368 C  CG  . GLU B 1 86 ? -12.317 22.925  -7.348  1.00 35.99 ? 86  GLU B CG  1 
ATOM   1369 C  CD  . GLU B 1 86 ? -12.926 24.129  -8.041  1.00 38.96 ? 86  GLU B CD  1 
ATOM   1370 O  OE1 . GLU B 1 86 ? -12.911 24.171  -9.290  1.00 40.78 ? 86  GLU B OE1 1 
ATOM   1371 O  OE2 . GLU B 1 86 ? -13.419 25.035  -7.333  1.00 41.36 ? 86  GLU B OE2 1 
ATOM   1372 N  N   . HIS B 1 87 ? -7.820  22.078  -6.498  1.00 25.79 ? 87  HIS B N   1 
ATOM   1373 C  CA  . HIS B 1 87 ? -6.393  22.023  -6.793  1.00 26.25 ? 87  HIS B CA  1 
ATOM   1374 C  C   . HIS B 1 87 ? -5.673  21.257  -5.688  1.00 26.15 ? 87  HIS B C   1 
ATOM   1375 O  O   . HIS B 1 87 ? -5.794  21.591  -4.510  1.00 26.53 ? 87  HIS B O   1 
ATOM   1376 C  CB  . HIS B 1 87 ? -5.826  23.441  -6.924  1.00 27.94 ? 87  HIS B CB  1 
ATOM   1377 C  CG  . HIS B 1 87 ? -4.375  23.483  -7.295  1.00 28.28 ? 87  HIS B CG  1 
ATOM   1378 N  ND1 . HIS B 1 87 ? -3.370  23.627  -6.364  1.00 30.11 ? 87  HIS B ND1 1 
ATOM   1379 C  CD2 . HIS B 1 87 ? -3.762  23.385  -8.499  1.00 29.11 ? 87  HIS B CD2 1 
ATOM   1380 C  CE1 . HIS B 1 87 ? -2.200  23.616  -6.977  1.00 29.29 ? 87  HIS B CE1 1 
ATOM   1381 N  NE2 . HIS B 1 87 ? -2.410  23.470  -8.272  1.00 28.74 ? 87  HIS B NE2 1 
ATOM   1382 N  N   . ILE B 1 88 ? -4.928  20.225  -6.073  1.00 25.36 ? 88  ILE B N   1 
ATOM   1383 C  CA  . ILE B 1 88 ? -4.214  19.405  -5.102  1.00 25.05 ? 88  ILE B CA  1 
ATOM   1384 C  C   . ILE B 1 88 ? -2.714  19.663  -5.067  1.00 25.45 ? 88  ILE B C   1 
ATOM   1385 O  O   . ILE B 1 88 ? -2.038  19.633  -6.096  1.00 23.40 ? 88  ILE B O   1 
ATOM   1386 C  CB  . ILE B 1 88 ? -4.456  17.907  -5.373  1.00 25.16 ? 88  ILE B CB  1 
ATOM   1387 C  CG1 . ILE B 1 88 ? -5.951  17.603  -5.244  1.00 26.41 ? 88  ILE B CG1 1 
ATOM   1388 C  CG2 . ILE B 1 88 ? -3.650  17.057  -4.397  1.00 25.23 ? 88  ILE B CG2 1 
ATOM   1389 C  CD1 . ILE B 1 88 ? -6.334  16.215  -5.674  1.00 27.68 ? 88  ILE B CD1 1 
ATOM   1390 N  N   . GLN B 1 89 ? -2.207  19.911  -3.864  1.00 26.10 ? 89  GLN B N   1 
ATOM   1391 C  CA  . GLN B 1 89 ? -0.793  20.176  -3.640  1.00 27.60 ? 89  GLN B CA  1 
ATOM   1392 C  C   . GLN B 1 89 ? -0.334  19.352  -2.441  1.00 27.70 ? 89  GLN B C   1 
ATOM   1393 O  O   . GLN B 1 89 ? -0.880  19.489  -1.346  1.00 28.69 ? 89  GLN B O   1 
ATOM   1394 C  CB  . GLN B 1 89 ? -0.578  21.663  -3.348  1.00 29.93 ? 89  GLN B CB  1 
ATOM   1395 C  CG  . GLN B 1 89 ? 0.858   22.041  -3.011  1.00 31.98 ? 89  GLN B CG  1 
ATOM   1396 C  CD  . GLN B 1 89 ? 1.748   22.103  -4.235  1.00 33.53 ? 89  GLN B CD  1 
ATOM   1397 O  OE1 . GLN B 1 89 ? 1.512   22.897  -5.144  1.00 35.25 ? 89  GLN B OE1 1 
ATOM   1398 N  NE2 . GLN B 1 89 ? 2.780   21.267  -4.262  1.00 34.34 ? 89  GLN B NE2 1 
HETATM 1399 N  N   . MSE B 1 90 ? 0.662   18.496  -2.646  1.00 26.66 ? 90  MSE B N   1 
HETATM 1400 C  CA  . MSE B 1 90 ? 1.178   17.666  -1.563  1.00 27.66 ? 90  MSE B CA  1 
HETATM 1401 C  C   . MSE B 1 90 ? 2.522   18.200  -1.075  1.00 28.35 ? 90  MSE B C   1 
HETATM 1402 O  O   . MSE B 1 90 ? 3.128   19.012  -1.804  1.00 28.49 ? 90  MSE B O   1 
HETATM 1403 C  CB  . MSE B 1 90 ? 1.349   16.220  -2.038  1.00 26.79 ? 90  MSE B CB  1 
HETATM 1404 C  CG  . MSE B 1 90 ? 0.070   15.546  -2.513  1.00 26.83 ? 90  MSE B CG  1 
HETATM 1405 SE SE  . MSE B 1 90 ? -1.276  15.370  -1.130  1.00 28.87 ? 90  MSE B SE  1 
HETATM 1406 C  CE  . MSE B 1 90 ? -0.454  13.971  -0.080  1.00 26.20 ? 90  MSE B CE  1 
HETATM 1407 MG MG  . MG  C 2 .  ? 0.346   -14.587 -18.747 1.00 23.23 ? 400 MG  B MG  1 
HETATM 1408 O  O   . HOH D 3 .  ? 0.347   2.086   -0.406  1.00 8.99  ? 99  HOH A O   1 
HETATM 1409 O  O   . HOH D 3 .  ? -4.105  4.138   12.927  1.00 9.10  ? 100 HOH A O   1 
HETATM 1410 O  O   . HOH D 3 .  ? -7.629  -16.032 5.572   1.00 12.35 ? 101 HOH A O   1 
HETATM 1411 O  O   . HOH D 3 .  ? -6.811  -0.742  22.162  1.00 11.67 ? 102 HOH A O   1 
HETATM 1412 O  O   . HOH D 3 .  ? -11.500 7.274   19.805  1.00 13.59 ? 103 HOH A O   1 
HETATM 1413 O  O   . HOH D 3 .  ? -7.450  1.863   2.127   1.00 16.78 ? 104 HOH A O   1 
HETATM 1414 O  O   . HOH D 3 .  ? 11.273  -1.798  19.738  1.00 15.89 ? 105 HOH A O   1 
HETATM 1415 O  O   . HOH D 3 .  ? 5.991   -9.080  16.125  1.00 11.71 ? 106 HOH A O   1 
HETATM 1416 O  O   . HOH D 3 .  ? -0.935  5.716   13.575  1.00 12.88 ? 107 HOH A O   1 
HETATM 1417 O  O   . HOH D 3 .  ? -3.100  -10.972 1.876   1.00 13.35 ? 108 HOH A O   1 
HETATM 1418 O  O   . HOH D 3 .  ? 4.759   -6.247  19.127  1.00 15.83 ? 109 HOH A O   1 
HETATM 1419 O  O   . HOH D 3 .  ? 6.872   3.442   12.590  1.00 18.21 ? 110 HOH A O   1 
HETATM 1420 O  O   . HOH D 3 .  ? -9.211  5.172   23.850  1.00 20.08 ? 111 HOH A O   1 
HETATM 1421 O  O   . HOH D 3 .  ? 0.937   -5.894  -1.897  1.00 16.52 ? 112 HOH A O   1 
HETATM 1422 O  O   . HOH D 3 .  ? 2.572   -15.707 19.390  1.00 18.28 ? 113 HOH A O   1 
HETATM 1423 O  O   . HOH D 3 .  ? -3.672  -16.182 4.768   1.00 15.96 ? 114 HOH A O   1 
HETATM 1424 O  O   . HOH D 3 .  ? 8.957   -6.953  -8.874  1.00 21.62 ? 115 HOH A O   1 
HETATM 1425 O  O   . HOH D 3 .  ? 7.843   0.952   12.343  1.00 17.94 ? 116 HOH A O   1 
HETATM 1426 O  O   . HOH D 3 .  ? -10.312 1.716   22.939  1.00 18.95 ? 117 HOH A O   1 
HETATM 1427 O  O   . HOH D 3 .  ? 13.422  -12.543 1.582   1.00 18.62 ? 118 HOH A O   1 
HETATM 1428 O  O   . HOH D 3 .  ? 13.546  -12.648 11.061  1.00 22.14 ? 119 HOH A O   1 
HETATM 1429 O  O   . HOH D 3 .  ? -0.655  -19.711 8.492   1.00 20.68 ? 120 HOH A O   1 
HETATM 1430 O  O   . HOH D 3 .  ? -0.229  5.210   20.911  1.00 20.27 ? 121 HOH A O   1 
HETATM 1431 O  O   . HOH D 3 .  ? 10.309  -12.621 17.849  1.00 18.78 ? 122 HOH A O   1 
HETATM 1432 O  O   . HOH D 3 .  ? 7.275   -11.171 -6.780  1.00 21.16 ? 123 HOH A O   1 
HETATM 1433 O  O   . HOH D 3 .  ? 8.430   0.483   9.801   1.00 20.06 ? 124 HOH A O   1 
HETATM 1434 O  O   . HOH D 3 .  ? -6.450  5.516   13.794  1.00 20.36 ? 125 HOH A O   1 
HETATM 1435 O  O   . HOH D 3 .  ? -2.931  -13.762 2.085   1.00 23.58 ? 126 HOH A O   1 
HETATM 1436 O  O   . HOH D 3 .  ? 11.244  -8.108  -3.752  1.00 24.17 ? 127 HOH A O   1 
HETATM 1437 O  O   . HOH D 3 .  ? 8.208   -17.207 13.772  1.00 23.49 ? 128 HOH A O   1 
HETATM 1438 O  O   . HOH D 3 .  ? 2.572   -13.953 -3.326  1.00 18.75 ? 129 HOH A O   1 
HETATM 1439 O  O   . HOH D 3 .  ? 4.833   5.658   18.589  1.00 28.44 ? 130 HOH A O   1 
HETATM 1440 O  O   . HOH D 3 .  ? -11.991 1.907   12.602  1.00 28.81 ? 131 HOH A O   1 
HETATM 1441 O  O   . HOH D 3 .  ? -4.577  6.409   9.348   1.00 24.50 ? 132 HOH A O   1 
HETATM 1442 O  O   . HOH D 3 .  ? -0.489  3.983   23.578  1.00 24.59 ? 133 HOH A O   1 
HETATM 1443 O  O   . HOH D 3 .  ? 4.418   -8.996  19.587  1.00 21.36 ? 134 HOH A O   1 
HETATM 1444 O  O   . HOH D 3 .  ? 13.591  -10.361 -4.130  1.00 20.85 ? 135 HOH A O   1 
HETATM 1445 O  O   . HOH D 3 .  ? -9.296  5.223   2.847   1.00 20.85 ? 136 HOH A O   1 
HETATM 1446 O  O   . HOH D 3 .  ? 4.482   6.057   1.712   1.00 27.88 ? 137 HOH A O   1 
HETATM 1447 O  O   . HOH D 3 .  ? 17.607  -14.620 0.827   1.00 28.78 ? 138 HOH A O   1 
HETATM 1448 O  O   . HOH D 3 .  ? 5.807   5.551   10.369  1.00 28.22 ? 139 HOH A O   1 
HETATM 1449 O  O   . HOH D 3 .  ? 6.725   1.797   20.307  1.00 25.67 ? 140 HOH A O   1 
HETATM 1450 O  O   . HOH D 3 .  ? -4.724  6.789   15.512  1.00 45.40 ? 141 HOH A O   1 
HETATM 1451 O  O   . HOH D 3 .  ? -15.169 4.507   5.268   1.00 19.59 ? 142 HOH A O   1 
HETATM 1452 O  O   . HOH D 3 .  ? -6.129  -10.012 20.770  1.00 24.08 ? 143 HOH A O   1 
HETATM 1453 O  O   . HOH D 3 .  ? 2.262   8.608   4.268   1.00 25.28 ? 144 HOH A O   1 
HETATM 1454 O  O   . HOH D 3 .  ? -3.330  -18.511 13.179  1.00 26.96 ? 145 HOH A O   1 
HETATM 1455 O  O   . HOH D 3 .  ? 8.885   -0.257  20.366  1.00 29.87 ? 146 HOH A O   1 
HETATM 1456 O  O   . HOH D 3 .  ? -1.984  -20.020 14.989  1.00 27.11 ? 147 HOH A O   1 
HETATM 1457 O  O   . HOH D 3 .  ? -9.220  -2.192  0.888   1.00 23.46 ? 148 HOH A O   1 
HETATM 1458 O  O   . HOH D 3 .  ? 9.287   -2.395  4.455   1.00 38.34 ? 149 HOH A O   1 
HETATM 1459 O  O   . HOH D 3 .  ? 2.538   0.302   22.180  1.00 29.52 ? 150 HOH A O   1 
HETATM 1460 O  O   . HOH D 3 .  ? 5.802   6.468   15.978  1.00 22.00 ? 151 HOH A O   1 
HETATM 1461 O  O   . HOH D 3 .  ? 0.002   8.012   7.433   1.00 28.17 ? 152 HOH A O   1 
HETATM 1462 O  O   . HOH D 3 .  ? -13.676 1.264   10.660  1.00 37.85 ? 153 HOH A O   1 
HETATM 1463 O  O   . HOH D 3 .  ? -4.619  6.837   6.346   1.00 24.58 ? 154 HOH A O   1 
HETATM 1464 O  O   . HOH D 3 .  ? -0.960  -12.790 -1.076  1.00 31.83 ? 155 HOH A O   1 
HETATM 1465 O  O   . HOH D 3 .  ? -8.999  -9.999  19.997  1.00 22.36 ? 156 HOH A O   1 
HETATM 1466 O  O   . HOH D 3 .  ? -8.321  2.792   -0.222  1.00 39.73 ? 157 HOH A O   1 
HETATM 1467 O  O   . HOH D 3 .  ? -10.289 -12.140 20.525  1.00 45.72 ? 158 HOH A O   1 
HETATM 1468 O  O   . HOH D 3 .  ? 15.665  -4.228  9.160   1.00 51.89 ? 159 HOH A O   1 
HETATM 1469 O  O   . HOH D 3 .  ? 3.666   5.923   7.055   1.00 26.38 ? 160 HOH A O   1 
HETATM 1470 O  O   . HOH D 3 .  ? -7.081  -4.214  0.519   1.00 31.97 ? 161 HOH A O   1 
HETATM 1471 O  O   . HOH D 3 .  ? 11.808  1.203   16.098  1.00 58.35 ? 162 HOH A O   1 
HETATM 1472 O  O   . HOH D 3 .  ? 7.682   -22.486 10.966  1.00 45.67 ? 163 HOH A O   1 
HETATM 1473 O  O   . HOH D 3 .  ? -0.559  -19.828 12.092  1.00 42.32 ? 164 HOH A O   1 
HETATM 1474 O  O   . HOH D 3 .  ? 10.912  -22.239 9.600   1.00 49.87 ? 165 HOH A O   1 
HETATM 1475 O  O   . HOH D 3 .  ? 6.833   0.912   24.697  1.00 59.19 ? 166 HOH A O   1 
HETATM 1476 O  O   . HOH D 3 .  ? -6.859  -18.380 15.430  1.00 48.52 ? 167 HOH A O   1 
HETATM 1477 O  O   . HOH D 3 .  ? 1.960   -20.826 12.259  1.00 38.33 ? 168 HOH A O   1 
HETATM 1478 O  O   . HOH D 3 .  ? 17.159  -10.799 8.664   1.00 48.90 ? 169 HOH A O   1 
HETATM 1479 O  O   . HOH D 3 .  ? -11.752 1.129   -4.502  1.00 44.41 ? 170 HOH A O   1 
HETATM 1480 O  O   . HOH E 3 .  ? -2.217  -4.053  3.295   1.00 9.13  ? 401 HOH B O   1 
HETATM 1481 O  O   . HOH E 3 .  ? 1.471   4.672   -0.637  1.00 10.28 ? 402 HOH B O   1 
HETATM 1482 O  O   . HOH E 3 .  ? 2.048   -0.229  -0.618  1.00 10.91 ? 403 HOH B O   1 
HETATM 1483 O  O   . HOH E 3 .  ? 8.019   13.240  -16.057 1.00 12.14 ? 404 HOH B O   1 
HETATM 1484 O  O   . HOH E 3 .  ? -4.359  -6.330  -0.783  1.00 16.72 ? 405 HOH B O   1 
HETATM 1485 O  O   . HOH E 3 .  ? 0.104   12.853  -15.978 1.00 15.26 ? 406 HOH B O   1 
HETATM 1486 O  O   . HOH E 3 .  ? -3.630  7.038   -16.165 1.00 13.10 ? 407 HOH B O   1 
HETATM 1487 O  O   . HOH E 3 .  ? -3.042  -7.210  -23.370 1.00 14.94 ? 408 HOH B O   1 
HETATM 1488 O  O   . HOH E 3 .  ? -4.264  -5.381  -19.240 1.00 15.58 ? 409 HOH B O   1 
HETATM 1489 O  O   . HOH E 3 .  ? -1.543  16.470  -15.893 1.00 25.93 ? 410 HOH B O   1 
HETATM 1490 O  O   . HOH E 3 .  ? -4.276  11.814  2.579   1.00 20.00 ? 411 HOH B O   1 
HETATM 1491 O  O   . HOH E 3 .  ? -5.922  -7.959  -4.320  1.00 21.98 ? 412 HOH B O   1 
HETATM 1492 O  O   . HOH E 3 .  ? -11.587 2.442   -12.535 1.00 19.62 ? 413 HOH B O   1 
HETATM 1493 O  O   . HOH E 3 .  ? -15.941 14.041  -3.066  1.00 17.82 ? 414 HOH B O   1 
HETATM 1494 O  O   . HOH E 3 .  ? -2.491  -5.346  -13.985 1.00 16.95 ? 415 HOH B O   1 
HETATM 1495 O  O   . HOH E 3 .  ? 5.157   14.944  -13.402 1.00 19.28 ? 416 HOH B O   1 
HETATM 1496 O  O   . HOH E 3 .  ? -2.418  -11.743 -20.571 1.00 13.36 ? 417 HOH B O   1 
HETATM 1497 O  O   . HOH E 3 .  ? 3.269   13.066  1.349   1.00 23.63 ? 418 HOH B O   1 
HETATM 1498 O  O   . HOH E 3 .  ? 7.451   16.138  -7.748  1.00 24.40 ? 419 HOH B O   1 
HETATM 1499 O  O   . HOH E 3 .  ? 3.160   12.922  -19.255 1.00 17.46 ? 420 HOH B O   1 
HETATM 1500 O  O   . HOH E 3 .  ? -5.181  -1.079  -24.941 1.00 21.10 ? 421 HOH B O   1 
HETATM 1501 O  O   . HOH E 3 .  ? -4.334  -5.841  -11.255 1.00 22.16 ? 422 HOH B O   1 
HETATM 1502 O  O   . HOH E 3 .  ? -4.062  19.657  -13.645 1.00 24.75 ? 423 HOH B O   1 
HETATM 1503 O  O   . HOH E 3 .  ? -5.073  -5.238  -16.746 1.00 22.57 ? 424 HOH B O   1 
HETATM 1504 O  O   . HOH E 3 .  ? 0.100   -9.863  -16.304 1.00 25.95 ? 425 HOH B O   1 
HETATM 1505 O  O   . HOH E 3 .  ? -9.124  17.383  -3.414  1.00 19.41 ? 426 HOH B O   1 
HETATM 1506 O  O   . HOH E 3 .  ? 3.313   -8.575  -9.153  1.00 36.37 ? 427 HOH B O   1 
HETATM 1507 O  O   . HOH E 3 .  ? -1.204  -15.388 -18.012 1.00 32.35 ? 428 HOH B O   1 
HETATM 1508 O  O   . HOH E 3 .  ? -7.332  18.102  -1.630  1.00 30.88 ? 429 HOH B O   1 
HETATM 1509 O  O   . HOH E 3 .  ? -14.492 7.677   -18.765 1.00 53.18 ? 430 HOH B O   1 
HETATM 1510 O  O   . HOH E 3 .  ? -10.906 -1.658  -11.653 1.00 29.95 ? 431 HOH B O   1 
HETATM 1511 O  O   . HOH E 3 .  ? -14.062 19.120  -6.674  1.00 33.58 ? 432 HOH B O   1 
HETATM 1512 O  O   . HOH E 3 .  ? 1.929   -13.609 -19.455 1.00 21.20 ? 433 HOH B O   1 
HETATM 1513 O  O   . HOH E 3 .  ? -6.042  5.841   -22.631 1.00 39.28 ? 434 HOH B O   1 
HETATM 1514 O  O   . HOH E 3 .  ? 12.351  7.862   -2.253  1.00 46.76 ? 435 HOH B O   1 
HETATM 1515 O  O   . HOH E 3 .  ? -3.348  8.852   -20.101 1.00 25.11 ? 436 HOH B O   1 
HETATM 1516 O  O   . HOH E 3 .  ? -7.049  12.922  -16.212 1.00 28.21 ? 437 HOH B O   1 
HETATM 1517 O  O   . HOH E 3 .  ? 1.899   14.914  -15.012 1.00 24.52 ? 438 HOH B O   1 
HETATM 1518 O  O   . HOH E 3 .  ? -10.692 -3.337  -14.573 1.00 39.74 ? 439 HOH B O   1 
HETATM 1519 O  O   . HOH E 3 .  ? -7.858  0.715   -4.235  1.00 31.11 ? 440 HOH B O   1 
HETATM 1520 O  O   . HOH E 3 .  ? 11.769  15.698  1.542   1.00 53.53 ? 441 HOH B O   1 
HETATM 1521 O  O   . HOH E 3 .  ? -3.290  20.033  1.116   1.00 51.38 ? 442 HOH B O   1 
HETATM 1522 O  O   . HOH E 3 .  ? -12.309 8.191   5.480   1.00 46.58 ? 443 HOH B O   1 
HETATM 1523 O  O   . HOH E 3 .  ? 0.655   -6.876  -16.866 1.00 27.07 ? 444 HOH B O   1 
HETATM 1524 O  O   . HOH E 3 .  ? -1.631  -7.583  -15.074 1.00 24.16 ? 445 HOH B O   1 
HETATM 1525 O  O   . HOH E 3 .  ? -13.680 18.847  1.374   1.00 32.13 ? 446 HOH B O   1 
HETATM 1526 O  O   . HOH E 3 .  ? -7.720  -4.745  -17.034 1.00 34.20 ? 447 HOH B O   1 
HETATM 1527 O  O   . HOH E 3 .  ? -3.932  -10.569 -2.396  1.00 36.83 ? 448 HOH B O   1 
HETATM 1528 O  O   . HOH E 3 .  ? -2.354  -9.500  -7.561  1.00 38.52 ? 449 HOH B O   1 
HETATM 1529 O  O   . HOH E 3 .  ? 2.784   -4.404  -12.164 1.00 32.00 ? 450 HOH B O   1 
HETATM 1530 O  O   . HOH E 3 .  ? -5.028  9.990   6.052   1.00 35.02 ? 451 HOH B O   1 
HETATM 1531 O  O   . HOH E 3 .  ? -9.518  7.353   7.094   1.00 38.98 ? 452 HOH B O   1 
HETATM 1532 O  O   . HOH E 3 .  ? 16.675  0.084   -4.737  1.00 32.91 ? 453 HOH B O   1 
HETATM 1533 O  O   . HOH E 3 .  ? 4.557   -10.152 -5.858  1.00 37.50 ? 454 HOH B O   1 
HETATM 1534 O  O   . HOH E 3 .  ? -0.690  -13.953 -20.314 1.00 28.63 ? 455 HOH B O   1 
HETATM 1535 O  O   . HOH E 3 .  ? 3.222   20.114  1.588   1.00 44.51 ? 456 HOH B O   1 
HETATM 1536 O  O   . HOH E 3 .  ? -6.801  -0.355  -22.861 1.00 31.79 ? 457 HOH B O   1 
HETATM 1537 O  O   . HOH E 3 .  ? 9.625   13.107  -5.897  1.00 32.53 ? 458 HOH B O   1 
HETATM 1538 O  O   . HOH E 3 .  ? 1.347   -15.039 -16.874 1.00 32.09 ? 459 HOH B O   1 
HETATM 1539 O  O   . HOH E 3 .  ? 0.947   -16.276 -19.638 1.00 23.61 ? 460 HOH B O   1 
HETATM 1540 O  O   . HOH E 3 .  ? -0.063  -12.909 -17.676 1.00 27.31 ? 461 HOH B O   1 
# 
